data_6CZV
# 
_entry.id   6CZV 
# 
_audit_conform.dict_name       mmcif_pdbx.dic 
_audit_conform.dict_version    5.387 
_audit_conform.dict_location   http://mmcif.pdb.org/dictionaries/ascii/mmcif_pdbx.dic 
# 
loop_
_database_2.database_id 
_database_2.database_code 
_database_2.pdbx_database_accession 
_database_2.pdbx_DOI 
PDB   6CZV         pdb_00006czv 10.2210/pdb6czv/pdb 
WWPDB D_1000231586 ?            ?                   
# 
loop_
_pdbx_audit_revision_history.ordinal 
_pdbx_audit_revision_history.data_content_type 
_pdbx_audit_revision_history.major_revision 
_pdbx_audit_revision_history.minor_revision 
_pdbx_audit_revision_history.revision_date 
1 'Structure model' 1 0 2018-09-26 
2 'Structure model' 1 1 2018-10-10 
3 'Structure model' 1 2 2024-03-13 
# 
_pdbx_audit_revision_details.ordinal             1 
_pdbx_audit_revision_details.revision_ordinal    1 
_pdbx_audit_revision_details.data_content_type   'Structure model' 
_pdbx_audit_revision_details.provider            repository 
_pdbx_audit_revision_details.type                'Initial release' 
_pdbx_audit_revision_details.description         ? 
_pdbx_audit_revision_details.details             ? 
# 
loop_
_pdbx_audit_revision_group.ordinal 
_pdbx_audit_revision_group.revision_ordinal 
_pdbx_audit_revision_group.data_content_type 
_pdbx_audit_revision_group.group 
1 2 'Structure model' 'Data collection'     
2 2 'Structure model' 'Database references' 
3 3 'Structure model' 'Data collection'     
4 3 'Structure model' 'Database references' 
# 
loop_
_pdbx_audit_revision_category.ordinal 
_pdbx_audit_revision_category.revision_ordinal 
_pdbx_audit_revision_category.data_content_type 
_pdbx_audit_revision_category.category 
1 2 'Structure model' citation        
2 2 'Structure model' citation_author 
3 3 'Structure model' chem_comp_atom  
4 3 'Structure model' chem_comp_bond  
5 3 'Structure model' database_2      
# 
loop_
_pdbx_audit_revision_item.ordinal 
_pdbx_audit_revision_item.revision_ordinal 
_pdbx_audit_revision_item.data_content_type 
_pdbx_audit_revision_item.item 
1 2 'Structure model' '_citation.journal_volume'            
2 2 'Structure model' '_citation.page_first'                
3 2 'Structure model' '_citation.page_last'                 
4 2 'Structure model' '_citation_author.identifier_ORCID'   
5 3 'Structure model' '_database_2.pdbx_DOI'                
6 3 'Structure model' '_database_2.pdbx_database_accession' 
# 
_pdbx_database_status.status_code                     REL 
_pdbx_database_status.status_code_sf                  REL 
_pdbx_database_status.status_code_mr                  ? 
_pdbx_database_status.entry_id                        6CZV 
_pdbx_database_status.recvd_initial_deposition_date   2018-04-09 
_pdbx_database_status.SG_entry                        N 
_pdbx_database_status.deposit_site                    RCSB 
_pdbx_database_status.process_site                    RCSB 
_pdbx_database_status.status_code_cs                  ? 
_pdbx_database_status.methods_development_category    ? 
_pdbx_database_status.pdb_format_compatible           Y 
_pdbx_database_status.status_code_nmr_data            ? 
# 
loop_
_audit_author.name 
_audit_author.pdbx_ordinal 
_audit_author.identifier_ORCID 
'Lakshminarasimhan, D.' 1 ? 
'White, A.'             2 ? 
'Suto, R.K.'            3 ? 
# 
_citation.abstract                  ? 
_citation.abstract_id_CAS           ? 
_citation.book_id_ISBN              ? 
_citation.book_publisher            ? 
_citation.book_publisher_city       ? 
_citation.book_title                ? 
_citation.coordinate_linkage        ? 
_citation.country                   US 
_citation.database_id_Medline       ? 
_citation.details                   ? 
_citation.id                        primary 
_citation.journal_abbrev            'J. Med. Chem.' 
_citation.journal_id_ASTM           JMCMAR 
_citation.journal_id_CSD            0151 
_citation.journal_id_ISSN           1520-4804 
_citation.journal_full              ? 
_citation.journal_issue             ? 
_citation.journal_volume            61 
_citation.language                  ? 
_citation.page_first                8202 
_citation.page_last                 8211 
_citation.title                     
'Design and Characterization of Novel Covalent Bromodomain and Extra-Terminal Domain (BET) Inhibitors Targeting a Methionine.' 
_citation.year                      2018 
_citation.database_id_CSD           ? 
_citation.pdbx_database_id_DOI      10.1021/acs.jmedchem.8b00666 
_citation.pdbx_database_id_PubMed   30165024 
_citation.unpublished_flag          ? 
# 
loop_
_citation_author.citation_id 
_citation_author.name 
_citation_author.ordinal 
_citation_author.identifier_ORCID 
primary 'Kharenko, O.A.'        1  ? 
primary 'Patel, R.G.'           2  ? 
primary 'Brown, S.D.'           3  ? 
primary 'Calosing, C.'          4  ? 
primary 'White, A.'             5  ? 
primary 'Lakshminarasimhan, D.' 6  ? 
primary 'Suto, R.K.'            7  ? 
primary 'Duffy, B.C.'           8  ? 
primary 'Kitchen, D.B.'         9  ? 
primary 'McLure, K.G.'          10 ? 
primary 'Hansen, H.C.'          11 ? 
primary 'van der Horst, E.H.'   12 ? 
primary 'Young, P.R.'           13 ? 
# 
loop_
_entity.id 
_entity.type 
_entity.src_method 
_entity.pdbx_description 
_entity.formula_weight 
_entity.pdbx_number_of_molecules 
_entity.pdbx_ec 
_entity.pdbx_mutation 
_entity.pdbx_fragment 
_entity.details 
1 polymer     man 'Bromodomain-containing protein 4'                           15329.598 1   ? ? ? ? 
2 non-polymer syn '1-benzyl-5-(3,5-dimethyl-1,2-oxazol-4-yl)pyridin-2(1H)-one' 280.321   1   ? ? ? ? 
3 non-polymer syn 1,2-ETHANEDIOL                                               62.068    2   ? ? ? ? 
4 water       nat water                                                        18.015    176 ? ? ? ? 
# 
_entity_name_com.entity_id   1 
_entity_name_com.name        'Protein HUNK1' 
# 
_entity_poly.entity_id                      1 
_entity_poly.type                           'polypeptide(L)' 
_entity_poly.nstd_linkage                   no 
_entity_poly.nstd_monomer                   no 
_entity_poly.pdbx_seq_one_letter_code       
;SMNPPPPETSNPNKPKRQTNQLQYLLRVVLKTLWKHQFAWPFQQPVDAVKLNLPDYYKIIKTPMDMGTIKKRLENNYYWN
AQECIQDFNTMFTNCYIYNKPGDDIVLMAEALEKLFLQKINELPTEETE
;
_entity_poly.pdbx_seq_one_letter_code_can   
;SMNPPPPETSNPNKPKRQTNQLQYLLRVVLKTLWKHQFAWPFQQPVDAVKLNLPDYYKIIKTPMDMGTIKKRLENNYYWN
AQECIQDFNTMFTNCYIYNKPGDDIVLMAEALEKLFLQKINELPTEETE
;
_entity_poly.pdbx_strand_id                 A 
_entity_poly.pdbx_target_identifier         ? 
# 
loop_
_pdbx_entity_nonpoly.entity_id 
_pdbx_entity_nonpoly.name 
_pdbx_entity_nonpoly.comp_id 
2 '1-benzyl-5-(3,5-dimethyl-1,2-oxazol-4-yl)pyridin-2(1H)-one' FOY 
3 1,2-ETHANEDIOL                                               EDO 
4 water                                                        HOH 
# 
loop_
_entity_poly_seq.entity_id 
_entity_poly_seq.num 
_entity_poly_seq.mon_id 
_entity_poly_seq.hetero 
1 1   SER n 
1 2   MET n 
1 3   ASN n 
1 4   PRO n 
1 5   PRO n 
1 6   PRO n 
1 7   PRO n 
1 8   GLU n 
1 9   THR n 
1 10  SER n 
1 11  ASN n 
1 12  PRO n 
1 13  ASN n 
1 14  LYS n 
1 15  PRO n 
1 16  LYS n 
1 17  ARG n 
1 18  GLN n 
1 19  THR n 
1 20  ASN n 
1 21  GLN n 
1 22  LEU n 
1 23  GLN n 
1 24  TYR n 
1 25  LEU n 
1 26  LEU n 
1 27  ARG n 
1 28  VAL n 
1 29  VAL n 
1 30  LEU n 
1 31  LYS n 
1 32  THR n 
1 33  LEU n 
1 34  TRP n 
1 35  LYS n 
1 36  HIS n 
1 37  GLN n 
1 38  PHE n 
1 39  ALA n 
1 40  TRP n 
1 41  PRO n 
1 42  PHE n 
1 43  GLN n 
1 44  GLN n 
1 45  PRO n 
1 46  VAL n 
1 47  ASP n 
1 48  ALA n 
1 49  VAL n 
1 50  LYS n 
1 51  LEU n 
1 52  ASN n 
1 53  LEU n 
1 54  PRO n 
1 55  ASP n 
1 56  TYR n 
1 57  TYR n 
1 58  LYS n 
1 59  ILE n 
1 60  ILE n 
1 61  LYS n 
1 62  THR n 
1 63  PRO n 
1 64  MET n 
1 65  ASP n 
1 66  MET n 
1 67  GLY n 
1 68  THR n 
1 69  ILE n 
1 70  LYS n 
1 71  LYS n 
1 72  ARG n 
1 73  LEU n 
1 74  GLU n 
1 75  ASN n 
1 76  ASN n 
1 77  TYR n 
1 78  TYR n 
1 79  TRP n 
1 80  ASN n 
1 81  ALA n 
1 82  GLN n 
1 83  GLU n 
1 84  CYS n 
1 85  ILE n 
1 86  GLN n 
1 87  ASP n 
1 88  PHE n 
1 89  ASN n 
1 90  THR n 
1 91  MET n 
1 92  PHE n 
1 93  THR n 
1 94  ASN n 
1 95  CYS n 
1 96  TYR n 
1 97  ILE n 
1 98  TYR n 
1 99  ASN n 
1 100 LYS n 
1 101 PRO n 
1 102 GLY n 
1 103 ASP n 
1 104 ASP n 
1 105 ILE n 
1 106 VAL n 
1 107 LEU n 
1 108 MET n 
1 109 ALA n 
1 110 GLU n 
1 111 ALA n 
1 112 LEU n 
1 113 GLU n 
1 114 LYS n 
1 115 LEU n 
1 116 PHE n 
1 117 LEU n 
1 118 GLN n 
1 119 LYS n 
1 120 ILE n 
1 121 ASN n 
1 122 GLU n 
1 123 LEU n 
1 124 PRO n 
1 125 THR n 
1 126 GLU n 
1 127 GLU n 
1 128 THR n 
1 129 GLU n 
# 
_entity_src_gen.entity_id                          1 
_entity_src_gen.pdbx_src_id                        1 
_entity_src_gen.pdbx_alt_source_flag               sample 
_entity_src_gen.pdbx_seq_type                      'Biological sequence' 
_entity_src_gen.pdbx_beg_seq_num                   1 
_entity_src_gen.pdbx_end_seq_num                   129 
_entity_src_gen.gene_src_common_name               Human 
_entity_src_gen.gene_src_genus                     ? 
_entity_src_gen.pdbx_gene_src_gene                 'BRD4, HUNK1' 
_entity_src_gen.gene_src_species                   ? 
_entity_src_gen.gene_src_strain                    ? 
_entity_src_gen.gene_src_tissue                    ? 
_entity_src_gen.gene_src_tissue_fraction           ? 
_entity_src_gen.gene_src_details                   ? 
_entity_src_gen.pdbx_gene_src_fragment             ? 
_entity_src_gen.pdbx_gene_src_scientific_name      'Homo sapiens' 
_entity_src_gen.pdbx_gene_src_ncbi_taxonomy_id     9606 
_entity_src_gen.pdbx_gene_src_variant              ? 
_entity_src_gen.pdbx_gene_src_cell_line            ? 
_entity_src_gen.pdbx_gene_src_atcc                 ? 
_entity_src_gen.pdbx_gene_src_organ                ? 
_entity_src_gen.pdbx_gene_src_organelle            ? 
_entity_src_gen.pdbx_gene_src_cell                 ? 
_entity_src_gen.pdbx_gene_src_cellular_location    ? 
_entity_src_gen.host_org_common_name               ? 
_entity_src_gen.pdbx_host_org_scientific_name      'Escherichia coli BL21(DE3)' 
_entity_src_gen.pdbx_host_org_ncbi_taxonomy_id     469008 
_entity_src_gen.host_org_genus                     ? 
_entity_src_gen.pdbx_host_org_gene                 ? 
_entity_src_gen.pdbx_host_org_organ                ? 
_entity_src_gen.host_org_species                   ? 
_entity_src_gen.pdbx_host_org_tissue               ? 
_entity_src_gen.pdbx_host_org_tissue_fraction      ? 
_entity_src_gen.pdbx_host_org_strain               ? 
_entity_src_gen.pdbx_host_org_variant              ? 
_entity_src_gen.pdbx_host_org_cell_line            ? 
_entity_src_gen.pdbx_host_org_atcc                 ? 
_entity_src_gen.pdbx_host_org_culture_collection   ? 
_entity_src_gen.pdbx_host_org_cell                 ? 
_entity_src_gen.pdbx_host_org_organelle            ? 
_entity_src_gen.pdbx_host_org_cellular_location    ? 
_entity_src_gen.pdbx_host_org_vector_type          Plasmid 
_entity_src_gen.pdbx_host_org_vector               ? 
_entity_src_gen.host_org_details                   ? 
_entity_src_gen.expression_system_id               ? 
_entity_src_gen.plasmid_name                       PJEXPRESS401 
_entity_src_gen.plasmid_details                    ? 
_entity_src_gen.pdbx_description                   ? 
# 
loop_
_chem_comp.id 
_chem_comp.type 
_chem_comp.mon_nstd_flag 
_chem_comp.name 
_chem_comp.pdbx_synonyms 
_chem_comp.formula 
_chem_comp.formula_weight 
ALA 'L-peptide linking' y ALANINE                                                      ?                 'C3 H7 N O2'     89.093  
ARG 'L-peptide linking' y ARGININE                                                     ?                 'C6 H15 N4 O2 1' 175.209 
ASN 'L-peptide linking' y ASPARAGINE                                                   ?                 'C4 H8 N2 O3'    132.118 
ASP 'L-peptide linking' y 'ASPARTIC ACID'                                              ?                 'C4 H7 N O4'     133.103 
CYS 'L-peptide linking' y CYSTEINE                                                     ?                 'C3 H7 N O2 S'   121.158 
EDO non-polymer         . 1,2-ETHANEDIOL                                               'ETHYLENE GLYCOL' 'C2 H6 O2'       62.068  
FOY non-polymer         . '1-benzyl-5-(3,5-dimethyl-1,2-oxazol-4-yl)pyridin-2(1H)-one' ?                 'C17 H16 N2 O2'  280.321 
GLN 'L-peptide linking' y GLUTAMINE                                                    ?                 'C5 H10 N2 O3'   146.144 
GLU 'L-peptide linking' y 'GLUTAMIC ACID'                                              ?                 'C5 H9 N O4'     147.129 
GLY 'peptide linking'   y GLYCINE                                                      ?                 'C2 H5 N O2'     75.067  
HIS 'L-peptide linking' y HISTIDINE                                                    ?                 'C6 H10 N3 O2 1' 156.162 
HOH non-polymer         . WATER                                                        ?                 'H2 O'           18.015  
ILE 'L-peptide linking' y ISOLEUCINE                                                   ?                 'C6 H13 N O2'    131.173 
LEU 'L-peptide linking' y LEUCINE                                                      ?                 'C6 H13 N O2'    131.173 
LYS 'L-peptide linking' y LYSINE                                                       ?                 'C6 H15 N2 O2 1' 147.195 
MET 'L-peptide linking' y METHIONINE                                                   ?                 'C5 H11 N O2 S'  149.211 
PHE 'L-peptide linking' y PHENYLALANINE                                                ?                 'C9 H11 N O2'    165.189 
PRO 'L-peptide linking' y PROLINE                                                      ?                 'C5 H9 N O2'     115.130 
SER 'L-peptide linking' y SERINE                                                       ?                 'C3 H7 N O3'     105.093 
THR 'L-peptide linking' y THREONINE                                                    ?                 'C4 H9 N O3'     119.119 
TRP 'L-peptide linking' y TRYPTOPHAN                                                   ?                 'C11 H12 N2 O2'  204.225 
TYR 'L-peptide linking' y TYROSINE                                                     ?                 'C9 H11 N O3'    181.189 
VAL 'L-peptide linking' y VALINE                                                       ?                 'C5 H11 N O2'    117.146 
# 
loop_
_pdbx_poly_seq_scheme.asym_id 
_pdbx_poly_seq_scheme.entity_id 
_pdbx_poly_seq_scheme.seq_id 
_pdbx_poly_seq_scheme.mon_id 
_pdbx_poly_seq_scheme.ndb_seq_num 
_pdbx_poly_seq_scheme.pdb_seq_num 
_pdbx_poly_seq_scheme.auth_seq_num 
_pdbx_poly_seq_scheme.pdb_mon_id 
_pdbx_poly_seq_scheme.auth_mon_id 
_pdbx_poly_seq_scheme.pdb_strand_id 
_pdbx_poly_seq_scheme.pdb_ins_code 
_pdbx_poly_seq_scheme.hetero 
A 1 1   SER 1   42  42  SER SER A . n 
A 1 2   MET 2   43  43  MET MET A . n 
A 1 3   ASN 3   44  44  ASN ASN A . n 
A 1 4   PRO 4   45  45  PRO PRO A . n 
A 1 5   PRO 5   46  46  PRO PRO A . n 
A 1 6   PRO 6   47  47  PRO PRO A . n 
A 1 7   PRO 7   48  48  PRO PRO A . n 
A 1 8   GLU 8   49  49  GLU GLU A . n 
A 1 9   THR 9   50  50  THR THR A . n 
A 1 10  SER 10  51  51  SER SER A . n 
A 1 11  ASN 11  52  52  ASN ASN A . n 
A 1 12  PRO 12  53  53  PRO PRO A . n 
A 1 13  ASN 13  54  54  ASN ASN A . n 
A 1 14  LYS 14  55  55  LYS LYS A . n 
A 1 15  PRO 15  56  56  PRO PRO A . n 
A 1 16  LYS 16  57  57  LYS LYS A . n 
A 1 17  ARG 17  58  58  ARG ARG A . n 
A 1 18  GLN 18  59  59  GLN GLN A . n 
A 1 19  THR 19  60  60  THR THR A . n 
A 1 20  ASN 20  61  61  ASN ASN A . n 
A 1 21  GLN 21  62  62  GLN GLN A . n 
A 1 22  LEU 22  63  63  LEU LEU A . n 
A 1 23  GLN 23  64  64  GLN GLN A . n 
A 1 24  TYR 24  65  65  TYR TYR A . n 
A 1 25  LEU 25  66  66  LEU LEU A . n 
A 1 26  LEU 26  67  67  LEU LEU A . n 
A 1 27  ARG 27  68  68  ARG ARG A . n 
A 1 28  VAL 28  69  69  VAL VAL A . n 
A 1 29  VAL 29  70  70  VAL VAL A . n 
A 1 30  LEU 30  71  71  LEU LEU A . n 
A 1 31  LYS 31  72  72  LYS LYS A . n 
A 1 32  THR 32  73  73  THR THR A . n 
A 1 33  LEU 33  74  74  LEU LEU A . n 
A 1 34  TRP 34  75  75  TRP TRP A . n 
A 1 35  LYS 35  76  76  LYS LYS A . n 
A 1 36  HIS 36  77  77  HIS HIS A . n 
A 1 37  GLN 37  78  78  GLN GLN A . n 
A 1 38  PHE 38  79  79  PHE PHE A . n 
A 1 39  ALA 39  80  80  ALA ALA A . n 
A 1 40  TRP 40  81  81  TRP TRP A . n 
A 1 41  PRO 41  82  82  PRO PRO A . n 
A 1 42  PHE 42  83  83  PHE PHE A . n 
A 1 43  GLN 43  84  84  GLN GLN A . n 
A 1 44  GLN 44  85  85  GLN GLN A . n 
A 1 45  PRO 45  86  86  PRO PRO A . n 
A 1 46  VAL 46  87  87  VAL VAL A . n 
A 1 47  ASP 47  88  88  ASP ASP A . n 
A 1 48  ALA 48  89  89  ALA ALA A . n 
A 1 49  VAL 49  90  90  VAL VAL A . n 
A 1 50  LYS 50  91  91  LYS LYS A . n 
A 1 51  LEU 51  92  92  LEU LEU A . n 
A 1 52  ASN 52  93  93  ASN ASN A . n 
A 1 53  LEU 53  94  94  LEU LEU A . n 
A 1 54  PRO 54  95  95  PRO PRO A . n 
A 1 55  ASP 55  96  96  ASP ASP A . n 
A 1 56  TYR 56  97  97  TYR TYR A . n 
A 1 57  TYR 57  98  98  TYR TYR A . n 
A 1 58  LYS 58  99  99  LYS LYS A . n 
A 1 59  ILE 59  100 100 ILE ILE A . n 
A 1 60  ILE 60  101 101 ILE ILE A . n 
A 1 61  LYS 61  102 102 LYS LYS A . n 
A 1 62  THR 62  103 103 THR THR A . n 
A 1 63  PRO 63  104 104 PRO PRO A . n 
A 1 64  MET 64  105 105 MET MET A . n 
A 1 65  ASP 65  106 106 ASP ASP A . n 
A 1 66  MET 66  107 107 MET MET A . n 
A 1 67  GLY 67  108 108 GLY GLY A . n 
A 1 68  THR 68  109 109 THR THR A . n 
A 1 69  ILE 69  110 110 ILE ILE A . n 
A 1 70  LYS 70  111 111 LYS LYS A . n 
A 1 71  LYS 71  112 112 LYS LYS A . n 
A 1 72  ARG 72  113 113 ARG ARG A . n 
A 1 73  LEU 73  114 114 LEU LEU A . n 
A 1 74  GLU 74  115 115 GLU GLU A . n 
A 1 75  ASN 75  116 116 ASN ASN A . n 
A 1 76  ASN 76  117 117 ASN ASN A . n 
A 1 77  TYR 77  118 118 TYR TYR A . n 
A 1 78  TYR 78  119 119 TYR TYR A . n 
A 1 79  TRP 79  120 120 TRP TRP A . n 
A 1 80  ASN 80  121 121 ASN ASN A . n 
A 1 81  ALA 81  122 122 ALA ALA A . n 
A 1 82  GLN 82  123 123 GLN GLN A . n 
A 1 83  GLU 83  124 124 GLU GLU A . n 
A 1 84  CYS 84  125 125 CYS CYS A . n 
A 1 85  ILE 85  126 126 ILE ILE A . n 
A 1 86  GLN 86  127 127 GLN GLN A . n 
A 1 87  ASP 87  128 128 ASP ASP A . n 
A 1 88  PHE 88  129 129 PHE PHE A . n 
A 1 89  ASN 89  130 130 ASN ASN A . n 
A 1 90  THR 90  131 131 THR THR A . n 
A 1 91  MET 91  132 132 MET MET A . n 
A 1 92  PHE 92  133 133 PHE PHE A . n 
A 1 93  THR 93  134 134 THR THR A . n 
A 1 94  ASN 94  135 135 ASN ASN A . n 
A 1 95  CYS 95  136 136 CYS CYS A . n 
A 1 96  TYR 96  137 137 TYR TYR A . n 
A 1 97  ILE 97  138 138 ILE ILE A . n 
A 1 98  TYR 98  139 139 TYR TYR A . n 
A 1 99  ASN 99  140 140 ASN ASN A . n 
A 1 100 LYS 100 141 141 LYS LYS A . n 
A 1 101 PRO 101 142 142 PRO PRO A . n 
A 1 102 GLY 102 143 143 GLY GLY A . n 
A 1 103 ASP 103 144 144 ASP ASP A . n 
A 1 104 ASP 104 145 145 ASP ASP A . n 
A 1 105 ILE 105 146 146 ILE ILE A . n 
A 1 106 VAL 106 147 147 VAL VAL A . n 
A 1 107 LEU 107 148 148 LEU LEU A . n 
A 1 108 MET 108 149 149 MET MET A . n 
A 1 109 ALA 109 150 150 ALA ALA A . n 
A 1 110 GLU 110 151 151 GLU GLU A . n 
A 1 111 ALA 111 152 152 ALA ALA A . n 
A 1 112 LEU 112 153 153 LEU LEU A . n 
A 1 113 GLU 113 154 154 GLU GLU A . n 
A 1 114 LYS 114 155 155 LYS LYS A . n 
A 1 115 LEU 115 156 156 LEU LEU A . n 
A 1 116 PHE 116 157 157 PHE PHE A . n 
A 1 117 LEU 117 158 158 LEU LEU A . n 
A 1 118 GLN 118 159 159 GLN GLN A . n 
A 1 119 LYS 119 160 160 LYS LYS A . n 
A 1 120 ILE 120 161 161 ILE ILE A . n 
A 1 121 ASN 121 162 162 ASN ASN A . n 
A 1 122 GLU 122 163 163 GLU GLU A . n 
A 1 123 LEU 123 164 164 LEU LEU A . n 
A 1 124 PRO 124 165 165 PRO PRO A . n 
A 1 125 THR 125 166 166 THR THR A . n 
A 1 126 GLU 126 167 167 GLU GLU A . n 
A 1 127 GLU 127 168 ?   ?   ?   A . n 
A 1 128 THR 128 169 ?   ?   ?   A . n 
A 1 129 GLU 129 170 ?   ?   ?   A . n 
# 
loop_
_pdbx_nonpoly_scheme.asym_id 
_pdbx_nonpoly_scheme.entity_id 
_pdbx_nonpoly_scheme.mon_id 
_pdbx_nonpoly_scheme.ndb_seq_num 
_pdbx_nonpoly_scheme.pdb_seq_num 
_pdbx_nonpoly_scheme.auth_seq_num 
_pdbx_nonpoly_scheme.pdb_mon_id 
_pdbx_nonpoly_scheme.auth_mon_id 
_pdbx_nonpoly_scheme.pdb_strand_id 
_pdbx_nonpoly_scheme.pdb_ins_code 
B 2 FOY 1   201 201 FOY 759 A . 
C 3 EDO 1   202 202 EDO EDO A . 
D 3 EDO 1   203 203 EDO EDO A . 
E 4 HOH 1   301 162 HOH HOH A . 
E 4 HOH 2   302 16  HOH HOH A . 
E 4 HOH 3   303 148 HOH HOH A . 
E 4 HOH 4   304 95  HOH HOH A . 
E 4 HOH 5   305 170 HOH HOH A . 
E 4 HOH 6   306 60  HOH HOH A . 
E 4 HOH 7   307 105 HOH HOH A . 
E 4 HOH 8   308 116 HOH HOH A . 
E 4 HOH 9   309 97  HOH HOH A . 
E 4 HOH 10  310 80  HOH HOH A . 
E 4 HOH 11  311 2   HOH HOH A . 
E 4 HOH 12  312 45  HOH HOH A . 
E 4 HOH 13  313 121 HOH HOH A . 
E 4 HOH 14  314 72  HOH HOH A . 
E 4 HOH 15  315 75  HOH HOH A . 
E 4 HOH 16  316 117 HOH HOH A . 
E 4 HOH 17  317 146 HOH HOH A . 
E 4 HOH 18  318 67  HOH HOH A . 
E 4 HOH 19  319 70  HOH HOH A . 
E 4 HOH 20  320 169 HOH HOH A . 
E 4 HOH 21  321 94  HOH HOH A . 
E 4 HOH 22  322 99  HOH HOH A . 
E 4 HOH 23  323 64  HOH HOH A . 
E 4 HOH 24  324 100 HOH HOH A . 
E 4 HOH 25  325 131 HOH HOH A . 
E 4 HOH 26  326 118 HOH HOH A . 
E 4 HOH 27  327 102 HOH HOH A . 
E 4 HOH 28  328 140 HOH HOH A . 
E 4 HOH 29  329 61  HOH HOH A . 
E 4 HOH 30  330 85  HOH HOH A . 
E 4 HOH 31  331 76  HOH HOH A . 
E 4 HOH 32  332 21  HOH HOH A . 
E 4 HOH 33  333 55  HOH HOH A . 
E 4 HOH 34  334 112 HOH HOH A . 
E 4 HOH 35  335 28  HOH HOH A . 
E 4 HOH 36  336 174 HOH HOH A . 
E 4 HOH 37  337 173 HOH HOH A . 
E 4 HOH 38  338 4   HOH HOH A . 
E 4 HOH 39  339 108 HOH HOH A . 
E 4 HOH 40  340 12  HOH HOH A . 
E 4 HOH 41  341 51  HOH HOH A . 
E 4 HOH 42  342 86  HOH HOH A . 
E 4 HOH 43  343 26  HOH HOH A . 
E 4 HOH 44  344 68  HOH HOH A . 
E 4 HOH 45  345 137 HOH HOH A . 
E 4 HOH 46  346 1   HOH HOH A . 
E 4 HOH 47  347 129 HOH HOH A . 
E 4 HOH 48  348 151 HOH HOH A . 
E 4 HOH 49  349 77  HOH HOH A . 
E 4 HOH 50  350 13  HOH HOH A . 
E 4 HOH 51  351 8   HOH HOH A . 
E 4 HOH 52  352 159 HOH HOH A . 
E 4 HOH 53  353 83  HOH HOH A . 
E 4 HOH 54  354 82  HOH HOH A . 
E 4 HOH 55  355 24  HOH HOH A . 
E 4 HOH 56  356 154 HOH HOH A . 
E 4 HOH 57  357 74  HOH HOH A . 
E 4 HOH 58  358 14  HOH HOH A . 
E 4 HOH 59  359 104 HOH HOH A . 
E 4 HOH 60  360 166 HOH HOH A . 
E 4 HOH 61  361 36  HOH HOH A . 
E 4 HOH 62  362 155 HOH HOH A . 
E 4 HOH 63  363 40  HOH HOH A . 
E 4 HOH 64  364 101 HOH HOH A . 
E 4 HOH 65  365 53  HOH HOH A . 
E 4 HOH 66  366 11  HOH HOH A . 
E 4 HOH 67  367 31  HOH HOH A . 
E 4 HOH 68  368 176 HOH HOH A . 
E 4 HOH 69  369 38  HOH HOH A . 
E 4 HOH 70  370 58  HOH HOH A . 
E 4 HOH 71  371 17  HOH HOH A . 
E 4 HOH 72  372 22  HOH HOH A . 
E 4 HOH 73  373 172 HOH HOH A . 
E 4 HOH 74  374 147 HOH HOH A . 
E 4 HOH 75  375 7   HOH HOH A . 
E 4 HOH 76  376 6   HOH HOH A . 
E 4 HOH 77  377 63  HOH HOH A . 
E 4 HOH 78  378 145 HOH HOH A . 
E 4 HOH 79  379 153 HOH HOH A . 
E 4 HOH 80  380 30  HOH HOH A . 
E 4 HOH 81  381 84  HOH HOH A . 
E 4 HOH 82  382 120 HOH HOH A . 
E 4 HOH 83  383 62  HOH HOH A . 
E 4 HOH 84  384 3   HOH HOH A . 
E 4 HOH 85  385 130 HOH HOH A . 
E 4 HOH 86  386 66  HOH HOH A . 
E 4 HOH 87  387 90  HOH HOH A . 
E 4 HOH 88  388 69  HOH HOH A . 
E 4 HOH 89  389 107 HOH HOH A . 
E 4 HOH 90  390 71  HOH HOH A . 
E 4 HOH 91  391 15  HOH HOH A . 
E 4 HOH 92  392 18  HOH HOH A . 
E 4 HOH 93  393 89  HOH HOH A . 
E 4 HOH 94  394 150 HOH HOH A . 
E 4 HOH 95  395 113 HOH HOH A . 
E 4 HOH 96  396 122 HOH HOH A . 
E 4 HOH 97  397 20  HOH HOH A . 
E 4 HOH 98  398 25  HOH HOH A . 
E 4 HOH 99  399 34  HOH HOH A . 
E 4 HOH 100 400 32  HOH HOH A . 
E 4 HOH 101 401 5   HOH HOH A . 
E 4 HOH 102 402 9   HOH HOH A . 
E 4 HOH 103 403 103 HOH HOH A . 
E 4 HOH 104 404 157 HOH HOH A . 
E 4 HOH 105 405 138 HOH HOH A . 
E 4 HOH 106 406 161 HOH HOH A . 
E 4 HOH 107 407 33  HOH HOH A . 
E 4 HOH 108 408 125 HOH HOH A . 
E 4 HOH 109 409 163 HOH HOH A . 
E 4 HOH 110 410 133 HOH HOH A . 
E 4 HOH 111 411 96  HOH HOH A . 
E 4 HOH 112 412 124 HOH HOH A . 
E 4 HOH 113 413 160 HOH HOH A . 
E 4 HOH 114 414 23  HOH HOH A . 
E 4 HOH 115 415 19  HOH HOH A . 
E 4 HOH 116 416 59  HOH HOH A . 
E 4 HOH 117 417 144 HOH HOH A . 
E 4 HOH 118 418 37  HOH HOH A . 
E 4 HOH 119 419 164 HOH HOH A . 
E 4 HOH 120 420 98  HOH HOH A . 
E 4 HOH 121 421 88  HOH HOH A . 
E 4 HOH 122 422 27  HOH HOH A . 
E 4 HOH 123 423 127 HOH HOH A . 
E 4 HOH 124 424 135 HOH HOH A . 
E 4 HOH 125 425 46  HOH HOH A . 
E 4 HOH 126 426 152 HOH HOH A . 
E 4 HOH 127 427 41  HOH HOH A . 
E 4 HOH 128 428 139 HOH HOH A . 
E 4 HOH 129 429 78  HOH HOH A . 
E 4 HOH 130 430 81  HOH HOH A . 
E 4 HOH 131 431 65  HOH HOH A . 
E 4 HOH 132 432 50  HOH HOH A . 
E 4 HOH 133 433 48  HOH HOH A . 
E 4 HOH 134 434 171 HOH HOH A . 
E 4 HOH 135 435 10  HOH HOH A . 
E 4 HOH 136 436 57  HOH HOH A . 
E 4 HOH 137 437 39  HOH HOH A . 
E 4 HOH 138 438 106 HOH HOH A . 
E 4 HOH 139 439 92  HOH HOH A . 
E 4 HOH 140 440 128 HOH HOH A . 
E 4 HOH 141 441 168 HOH HOH A . 
E 4 HOH 142 442 44  HOH HOH A . 
E 4 HOH 143 443 110 HOH HOH A . 
E 4 HOH 144 444 35  HOH HOH A . 
E 4 HOH 145 445 47  HOH HOH A . 
E 4 HOH 146 446 79  HOH HOH A . 
E 4 HOH 147 447 136 HOH HOH A . 
E 4 HOH 148 448 141 HOH HOH A . 
E 4 HOH 149 449 115 HOH HOH A . 
E 4 HOH 150 450 111 HOH HOH A . 
E 4 HOH 151 451 29  HOH HOH A . 
E 4 HOH 152 452 73  HOH HOH A . 
E 4 HOH 153 453 49  HOH HOH A . 
E 4 HOH 154 454 91  HOH HOH A . 
E 4 HOH 155 455 165 HOH HOH A . 
E 4 HOH 156 456 142 HOH HOH A . 
E 4 HOH 157 457 42  HOH HOH A . 
E 4 HOH 158 458 93  HOH HOH A . 
E 4 HOH 159 459 43  HOH HOH A . 
E 4 HOH 160 460 149 HOH HOH A . 
E 4 HOH 161 461 143 HOH HOH A . 
E 4 HOH 162 462 175 HOH HOH A . 
E 4 HOH 163 463 158 HOH HOH A . 
E 4 HOH 164 464 156 HOH HOH A . 
E 4 HOH 165 465 52  HOH HOH A . 
E 4 HOH 166 466 87  HOH HOH A . 
E 4 HOH 167 467 123 HOH HOH A . 
E 4 HOH 168 468 119 HOH HOH A . 
E 4 HOH 169 469 132 HOH HOH A . 
E 4 HOH 170 470 109 HOH HOH A . 
E 4 HOH 171 471 114 HOH HOH A . 
E 4 HOH 172 472 54  HOH HOH A . 
E 4 HOH 173 473 134 HOH HOH A . 
E 4 HOH 174 474 126 HOH HOH A . 
E 4 HOH 175 475 56  HOH HOH A . 
E 4 HOH 176 476 167 HOH HOH A . 
# 
loop_
_software.citation_id 
_software.classification 
_software.compiler_name 
_software.compiler_version 
_software.contact_author 
_software.contact_author_email 
_software.date 
_software.description 
_software.dependencies 
_software.hardware 
_software.language 
_software.location 
_software.mods 
_software.name 
_software.os 
_software.os_version 
_software.type 
_software.version 
_software.pdbx_ordinal 
? 'data scaling'    ? ? ? ? ? ? ? ? ? ? ? SCALEPACK   ? ? ? .        1 
? refinement        ? ? ? ? ? ? ? ? ? ? ? REFMAC      ? ? ? 5.8.0135 2 
? 'data extraction' ? ? ? ? ? ? ? ? ? ? ? PDB_EXTRACT ? ? ? 3.24     3 
? 'data reduction'  ? ? ? ? ? ? ? ? ? ? ? HKL-2000    ? ? ? .        4 
? phasing           ? ? ? ? ? ? ? ? ? ? ? MOLREP      ? ? ? .        5 
# 
_cell.angle_alpha                  90.000 
_cell.angle_alpha_esd              ? 
_cell.angle_beta                   90.000 
_cell.angle_beta_esd               ? 
_cell.angle_gamma                  90.000 
_cell.angle_gamma_esd              ? 
_cell.entry_id                     6CZV 
_cell.details                      ? 
_cell.formula_units_Z              ? 
_cell.length_a                     37.925 
_cell.length_a_esd                 ? 
_cell.length_b                     43.014 
_cell.length_b_esd                 ? 
_cell.length_c                     79.586 
_cell.length_c_esd                 ? 
_cell.volume                       ? 
_cell.volume_esd                   ? 
_cell.Z_PDB                        4 
_cell.reciprocal_angle_alpha       ? 
_cell.reciprocal_angle_beta        ? 
_cell.reciprocal_angle_gamma       ? 
_cell.reciprocal_angle_alpha_esd   ? 
_cell.reciprocal_angle_beta_esd    ? 
_cell.reciprocal_angle_gamma_esd   ? 
_cell.reciprocal_length_a          ? 
_cell.reciprocal_length_b          ? 
_cell.reciprocal_length_c          ? 
_cell.reciprocal_length_a_esd      ? 
_cell.reciprocal_length_b_esd      ? 
_cell.reciprocal_length_c_esd      ? 
_cell.pdbx_unique_axis             ? 
# 
_symmetry.entry_id                         6CZV 
_symmetry.cell_setting                     ? 
_symmetry.Int_Tables_number                19 
_symmetry.space_group_name_Hall            ? 
_symmetry.space_group_name_H-M             'P 21 21 21' 
_symmetry.pdbx_full_space_group_name_H-M   ? 
# 
_exptl.absorpt_coefficient_mu     ? 
_exptl.absorpt_correction_T_max   ? 
_exptl.absorpt_correction_T_min   ? 
_exptl.absorpt_correction_type    ? 
_exptl.absorpt_process_details    ? 
_exptl.entry_id                   6CZV 
_exptl.crystals_number            1 
_exptl.details                    ? 
_exptl.method                     'X-RAY DIFFRACTION' 
_exptl.method_details             ? 
# 
_exptl_crystal.colour                      ? 
_exptl_crystal.density_diffrn              ? 
_exptl_crystal.density_Matthews            2.17 
_exptl_crystal.density_method              ? 
_exptl_crystal.density_percent_sol         43.27 
_exptl_crystal.description                 ? 
_exptl_crystal.F_000                       ? 
_exptl_crystal.id                          1 
_exptl_crystal.preparation                 ? 
_exptl_crystal.size_max                    ? 
_exptl_crystal.size_mid                    ? 
_exptl_crystal.size_min                    ? 
_exptl_crystal.size_rad                    ? 
_exptl_crystal.colour_lustre               ? 
_exptl_crystal.colour_modifier             ? 
_exptl_crystal.colour_primary              ? 
_exptl_crystal.density_meas                ? 
_exptl_crystal.density_meas_esd            ? 
_exptl_crystal.density_meas_gt             ? 
_exptl_crystal.density_meas_lt             ? 
_exptl_crystal.density_meas_temp           ? 
_exptl_crystal.density_meas_temp_esd       ? 
_exptl_crystal.density_meas_temp_gt        ? 
_exptl_crystal.density_meas_temp_lt        ? 
_exptl_crystal.pdbx_crystal_image_url      ? 
_exptl_crystal.pdbx_crystal_image_format   ? 
_exptl_crystal.pdbx_mosaicity              ? 
_exptl_crystal.pdbx_mosaicity_esd          ? 
# 
_exptl_crystal_grow.apparatus       ? 
_exptl_crystal_grow.atmosphere      ? 
_exptl_crystal_grow.crystal_id      1 
_exptl_crystal_grow.details         ? 
_exptl_crystal_grow.method          'VAPOR DIFFUSION, SITTING DROP' 
_exptl_crystal_grow.method_ref      ? 
_exptl_crystal_grow.pH              ? 
_exptl_crystal_grow.pressure        ? 
_exptl_crystal_grow.pressure_esd    ? 
_exptl_crystal_grow.seeding         ? 
_exptl_crystal_grow.seeding_ref     ? 
_exptl_crystal_grow.temp            297 
_exptl_crystal_grow.temp_details    ? 
_exptl_crystal_grow.temp_esd        ? 
_exptl_crystal_grow.time            ? 
_exptl_crystal_grow.pdbx_details    '0.2 M Potassium Fluoride, 8% (w/v) PEG 3,350' 
_exptl_crystal_grow.pdbx_pH_range   ? 
# 
_diffrn.ambient_environment    ? 
_diffrn.ambient_temp           100 
_diffrn.ambient_temp_details   ? 
_diffrn.ambient_temp_esd       ? 
_diffrn.crystal_id             1 
_diffrn.crystal_support        ? 
_diffrn.crystal_treatment      ? 
_diffrn.details                ? 
_diffrn.id                     1 
_diffrn.ambient_pressure       ? 
_diffrn.ambient_pressure_esd   ? 
_diffrn.ambient_pressure_gt    ? 
_diffrn.ambient_pressure_lt    ? 
_diffrn.ambient_temp_gt        ? 
_diffrn.ambient_temp_lt        ? 
# 
_diffrn_detector.details                      ? 
_diffrn_detector.detector                     CCD 
_diffrn_detector.diffrn_id                    1 
_diffrn_detector.type                         'ADSC QUANTUM 315r' 
_diffrn_detector.area_resol_mean              ? 
_diffrn_detector.dtime                        ? 
_diffrn_detector.pdbx_frames_total            ? 
_diffrn_detector.pdbx_collection_time_total   ? 
_diffrn_detector.pdbx_collection_date         2014-10-12 
# 
_diffrn_radiation.collimation                      ? 
_diffrn_radiation.diffrn_id                        1 
_diffrn_radiation.filter_edge                      ? 
_diffrn_radiation.inhomogeneity                    ? 
_diffrn_radiation.monochromator                    ? 
_diffrn_radiation.polarisn_norm                    ? 
_diffrn_radiation.polarisn_ratio                   ? 
_diffrn_radiation.probe                            ? 
_diffrn_radiation.type                             ? 
_diffrn_radiation.xray_symbol                      ? 
_diffrn_radiation.wavelength_id                    1 
_diffrn_radiation.pdbx_monochromatic_or_laue_m_l   M 
_diffrn_radiation.pdbx_wavelength_list             ? 
_diffrn_radiation.pdbx_wavelength                  ? 
_diffrn_radiation.pdbx_diffrn_protocol             'SINGLE WAVELENGTH' 
_diffrn_radiation.pdbx_analyzer                    ? 
_diffrn_radiation.pdbx_scattering_type             x-ray 
# 
_diffrn_radiation_wavelength.id           1 
_diffrn_radiation_wavelength.wavelength   1.075 
_diffrn_radiation_wavelength.wt           1.0 
# 
_diffrn_source.current                     ? 
_diffrn_source.details                     ? 
_diffrn_source.diffrn_id                   1 
_diffrn_source.power                       ? 
_diffrn_source.size                        ? 
_diffrn_source.source                      SYNCHROTRON 
_diffrn_source.target                      ? 
_diffrn_source.type                        'NSLS BEAMLINE X29A' 
_diffrn_source.voltage                     ? 
_diffrn_source.take-off_angle              ? 
_diffrn_source.pdbx_wavelength_list        1.075 
_diffrn_source.pdbx_wavelength             ? 
_diffrn_source.pdbx_synchrotron_beamline   X29A 
_diffrn_source.pdbx_synchrotron_site       NSLS 
# 
_reflns.B_iso_Wilson_estimate            ? 
_reflns.entry_id                         6CZV 
_reflns.data_reduction_details           ? 
_reflns.data_reduction_method            ? 
_reflns.d_resolution_high                1.880 
_reflns.d_resolution_low                 50.000 
_reflns.details                          ? 
_reflns.limit_h_max                      ? 
_reflns.limit_h_min                      ? 
_reflns.limit_k_max                      ? 
_reflns.limit_k_min                      ? 
_reflns.limit_l_max                      ? 
_reflns.limit_l_min                      ? 
_reflns.number_all                       ? 
_reflns.number_obs                       11124 
_reflns.observed_criterion               ? 
_reflns.observed_criterion_F_max         ? 
_reflns.observed_criterion_F_min         ? 
_reflns.observed_criterion_I_max         ? 
_reflns.observed_criterion_I_min         ? 
_reflns.observed_criterion_sigma_F       ? 
_reflns.observed_criterion_sigma_I       ? 
_reflns.percent_possible_obs             99.800 
_reflns.R_free_details                   ? 
_reflns.Rmerge_F_all                     ? 
_reflns.Rmerge_F_obs                     ? 
_reflns.Friedel_coverage                 ? 
_reflns.number_gt                        ? 
_reflns.threshold_expression             ? 
_reflns.pdbx_redundancy                  6.700 
_reflns.pdbx_Rmerge_I_obs                0.085 
_reflns.pdbx_Rmerge_I_all                ? 
_reflns.pdbx_Rsym_value                  ? 
_reflns.pdbx_netI_over_av_sigmaI         ? 
_reflns.pdbx_netI_over_sigmaI            14.800 
_reflns.pdbx_res_netI_over_av_sigmaI_2   ? 
_reflns.pdbx_res_netI_over_sigmaI_2      ? 
_reflns.pdbx_chi_squared                 1.679 
_reflns.pdbx_scaling_rejects             ? 
_reflns.pdbx_d_res_high_opt              ? 
_reflns.pdbx_d_res_low_opt               ? 
_reflns.pdbx_d_res_opt_method            ? 
_reflns.phase_calculation_details        ? 
_reflns.pdbx_Rrim_I_all                  ? 
_reflns.pdbx_Rpim_I_all                  ? 
_reflns.pdbx_d_opt                       ? 
_reflns.pdbx_number_measured_all         74033 
_reflns.pdbx_diffrn_id                   1 
_reflns.pdbx_ordinal                     1 
_reflns.pdbx_CC_half                     ? 
_reflns.pdbx_R_split                     ? 
# 
loop_
_reflns_shell.d_res_high 
_reflns_shell.d_res_low 
_reflns_shell.meanI_over_sigI_all 
_reflns_shell.meanI_over_sigI_obs 
_reflns_shell.number_measured_all 
_reflns_shell.number_measured_obs 
_reflns_shell.number_possible 
_reflns_shell.number_unique_all 
_reflns_shell.number_unique_obs 
_reflns_shell.percent_possible_all 
_reflns_shell.percent_possible_obs 
_reflns_shell.Rmerge_F_all 
_reflns_shell.Rmerge_F_obs 
_reflns_shell.Rmerge_I_all 
_reflns_shell.Rmerge_I_obs 
_reflns_shell.meanI_over_sigI_gt 
_reflns_shell.meanI_over_uI_all 
_reflns_shell.meanI_over_uI_gt 
_reflns_shell.number_measured_gt 
_reflns_shell.number_unique_gt 
_reflns_shell.percent_possible_gt 
_reflns_shell.Rmerge_F_gt 
_reflns_shell.Rmerge_I_gt 
_reflns_shell.pdbx_redundancy 
_reflns_shell.pdbx_Rsym_value 
_reflns_shell.pdbx_chi_squared 
_reflns_shell.pdbx_netI_over_sigmaI_all 
_reflns_shell.pdbx_netI_over_sigmaI_obs 
_reflns_shell.pdbx_Rrim_I_all 
_reflns_shell.pdbx_Rpim_I_all 
_reflns_shell.pdbx_rejects 
_reflns_shell.pdbx_ordinal 
_reflns_shell.pdbx_diffrn_id 
_reflns_shell.pdbx_CC_half 
_reflns_shell.pdbx_R_split 
1.880 1.950  ? ? ? ? ? ? 1084 100.000 ? ? ? ? 0.444 ? ? ? ? ? ? ? ? 6.900 ? 1.636 ? ? ? ? ? 1  1 ? ? 
1.950 2.030  ? ? ? ? ? ? 1078 100.000 ? ? ? ? 0.307 ? ? ? ? ? ? ? ? 7.000 ? 1.785 ? ? ? ? ? 2  1 ? ? 
2.030 2.120  ? ? ? ? ? ? 1103 100.000 ? ? ? ? 0.227 ? ? ? ? ? ? ? ? 7.000 ? 1.799 ? ? ? ? ? 3  1 ? ? 
2.120 2.230  ? ? ? ? ? ? 1102 100.000 ? ? ? ? 0.173 ? ? ? ? ? ? ? ? 6.900 ? 1.792 ? ? ? ? ? 4  1 ? ? 
2.230 2.370  ? ? ? ? ? ? 1091 100.000 ? ? ? ? 0.147 ? ? ? ? ? ? ? ? 6.900 ? 1.877 ? ? ? ? ? 5  1 ? ? 
2.370 2.550  ? ? ? ? ? ? 1095 99.900  ? ? ? ? 0.128 ? ? ? ? ? ? ? ? 6.800 ? 1.843 ? ? ? ? ? 6  1 ? ? 
2.550 2.810  ? ? ? ? ? ? 1097 99.900  ? ? ? ? 0.102 ? ? ? ? ? ? ? ? 6.700 ? 1.771 ? ? ? ? ? 7  1 ? ? 
2.810 3.210  ? ? ? ? ? ? 1124 100.000 ? ? ? ? 0.080 ? ? ? ? ? ? ? ? 6.500 ? 1.640 ? ? ? ? ? 8  1 ? ? 
3.210 4.050  ? ? ? ? ? ? 1134 99.700  ? ? ? ? 0.062 ? ? ? ? ? ? ? ? 6.000 ? 1.339 ? ? ? ? ? 9  1 ? ? 
4.050 50.000 ? ? ? ? ? ? 1216 99.000  ? ? ? ? 0.051 ? ? ? ? ? ? ? ? 5.900 ? 1.225 ? ? ? ? ? 10 1 ? ? 
# 
_refine.aniso_B[1][1]                            -0.1600 
_refine.aniso_B[1][2]                            -0.0000 
_refine.aniso_B[1][3]                            0.0000 
_refine.aniso_B[2][2]                            0.0900 
_refine.aniso_B[2][3]                            -0.0000 
_refine.aniso_B[3][3]                            0.0700 
_refine.B_iso_max                                74.230 
_refine.B_iso_mean                               26.8070 
_refine.B_iso_min                                12.960 
_refine.correlation_coeff_Fo_to_Fc               0.9660 
_refine.correlation_coeff_Fo_to_Fc_free          0.9360 
_refine.details                                  
'HYDROGENS HAVE BEEN ADDED IN THE RIDING POSITIONS U VALUES      : REFINED INDIVIDUALLY' 
_refine.diff_density_max                         ? 
_refine.diff_density_max_esd                     ? 
_refine.diff_density_min                         ? 
_refine.diff_density_min_esd                     ? 
_refine.diff_density_rms                         ? 
_refine.diff_density_rms_esd                     ? 
_refine.entry_id                                 6CZV 
_refine.pdbx_refine_id                           'X-RAY DIFFRACTION' 
_refine.ls_abs_structure_details                 ? 
_refine.ls_abs_structure_Flack                   ? 
_refine.ls_abs_structure_Flack_esd               ? 
_refine.ls_abs_structure_Rogers                  ? 
_refine.ls_abs_structure_Rogers_esd              ? 
_refine.ls_d_res_high                            1.8800 
_refine.ls_d_res_low                             34.2400 
_refine.ls_extinction_coef                       ? 
_refine.ls_extinction_coef_esd                   ? 
_refine.ls_extinction_expression                 ? 
_refine.ls_extinction_method                     ? 
_refine.ls_goodness_of_fit_all                   ? 
_refine.ls_goodness_of_fit_all_esd               ? 
_refine.ls_goodness_of_fit_obs                   ? 
_refine.ls_goodness_of_fit_obs_esd               ? 
_refine.ls_hydrogen_treatment                    ? 
_refine.ls_matrix_type                           ? 
_refine.ls_number_constraints                    ? 
_refine.ls_number_parameters                     ? 
_refine.ls_number_reflns_all                     ? 
_refine.ls_number_reflns_obs                     10553 
_refine.ls_number_reflns_R_free                  529 
_refine.ls_number_reflns_R_work                  ? 
_refine.ls_number_restraints                     ? 
_refine.ls_percent_reflns_obs                    99.7400 
_refine.ls_percent_reflns_R_free                 4.8000 
_refine.ls_R_factor_all                          ? 
_refine.ls_R_factor_obs                          0.1652 
_refine.ls_R_factor_R_free                       0.2262 
_refine.ls_R_factor_R_free_error                 ? 
_refine.ls_R_factor_R_free_error_details         ? 
_refine.ls_R_factor_R_work                       0.1620 
_refine.ls_R_Fsqd_factor_obs                     ? 
_refine.ls_R_I_factor_obs                        ? 
_refine.ls_redundancy_reflns_all                 ? 
_refine.ls_redundancy_reflns_obs                 ? 
_refine.ls_restrained_S_all                      ? 
_refine.ls_restrained_S_obs                      ? 
_refine.ls_shift_over_esd_max                    ? 
_refine.ls_shift_over_esd_mean                   ? 
_refine.ls_structure_factor_coef                 ? 
_refine.ls_weighting_details                     ? 
_refine.ls_weighting_scheme                      ? 
_refine.ls_wR_factor_all                         ? 
_refine.ls_wR_factor_obs                         ? 
_refine.ls_wR_factor_R_free                      ? 
_refine.ls_wR_factor_R_work                      ? 
_refine.occupancy_max                            ? 
_refine.occupancy_min                            ? 
_refine.solvent_model_details                    ? 
_refine.solvent_model_param_bsol                 ? 
_refine.solvent_model_param_ksol                 ? 
_refine.ls_R_factor_gt                           ? 
_refine.ls_goodness_of_fit_gt                    ? 
_refine.ls_goodness_of_fit_ref                   ? 
_refine.ls_shift_over_su_max                     ? 
_refine.ls_shift_over_su_max_lt                  ? 
_refine.ls_shift_over_su_mean                    ? 
_refine.ls_shift_over_su_mean_lt                 ? 
_refine.pdbx_ls_sigma_I                          ? 
_refine.pdbx_ls_sigma_F                          0.000 
_refine.pdbx_ls_sigma_Fsqd                       ? 
_refine.pdbx_data_cutoff_high_absF               ? 
_refine.pdbx_data_cutoff_high_rms_absF           ? 
_refine.pdbx_data_cutoff_low_absF                ? 
_refine.pdbx_isotropic_thermal_model             ? 
_refine.pdbx_ls_cross_valid_method               THROUGHOUT 
_refine.pdbx_method_to_determine_struct          ? 
_refine.pdbx_starting_model                      ? 
_refine.pdbx_stereochemistry_target_values       ? 
_refine.pdbx_R_Free_selection_details            RANDOM 
_refine.pdbx_stereochem_target_val_spec_case     ? 
_refine.pdbx_overall_ESU_R                       0.1510 
_refine.pdbx_overall_ESU_R_Free                  0.1510 
_refine.pdbx_solvent_vdw_probe_radii             1.2000 
_refine.pdbx_solvent_ion_probe_radii             0.8000 
_refine.pdbx_solvent_shrinkage_radii             0.8000 
_refine.pdbx_real_space_R                        ? 
_refine.pdbx_density_correlation                 ? 
_refine.pdbx_pd_number_of_powder_patterns        ? 
_refine.pdbx_pd_number_of_points                 ? 
_refine.pdbx_pd_meas_number_of_points            ? 
_refine.pdbx_pd_proc_ls_prof_R_factor            ? 
_refine.pdbx_pd_proc_ls_prof_wR_factor           ? 
_refine.pdbx_pd_Marquardt_correlation_coeff      ? 
_refine.pdbx_pd_Fsqrd_R_factor                   ? 
_refine.pdbx_pd_ls_matrix_band_width             ? 
_refine.pdbx_overall_phase_error                 ? 
_refine.pdbx_overall_SU_R_free_Cruickshank_DPI   ? 
_refine.pdbx_overall_SU_R_free_Blow_DPI          ? 
_refine.pdbx_overall_SU_R_Blow_DPI               ? 
_refine.pdbx_TLS_residual_ADP_flag               ? 
_refine.pdbx_diffrn_id                           1 
_refine.overall_SU_B                             3.3480 
_refine.overall_SU_ML                            0.1000 
_refine.overall_SU_R_Cruickshank_DPI             ? 
_refine.overall_SU_R_free                        ? 
_refine.overall_FOM_free_R_set                   ? 
_refine.overall_FOM_work_R_set                   ? 
_refine.pdbx_average_fsc_overall                 ? 
_refine.pdbx_average_fsc_work                    ? 
_refine.pdbx_average_fsc_free                    ? 
# 
_refine_hist.cycle_id                         final 
_refine_hist.pdbx_refine_id                   'X-RAY DIFFRACTION' 
_refine_hist.d_res_high                       1.8800 
_refine_hist.d_res_low                        34.2400 
_refine_hist.pdbx_number_atoms_ligand         29 
_refine_hist.number_atoms_solvent             176 
_refine_hist.number_atoms_total               1257 
_refine_hist.pdbx_number_residues_total       126 
_refine_hist.pdbx_B_iso_mean_ligand           29.12 
_refine_hist.pdbx_B_iso_mean_solvent          37.33 
_refine_hist.pdbx_number_atoms_protein        1052 
_refine_hist.pdbx_number_atoms_nucleic_acid   0 
# 
loop_
_refine_ls_restr.pdbx_refine_id 
_refine_ls_restr.criterion 
_refine_ls_restr.dev_ideal 
_refine_ls_restr.dev_ideal_target 
_refine_ls_restr.number 
_refine_ls_restr.rejects 
_refine_ls_restr.type 
_refine_ls_restr.weight 
_refine_ls_restr.pdbx_restraint_function 
'X-RAY DIFFRACTION' ? 0.019  0.020  1149 ? r_bond_refined_d       ? ? 
'X-RAY DIFFRACTION' ? 0.003  0.020  1118 ? r_bond_other_d         ? ? 
'X-RAY DIFFRACTION' ? 1.979  1.998  1568 ? r_angle_refined_deg    ? ? 
'X-RAY DIFFRACTION' ? 1.150  3.000  2589 ? r_angle_other_deg      ? ? 
'X-RAY DIFFRACTION' ? 6.474  5.000  137  ? r_dihedral_angle_1_deg ? ? 
'X-RAY DIFFRACTION' ? 41.105 25.926 54   ? r_dihedral_angle_2_deg ? ? 
'X-RAY DIFFRACTION' ? 14.450 15.000 210  ? r_dihedral_angle_3_deg ? ? 
'X-RAY DIFFRACTION' ? 25.841 15.000 3    ? r_dihedral_angle_4_deg ? ? 
'X-RAY DIFFRACTION' ? 0.119  0.200  166  ? r_chiral_restr         ? ? 
'X-RAY DIFFRACTION' ? 0.012  0.021  1279 ? r_gen_planes_refined   ? ? 
'X-RAY DIFFRACTION' ? 0.002  0.020  258  ? r_gen_planes_other     ? ? 
# 
_refine_ls_shell.pdbx_refine_id                   'X-RAY DIFFRACTION' 
_refine_ls_shell.d_res_high                       1.8800 
_refine_ls_shell.d_res_low                        1.9290 
_refine_ls_shell.number_reflns_all                801 
_refine_ls_shell.number_reflns_obs                ? 
_refine_ls_shell.number_reflns_R_free             39 
_refine_ls_shell.number_reflns_R_work             762 
_refine_ls_shell.percent_reflns_obs               98.7700 
_refine_ls_shell.percent_reflns_R_free            ? 
_refine_ls_shell.R_factor_all                     ? 
_refine_ls_shell.R_factor_obs                     ? 
_refine_ls_shell.R_factor_R_free                  0.2980 
_refine_ls_shell.R_factor_R_free_error            0.0000 
_refine_ls_shell.R_factor_R_work                  0.2010 
_refine_ls_shell.redundancy_reflns_all            ? 
_refine_ls_shell.redundancy_reflns_obs            ? 
_refine_ls_shell.wR_factor_all                    ? 
_refine_ls_shell.wR_factor_obs                    ? 
_refine_ls_shell.wR_factor_R_free                 ? 
_refine_ls_shell.wR_factor_R_work                 ? 
_refine_ls_shell.pdbx_total_number_of_bins_used   20 
_refine_ls_shell.pdbx_phase_error                 ? 
_refine_ls_shell.pdbx_fsc_work                    ? 
_refine_ls_shell.pdbx_fsc_free                    ? 
# 
_struct.entry_id                     6CZV 
_struct.title                        'BRD4(BD1) complexed with 2759' 
_struct.pdbx_model_details           ? 
_struct.pdbx_formula_weight          ? 
_struct.pdbx_formula_weight_method   ? 
_struct.pdbx_model_type_details      ? 
_struct.pdbx_CASP_flag               N 
# 
_struct_keywords.entry_id        6CZV 
_struct_keywords.text            'BRD4(BD1), Bromodomain, TRANSCRIPTION-INHIBITOR complex' 
_struct_keywords.pdbx_keywords   TRANSCRIPTION/INHIBITOR 
# 
loop_
_struct_asym.id 
_struct_asym.pdbx_blank_PDB_chainid_flag 
_struct_asym.pdbx_modified 
_struct_asym.entity_id 
_struct_asym.details 
A N N 1 ? 
B N N 2 ? 
C N N 3 ? 
D N N 3 ? 
E N N 4 ? 
# 
_struct_ref.id                         1 
_struct_ref.db_name                    UNP 
_struct_ref.db_code                    BRD4_HUMAN 
_struct_ref.pdbx_db_accession          O60885 
_struct_ref.pdbx_db_isoform            ? 
_struct_ref.entity_id                  1 
_struct_ref.pdbx_seq_one_letter_code   
;STNPPPPETSNPNKPKRQTNQLQYLLRVVLKTLWKHQFAWPFQQPVDAVKLNLPDYYKIIKTPMDMGTIKKRLENNYYWN
AQECIQDFNTMFTNCYIYNKPGDDIVLMAEALEKLFLQKINELPTEETE
;
_struct_ref.pdbx_align_begin           42 
# 
_struct_ref_seq.align_id                      1 
_struct_ref_seq.ref_id                        1 
_struct_ref_seq.pdbx_PDB_id_code              6CZV 
_struct_ref_seq.pdbx_strand_id                A 
_struct_ref_seq.seq_align_beg                 1 
_struct_ref_seq.pdbx_seq_align_beg_ins_code   ? 
_struct_ref_seq.seq_align_end                 129 
_struct_ref_seq.pdbx_seq_align_end_ins_code   ? 
_struct_ref_seq.pdbx_db_accession             O60885 
_struct_ref_seq.db_align_beg                  42 
_struct_ref_seq.pdbx_db_align_beg_ins_code    ? 
_struct_ref_seq.db_align_end                  170 
_struct_ref_seq.pdbx_db_align_end_ins_code    ? 
_struct_ref_seq.pdbx_auth_seq_align_beg       42 
_struct_ref_seq.pdbx_auth_seq_align_end       170 
# 
_struct_ref_seq_dif.align_id                     1 
_struct_ref_seq_dif.pdbx_pdb_id_code             6CZV 
_struct_ref_seq_dif.mon_id                       MET 
_struct_ref_seq_dif.pdbx_pdb_strand_id           A 
_struct_ref_seq_dif.seq_num                      2 
_struct_ref_seq_dif.pdbx_pdb_ins_code            ? 
_struct_ref_seq_dif.pdbx_seq_db_name             UNP 
_struct_ref_seq_dif.pdbx_seq_db_accession_code   O60885 
_struct_ref_seq_dif.db_mon_id                    THR 
_struct_ref_seq_dif.pdbx_seq_db_seq_num          43 
_struct_ref_seq_dif.details                      conflict 
_struct_ref_seq_dif.pdbx_auth_seq_num            43 
_struct_ref_seq_dif.pdbx_ordinal                 1 
# 
_pdbx_struct_assembly.id                   1 
_pdbx_struct_assembly.details              author_and_software_defined_assembly 
_pdbx_struct_assembly.method_details       PISA 
_pdbx_struct_assembly.oligomeric_details   monomeric 
_pdbx_struct_assembly.oligomeric_count     1 
# 
_pdbx_struct_assembly_gen.assembly_id       1 
_pdbx_struct_assembly_gen.oper_expression   1 
_pdbx_struct_assembly_gen.asym_id_list      A,B,C,D,E 
# 
_pdbx_struct_assembly_auth_evidence.id                     1 
_pdbx_struct_assembly_auth_evidence.assembly_id            1 
_pdbx_struct_assembly_auth_evidence.experimental_support   'gel filtration' 
_pdbx_struct_assembly_auth_evidence.details                MONOMERIC 
# 
_pdbx_struct_oper_list.id                   1 
_pdbx_struct_oper_list.type                 'identity operation' 
_pdbx_struct_oper_list.name                 1_555 
_pdbx_struct_oper_list.symmetry_operation   x,y,z 
_pdbx_struct_oper_list.matrix[1][1]         1.0000000000 
_pdbx_struct_oper_list.matrix[1][2]         0.0000000000 
_pdbx_struct_oper_list.matrix[1][3]         0.0000000000 
_pdbx_struct_oper_list.vector[1]            0.0000000000 
_pdbx_struct_oper_list.matrix[2][1]         0.0000000000 
_pdbx_struct_oper_list.matrix[2][2]         1.0000000000 
_pdbx_struct_oper_list.matrix[2][3]         0.0000000000 
_pdbx_struct_oper_list.vector[2]            0.0000000000 
_pdbx_struct_oper_list.matrix[3][1]         0.0000000000 
_pdbx_struct_oper_list.matrix[3][2]         0.0000000000 
_pdbx_struct_oper_list.matrix[3][3]         1.0000000000 
_pdbx_struct_oper_list.vector[3]            0.0000000000 
# 
loop_
_struct_conf.conf_type_id 
_struct_conf.id 
_struct_conf.pdbx_PDB_helix_id 
_struct_conf.beg_label_comp_id 
_struct_conf.beg_label_asym_id 
_struct_conf.beg_label_seq_id 
_struct_conf.pdbx_beg_PDB_ins_code 
_struct_conf.end_label_comp_id 
_struct_conf.end_label_asym_id 
_struct_conf.end_label_seq_id 
_struct_conf.pdbx_end_PDB_ins_code 
_struct_conf.beg_auth_comp_id 
_struct_conf.beg_auth_asym_id 
_struct_conf.beg_auth_seq_id 
_struct_conf.end_auth_comp_id 
_struct_conf.end_auth_asym_id 
_struct_conf.end_auth_seq_id 
_struct_conf.pdbx_PDB_helix_class 
_struct_conf.details 
_struct_conf.pdbx_PDB_helix_length 
HELX_P HELX_P1 AA1 THR A 19  ? VAL A 28  ? THR A 60  VAL A 69  1 ? 10 
HELX_P HELX_P2 AA2 VAL A 28  ? LYS A 35  ? VAL A 69  LYS A 76  1 ? 8  
HELX_P HELX_P3 AA3 ALA A 39  ? GLN A 43  ? ALA A 80  GLN A 84  5 ? 5  
HELX_P HELX_P4 AA4 ASP A 55  ? ILE A 60  ? ASP A 96  ILE A 101 1 ? 6  
HELX_P HELX_P5 AA5 ASP A 65  ? ASN A 75  ? ASP A 106 ASN A 116 1 ? 11 
HELX_P HELX_P6 AA6 ASN A 80  ? ASN A 99  ? ASN A 121 ASN A 140 1 ? 20 
HELX_P HELX_P7 AA7 ASP A 103 ? ASN A 121 ? ASP A 144 ASN A 162 1 ? 19 
# 
_struct_conf_type.id          HELX_P 
_struct_conf_type.criteria    ? 
_struct_conf_type.reference   ? 
# 
loop_
_struct_site.id 
_struct_site.pdbx_evidence_code 
_struct_site.pdbx_auth_asym_id 
_struct_site.pdbx_auth_comp_id 
_struct_site.pdbx_auth_seq_id 
_struct_site.pdbx_auth_ins_code 
_struct_site.pdbx_num_residues 
_struct_site.details 
AC1 Software A FOY 201 ? 7 'binding site for residue FOY A 201' 
AC2 Software A EDO 202 ? 9 'binding site for residue EDO A 202' 
AC3 Software A EDO 203 ? 7 'binding site for residue EDO A 203' 
# 
loop_
_struct_site_gen.id 
_struct_site_gen.site_id 
_struct_site_gen.pdbx_num_res 
_struct_site_gen.label_comp_id 
_struct_site_gen.label_asym_id 
_struct_site_gen.label_seq_id 
_struct_site_gen.pdbx_auth_ins_code 
_struct_site_gen.auth_comp_id 
_struct_site_gen.auth_asym_id 
_struct_site_gen.auth_seq_id 
_struct_site_gen.label_atom_id 
_struct_site_gen.label_alt_id 
_struct_site_gen.symmetry 
_struct_site_gen.details 
1  AC1 7 TRP A 40  ? TRP A 81  . ? 1_555 ? 
2  AC1 7 PRO A 41  ? PRO A 82  . ? 1_555 ? 
3  AC1 7 PHE A 42  ? PHE A 83  . ? 1_555 ? 
4  AC1 7 LEU A 53  ? LEU A 94  . ? 1_555 ? 
5  AC1 7 LYS A 58  ? LYS A 99  . ? 4_545 ? 
6  AC1 7 ASN A 99  ? ASN A 140 . ? 1_555 ? 
7  AC1 7 HOH E .   ? HOH A 311 . ? 1_555 ? 
8  AC2 9 ARG A 17  ? ARG A 58  . ? 1_555 ? 
9  AC2 9 GLN A 18  ? GLN A 59  . ? 1_555 ? 
10 AC2 9 LEU A 22  ? LEU A 63  . ? 1_555 ? 
11 AC2 9 ARG A 72  ? ARG A 113 . ? 1_555 ? 
12 AC2 9 ASN A 76  ? ASN A 117 . ? 1_555 ? 
13 AC2 9 TYR A 77  ? TYR A 118 . ? 1_555 ? 
14 AC2 9 TYR A 78  ? TYR A 119 . ? 1_555 ? 
15 AC2 9 HOH E .   ? HOH A 307 . ? 1_555 ? 
16 AC2 9 HOH E .   ? HOH A 309 . ? 1_555 ? 
17 AC3 7 HIS A 36  ? HIS A 77  . ? 1_555 ? 
18 AC3 7 GLN A 37  ? GLN A 78  . ? 1_555 ? 
19 AC3 7 GLU A 113 ? GLU A 154 . ? 4_555 ? 
20 AC3 7 LEU A 117 ? LEU A 158 . ? 4_555 ? 
21 AC3 7 HOH E .   ? HOH A 306 . ? 4_555 ? 
22 AC3 7 HOH E .   ? HOH A 320 . ? 1_555 ? 
23 AC3 7 HOH E .   ? HOH A 410 . ? 1_555 ? 
# 
_pdbx_validate_close_contact.id               1 
_pdbx_validate_close_contact.PDB_model_num    1 
_pdbx_validate_close_contact.auth_atom_id_1   OD1 
_pdbx_validate_close_contact.auth_asym_id_1   A 
_pdbx_validate_close_contact.auth_comp_id_1   ASN 
_pdbx_validate_close_contact.auth_seq_id_1    61 
_pdbx_validate_close_contact.PDB_ins_code_1   ? 
_pdbx_validate_close_contact.label_alt_id_1   ? 
_pdbx_validate_close_contact.auth_atom_id_2   O 
_pdbx_validate_close_contact.auth_asym_id_2   A 
_pdbx_validate_close_contact.auth_comp_id_2   HOH 
_pdbx_validate_close_contact.auth_seq_id_2    301 
_pdbx_validate_close_contact.PDB_ins_code_2   ? 
_pdbx_validate_close_contact.label_alt_id_2   ? 
_pdbx_validate_close_contact.dist             2.13 
# 
_pdbx_validate_rmsd_angle.id                         1 
_pdbx_validate_rmsd_angle.PDB_model_num              1 
_pdbx_validate_rmsd_angle.auth_atom_id_1             NE 
_pdbx_validate_rmsd_angle.auth_asym_id_1             A 
_pdbx_validate_rmsd_angle.auth_comp_id_1             ARG 
_pdbx_validate_rmsd_angle.auth_seq_id_1              113 
_pdbx_validate_rmsd_angle.PDB_ins_code_1             ? 
_pdbx_validate_rmsd_angle.label_alt_id_1             ? 
_pdbx_validate_rmsd_angle.auth_atom_id_2             CZ 
_pdbx_validate_rmsd_angle.auth_asym_id_2             A 
_pdbx_validate_rmsd_angle.auth_comp_id_2             ARG 
_pdbx_validate_rmsd_angle.auth_seq_id_2              113 
_pdbx_validate_rmsd_angle.PDB_ins_code_2             ? 
_pdbx_validate_rmsd_angle.label_alt_id_2             ? 
_pdbx_validate_rmsd_angle.auth_atom_id_3             NH1 
_pdbx_validate_rmsd_angle.auth_asym_id_3             A 
_pdbx_validate_rmsd_angle.auth_comp_id_3             ARG 
_pdbx_validate_rmsd_angle.auth_seq_id_3              113 
_pdbx_validate_rmsd_angle.PDB_ins_code_3             ? 
_pdbx_validate_rmsd_angle.label_alt_id_3             ? 
_pdbx_validate_rmsd_angle.angle_value                123.83 
_pdbx_validate_rmsd_angle.angle_target_value         120.30 
_pdbx_validate_rmsd_angle.angle_deviation            3.53 
_pdbx_validate_rmsd_angle.angle_standard_deviation   0.50 
_pdbx_validate_rmsd_angle.linker_flag                N 
# 
_pdbx_validate_torsion.id              1 
_pdbx_validate_torsion.PDB_model_num   1 
_pdbx_validate_torsion.auth_comp_id    ASN 
_pdbx_validate_torsion.auth_asym_id    A 
_pdbx_validate_torsion.auth_seq_id     52 
_pdbx_validate_torsion.PDB_ins_code    ? 
_pdbx_validate_torsion.label_alt_id    ? 
_pdbx_validate_torsion.phi             -164.14 
_pdbx_validate_torsion.psi             101.95 
# 
_pdbx_validate_peptide_omega.id               1 
_pdbx_validate_peptide_omega.PDB_model_num    1 
_pdbx_validate_peptide_omega.auth_comp_id_1   THR 
_pdbx_validate_peptide_omega.auth_asym_id_1   A 
_pdbx_validate_peptide_omega.auth_seq_id_1    166 
_pdbx_validate_peptide_omega.PDB_ins_code_1   ? 
_pdbx_validate_peptide_omega.label_alt_id_1   ? 
_pdbx_validate_peptide_omega.auth_comp_id_2   GLU 
_pdbx_validate_peptide_omega.auth_asym_id_2   A 
_pdbx_validate_peptide_omega.auth_seq_id_2    167 
_pdbx_validate_peptide_omega.PDB_ins_code_2   ? 
_pdbx_validate_peptide_omega.label_alt_id_2   ? 
_pdbx_validate_peptide_omega.omega            148.63 
# 
loop_
_pdbx_unobs_or_zero_occ_residues.id 
_pdbx_unobs_or_zero_occ_residues.PDB_model_num 
_pdbx_unobs_or_zero_occ_residues.polymer_flag 
_pdbx_unobs_or_zero_occ_residues.occupancy_flag 
_pdbx_unobs_or_zero_occ_residues.auth_asym_id 
_pdbx_unobs_or_zero_occ_residues.auth_comp_id 
_pdbx_unobs_or_zero_occ_residues.auth_seq_id 
_pdbx_unobs_or_zero_occ_residues.PDB_ins_code 
_pdbx_unobs_or_zero_occ_residues.label_asym_id 
_pdbx_unobs_or_zero_occ_residues.label_comp_id 
_pdbx_unobs_or_zero_occ_residues.label_seq_id 
1 1 Y 1 A GLU 168 ? A GLU 127 
2 1 Y 1 A THR 169 ? A THR 128 
3 1 Y 1 A GLU 170 ? A GLU 129 
# 
loop_
_chem_comp_atom.comp_id 
_chem_comp_atom.atom_id 
_chem_comp_atom.type_symbol 
_chem_comp_atom.pdbx_aromatic_flag 
_chem_comp_atom.pdbx_stereo_config 
_chem_comp_atom.pdbx_ordinal 
ALA N    N N N 1   
ALA CA   C N S 2   
ALA C    C N N 3   
ALA O    O N N 4   
ALA CB   C N N 5   
ALA OXT  O N N 6   
ALA H    H N N 7   
ALA H2   H N N 8   
ALA HA   H N N 9   
ALA HB1  H N N 10  
ALA HB2  H N N 11  
ALA HB3  H N N 12  
ALA HXT  H N N 13  
ARG N    N N N 14  
ARG CA   C N S 15  
ARG C    C N N 16  
ARG O    O N N 17  
ARG CB   C N N 18  
ARG CG   C N N 19  
ARG CD   C N N 20  
ARG NE   N N N 21  
ARG CZ   C N N 22  
ARG NH1  N N N 23  
ARG NH2  N N N 24  
ARG OXT  O N N 25  
ARG H    H N N 26  
ARG H2   H N N 27  
ARG HA   H N N 28  
ARG HB2  H N N 29  
ARG HB3  H N N 30  
ARG HG2  H N N 31  
ARG HG3  H N N 32  
ARG HD2  H N N 33  
ARG HD3  H N N 34  
ARG HE   H N N 35  
ARG HH11 H N N 36  
ARG HH12 H N N 37  
ARG HH21 H N N 38  
ARG HH22 H N N 39  
ARG HXT  H N N 40  
ASN N    N N N 41  
ASN CA   C N S 42  
ASN C    C N N 43  
ASN O    O N N 44  
ASN CB   C N N 45  
ASN CG   C N N 46  
ASN OD1  O N N 47  
ASN ND2  N N N 48  
ASN OXT  O N N 49  
ASN H    H N N 50  
ASN H2   H N N 51  
ASN HA   H N N 52  
ASN HB2  H N N 53  
ASN HB3  H N N 54  
ASN HD21 H N N 55  
ASN HD22 H N N 56  
ASN HXT  H N N 57  
ASP N    N N N 58  
ASP CA   C N S 59  
ASP C    C N N 60  
ASP O    O N N 61  
ASP CB   C N N 62  
ASP CG   C N N 63  
ASP OD1  O N N 64  
ASP OD2  O N N 65  
ASP OXT  O N N 66  
ASP H    H N N 67  
ASP H2   H N N 68  
ASP HA   H N N 69  
ASP HB2  H N N 70  
ASP HB3  H N N 71  
ASP HD2  H N N 72  
ASP HXT  H N N 73  
CYS N    N N N 74  
CYS CA   C N R 75  
CYS C    C N N 76  
CYS O    O N N 77  
CYS CB   C N N 78  
CYS SG   S N N 79  
CYS OXT  O N N 80  
CYS H    H N N 81  
CYS H2   H N N 82  
CYS HA   H N N 83  
CYS HB2  H N N 84  
CYS HB3  H N N 85  
CYS HG   H N N 86  
CYS HXT  H N N 87  
EDO C1   C N N 88  
EDO O1   O N N 89  
EDO C2   C N N 90  
EDO O2   O N N 91  
EDO H11  H N N 92  
EDO H12  H N N 93  
EDO HO1  H N N 94  
EDO H21  H N N 95  
EDO H22  H N N 96  
EDO HO2  H N N 97  
FOY O2   O N N 98  
FOY C15  C N N 99  
FOY N2   N N N 100 
FOY C8   C N N 101 
FOY C9   C Y N 102 
FOY C10  C Y N 103 
FOY C11  C Y N 104 
FOY C12  C Y N 105 
FOY C13  C Y N 106 
FOY C14  C Y N 107 
FOY C7   C N N 108 
FOY C6   C N N 109 
FOY C17  C N N 110 
FOY C16  C N N 111 
FOY C5   C Y N 112 
FOY C2   C Y N 113 
FOY C1   C N N 114 
FOY O1   O Y N 115 
FOY N1   N Y N 116 
FOY C3   C Y N 117 
FOY C4   C N N 118 
FOY H1   H N N 119 
FOY H2   H N N 120 
FOY H3   H N N 121 
FOY H4   H N N 122 
FOY H5   H N N 123 
FOY H6   H N N 124 
FOY H7   H N N 125 
FOY H8   H N N 126 
FOY H9   H N N 127 
FOY H10  H N N 128 
FOY H11  H N N 129 
FOY H12  H N N 130 
FOY H13  H N N 131 
FOY H14  H N N 132 
FOY H15  H N N 133 
FOY H16  H N N 134 
GLN N    N N N 135 
GLN CA   C N S 136 
GLN C    C N N 137 
GLN O    O N N 138 
GLN CB   C N N 139 
GLN CG   C N N 140 
GLN CD   C N N 141 
GLN OE1  O N N 142 
GLN NE2  N N N 143 
GLN OXT  O N N 144 
GLN H    H N N 145 
GLN H2   H N N 146 
GLN HA   H N N 147 
GLN HB2  H N N 148 
GLN HB3  H N N 149 
GLN HG2  H N N 150 
GLN HG3  H N N 151 
GLN HE21 H N N 152 
GLN HE22 H N N 153 
GLN HXT  H N N 154 
GLU N    N N N 155 
GLU CA   C N S 156 
GLU C    C N N 157 
GLU O    O N N 158 
GLU CB   C N N 159 
GLU CG   C N N 160 
GLU CD   C N N 161 
GLU OE1  O N N 162 
GLU OE2  O N N 163 
GLU OXT  O N N 164 
GLU H    H N N 165 
GLU H2   H N N 166 
GLU HA   H N N 167 
GLU HB2  H N N 168 
GLU HB3  H N N 169 
GLU HG2  H N N 170 
GLU HG3  H N N 171 
GLU HE2  H N N 172 
GLU HXT  H N N 173 
GLY N    N N N 174 
GLY CA   C N N 175 
GLY C    C N N 176 
GLY O    O N N 177 
GLY OXT  O N N 178 
GLY H    H N N 179 
GLY H2   H N N 180 
GLY HA2  H N N 181 
GLY HA3  H N N 182 
GLY HXT  H N N 183 
HIS N    N N N 184 
HIS CA   C N S 185 
HIS C    C N N 186 
HIS O    O N N 187 
HIS CB   C N N 188 
HIS CG   C Y N 189 
HIS ND1  N Y N 190 
HIS CD2  C Y N 191 
HIS CE1  C Y N 192 
HIS NE2  N Y N 193 
HIS OXT  O N N 194 
HIS H    H N N 195 
HIS H2   H N N 196 
HIS HA   H N N 197 
HIS HB2  H N N 198 
HIS HB3  H N N 199 
HIS HD1  H N N 200 
HIS HD2  H N N 201 
HIS HE1  H N N 202 
HIS HE2  H N N 203 
HIS HXT  H N N 204 
HOH O    O N N 205 
HOH H1   H N N 206 
HOH H2   H N N 207 
ILE N    N N N 208 
ILE CA   C N S 209 
ILE C    C N N 210 
ILE O    O N N 211 
ILE CB   C N S 212 
ILE CG1  C N N 213 
ILE CG2  C N N 214 
ILE CD1  C N N 215 
ILE OXT  O N N 216 
ILE H    H N N 217 
ILE H2   H N N 218 
ILE HA   H N N 219 
ILE HB   H N N 220 
ILE HG12 H N N 221 
ILE HG13 H N N 222 
ILE HG21 H N N 223 
ILE HG22 H N N 224 
ILE HG23 H N N 225 
ILE HD11 H N N 226 
ILE HD12 H N N 227 
ILE HD13 H N N 228 
ILE HXT  H N N 229 
LEU N    N N N 230 
LEU CA   C N S 231 
LEU C    C N N 232 
LEU O    O N N 233 
LEU CB   C N N 234 
LEU CG   C N N 235 
LEU CD1  C N N 236 
LEU CD2  C N N 237 
LEU OXT  O N N 238 
LEU H    H N N 239 
LEU H2   H N N 240 
LEU HA   H N N 241 
LEU HB2  H N N 242 
LEU HB3  H N N 243 
LEU HG   H N N 244 
LEU HD11 H N N 245 
LEU HD12 H N N 246 
LEU HD13 H N N 247 
LEU HD21 H N N 248 
LEU HD22 H N N 249 
LEU HD23 H N N 250 
LEU HXT  H N N 251 
LYS N    N N N 252 
LYS CA   C N S 253 
LYS C    C N N 254 
LYS O    O N N 255 
LYS CB   C N N 256 
LYS CG   C N N 257 
LYS CD   C N N 258 
LYS CE   C N N 259 
LYS NZ   N N N 260 
LYS OXT  O N N 261 
LYS H    H N N 262 
LYS H2   H N N 263 
LYS HA   H N N 264 
LYS HB2  H N N 265 
LYS HB3  H N N 266 
LYS HG2  H N N 267 
LYS HG3  H N N 268 
LYS HD2  H N N 269 
LYS HD3  H N N 270 
LYS HE2  H N N 271 
LYS HE3  H N N 272 
LYS HZ1  H N N 273 
LYS HZ2  H N N 274 
LYS HZ3  H N N 275 
LYS HXT  H N N 276 
MET N    N N N 277 
MET CA   C N S 278 
MET C    C N N 279 
MET O    O N N 280 
MET CB   C N N 281 
MET CG   C N N 282 
MET SD   S N N 283 
MET CE   C N N 284 
MET OXT  O N N 285 
MET H    H N N 286 
MET H2   H N N 287 
MET HA   H N N 288 
MET HB2  H N N 289 
MET HB3  H N N 290 
MET HG2  H N N 291 
MET HG3  H N N 292 
MET HE1  H N N 293 
MET HE2  H N N 294 
MET HE3  H N N 295 
MET HXT  H N N 296 
PHE N    N N N 297 
PHE CA   C N S 298 
PHE C    C N N 299 
PHE O    O N N 300 
PHE CB   C N N 301 
PHE CG   C Y N 302 
PHE CD1  C Y N 303 
PHE CD2  C Y N 304 
PHE CE1  C Y N 305 
PHE CE2  C Y N 306 
PHE CZ   C Y N 307 
PHE OXT  O N N 308 
PHE H    H N N 309 
PHE H2   H N N 310 
PHE HA   H N N 311 
PHE HB2  H N N 312 
PHE HB3  H N N 313 
PHE HD1  H N N 314 
PHE HD2  H N N 315 
PHE HE1  H N N 316 
PHE HE2  H N N 317 
PHE HZ   H N N 318 
PHE HXT  H N N 319 
PRO N    N N N 320 
PRO CA   C N S 321 
PRO C    C N N 322 
PRO O    O N N 323 
PRO CB   C N N 324 
PRO CG   C N N 325 
PRO CD   C N N 326 
PRO OXT  O N N 327 
PRO H    H N N 328 
PRO HA   H N N 329 
PRO HB2  H N N 330 
PRO HB3  H N N 331 
PRO HG2  H N N 332 
PRO HG3  H N N 333 
PRO HD2  H N N 334 
PRO HD3  H N N 335 
PRO HXT  H N N 336 
SER N    N N N 337 
SER CA   C N S 338 
SER C    C N N 339 
SER O    O N N 340 
SER CB   C N N 341 
SER OG   O N N 342 
SER OXT  O N N 343 
SER H    H N N 344 
SER H2   H N N 345 
SER HA   H N N 346 
SER HB2  H N N 347 
SER HB3  H N N 348 
SER HG   H N N 349 
SER HXT  H N N 350 
THR N    N N N 351 
THR CA   C N S 352 
THR C    C N N 353 
THR O    O N N 354 
THR CB   C N R 355 
THR OG1  O N N 356 
THR CG2  C N N 357 
THR OXT  O N N 358 
THR H    H N N 359 
THR H2   H N N 360 
THR HA   H N N 361 
THR HB   H N N 362 
THR HG1  H N N 363 
THR HG21 H N N 364 
THR HG22 H N N 365 
THR HG23 H N N 366 
THR HXT  H N N 367 
TRP N    N N N 368 
TRP CA   C N S 369 
TRP C    C N N 370 
TRP O    O N N 371 
TRP CB   C N N 372 
TRP CG   C Y N 373 
TRP CD1  C Y N 374 
TRP CD2  C Y N 375 
TRP NE1  N Y N 376 
TRP CE2  C Y N 377 
TRP CE3  C Y N 378 
TRP CZ2  C Y N 379 
TRP CZ3  C Y N 380 
TRP CH2  C Y N 381 
TRP OXT  O N N 382 
TRP H    H N N 383 
TRP H2   H N N 384 
TRP HA   H N N 385 
TRP HB2  H N N 386 
TRP HB3  H N N 387 
TRP HD1  H N N 388 
TRP HE1  H N N 389 
TRP HE3  H N N 390 
TRP HZ2  H N N 391 
TRP HZ3  H N N 392 
TRP HH2  H N N 393 
TRP HXT  H N N 394 
TYR N    N N N 395 
TYR CA   C N S 396 
TYR C    C N N 397 
TYR O    O N N 398 
TYR CB   C N N 399 
TYR CG   C Y N 400 
TYR CD1  C Y N 401 
TYR CD2  C Y N 402 
TYR CE1  C Y N 403 
TYR CE2  C Y N 404 
TYR CZ   C Y N 405 
TYR OH   O N N 406 
TYR OXT  O N N 407 
TYR H    H N N 408 
TYR H2   H N N 409 
TYR HA   H N N 410 
TYR HB2  H N N 411 
TYR HB3  H N N 412 
TYR HD1  H N N 413 
TYR HD2  H N N 414 
TYR HE1  H N N 415 
TYR HE2  H N N 416 
TYR HH   H N N 417 
TYR HXT  H N N 418 
VAL N    N N N 419 
VAL CA   C N S 420 
VAL C    C N N 421 
VAL O    O N N 422 
VAL CB   C N N 423 
VAL CG1  C N N 424 
VAL CG2  C N N 425 
VAL OXT  O N N 426 
VAL H    H N N 427 
VAL H2   H N N 428 
VAL HA   H N N 429 
VAL HB   H N N 430 
VAL HG11 H N N 431 
VAL HG12 H N N 432 
VAL HG13 H N N 433 
VAL HG21 H N N 434 
VAL HG22 H N N 435 
VAL HG23 H N N 436 
VAL HXT  H N N 437 
# 
loop_
_chem_comp_bond.comp_id 
_chem_comp_bond.atom_id_1 
_chem_comp_bond.atom_id_2 
_chem_comp_bond.value_order 
_chem_comp_bond.pdbx_aromatic_flag 
_chem_comp_bond.pdbx_stereo_config 
_chem_comp_bond.pdbx_ordinal 
ALA N   CA   sing N N 1   
ALA N   H    sing N N 2   
ALA N   H2   sing N N 3   
ALA CA  C    sing N N 4   
ALA CA  CB   sing N N 5   
ALA CA  HA   sing N N 6   
ALA C   O    doub N N 7   
ALA C   OXT  sing N N 8   
ALA CB  HB1  sing N N 9   
ALA CB  HB2  sing N N 10  
ALA CB  HB3  sing N N 11  
ALA OXT HXT  sing N N 12  
ARG N   CA   sing N N 13  
ARG N   H    sing N N 14  
ARG N   H2   sing N N 15  
ARG CA  C    sing N N 16  
ARG CA  CB   sing N N 17  
ARG CA  HA   sing N N 18  
ARG C   O    doub N N 19  
ARG C   OXT  sing N N 20  
ARG CB  CG   sing N N 21  
ARG CB  HB2  sing N N 22  
ARG CB  HB3  sing N N 23  
ARG CG  CD   sing N N 24  
ARG CG  HG2  sing N N 25  
ARG CG  HG3  sing N N 26  
ARG CD  NE   sing N N 27  
ARG CD  HD2  sing N N 28  
ARG CD  HD3  sing N N 29  
ARG NE  CZ   sing N N 30  
ARG NE  HE   sing N N 31  
ARG CZ  NH1  sing N N 32  
ARG CZ  NH2  doub N N 33  
ARG NH1 HH11 sing N N 34  
ARG NH1 HH12 sing N N 35  
ARG NH2 HH21 sing N N 36  
ARG NH2 HH22 sing N N 37  
ARG OXT HXT  sing N N 38  
ASN N   CA   sing N N 39  
ASN N   H    sing N N 40  
ASN N   H2   sing N N 41  
ASN CA  C    sing N N 42  
ASN CA  CB   sing N N 43  
ASN CA  HA   sing N N 44  
ASN C   O    doub N N 45  
ASN C   OXT  sing N N 46  
ASN CB  CG   sing N N 47  
ASN CB  HB2  sing N N 48  
ASN CB  HB3  sing N N 49  
ASN CG  OD1  doub N N 50  
ASN CG  ND2  sing N N 51  
ASN ND2 HD21 sing N N 52  
ASN ND2 HD22 sing N N 53  
ASN OXT HXT  sing N N 54  
ASP N   CA   sing N N 55  
ASP N   H    sing N N 56  
ASP N   H2   sing N N 57  
ASP CA  C    sing N N 58  
ASP CA  CB   sing N N 59  
ASP CA  HA   sing N N 60  
ASP C   O    doub N N 61  
ASP C   OXT  sing N N 62  
ASP CB  CG   sing N N 63  
ASP CB  HB2  sing N N 64  
ASP CB  HB3  sing N N 65  
ASP CG  OD1  doub N N 66  
ASP CG  OD2  sing N N 67  
ASP OD2 HD2  sing N N 68  
ASP OXT HXT  sing N N 69  
CYS N   CA   sing N N 70  
CYS N   H    sing N N 71  
CYS N   H2   sing N N 72  
CYS CA  C    sing N N 73  
CYS CA  CB   sing N N 74  
CYS CA  HA   sing N N 75  
CYS C   O    doub N N 76  
CYS C   OXT  sing N N 77  
CYS CB  SG   sing N N 78  
CYS CB  HB2  sing N N 79  
CYS CB  HB3  sing N N 80  
CYS SG  HG   sing N N 81  
CYS OXT HXT  sing N N 82  
EDO C1  O1   sing N N 83  
EDO C1  C2   sing N N 84  
EDO C1  H11  sing N N 85  
EDO C1  H12  sing N N 86  
EDO O1  HO1  sing N N 87  
EDO C2  O2   sing N N 88  
EDO C2  H21  sing N N 89  
EDO C2  H22  sing N N 90  
EDO O2  HO2  sing N N 91  
FOY C4  C3   sing N N 92  
FOY C17 C16  doub N N 93  
FOY C17 C6   sing N N 94  
FOY C16 C15  sing N N 95  
FOY C3  N1   doub Y N 96  
FOY C3  C5   sing Y N 97  
FOY N1  O1   sing Y N 98  
FOY C5  C6   sing N N 99  
FOY C5  C2   doub Y N 100 
FOY C6  C7   doub N N 101 
FOY C15 O2   doub N N 102 
FOY C15 N2   sing N N 103 
FOY O1  C2   sing Y N 104 
FOY C2  C1   sing N N 105 
FOY C7  N2   sing N N 106 
FOY N2  C8   sing N N 107 
FOY C8  C9   sing N N 108 
FOY C10 C9   doub Y N 109 
FOY C10 C11  sing Y N 110 
FOY C9  C14  sing Y N 111 
FOY C11 C12  doub Y N 112 
FOY C14 C13  doub Y N 113 
FOY C12 C13  sing Y N 114 
FOY C8  H1   sing N N 115 
FOY C8  H2   sing N N 116 
FOY C10 H3   sing N N 117 
FOY C11 H4   sing N N 118 
FOY C12 H5   sing N N 119 
FOY C13 H6   sing N N 120 
FOY C14 H7   sing N N 121 
FOY C7  H8   sing N N 122 
FOY C17 H9   sing N N 123 
FOY C16 H10  sing N N 124 
FOY C1  H11  sing N N 125 
FOY C1  H12  sing N N 126 
FOY C1  H13  sing N N 127 
FOY C4  H14  sing N N 128 
FOY C4  H15  sing N N 129 
FOY C4  H16  sing N N 130 
GLN N   CA   sing N N 131 
GLN N   H    sing N N 132 
GLN N   H2   sing N N 133 
GLN CA  C    sing N N 134 
GLN CA  CB   sing N N 135 
GLN CA  HA   sing N N 136 
GLN C   O    doub N N 137 
GLN C   OXT  sing N N 138 
GLN CB  CG   sing N N 139 
GLN CB  HB2  sing N N 140 
GLN CB  HB3  sing N N 141 
GLN CG  CD   sing N N 142 
GLN CG  HG2  sing N N 143 
GLN CG  HG3  sing N N 144 
GLN CD  OE1  doub N N 145 
GLN CD  NE2  sing N N 146 
GLN NE2 HE21 sing N N 147 
GLN NE2 HE22 sing N N 148 
GLN OXT HXT  sing N N 149 
GLU N   CA   sing N N 150 
GLU N   H    sing N N 151 
GLU N   H2   sing N N 152 
GLU CA  C    sing N N 153 
GLU CA  CB   sing N N 154 
GLU CA  HA   sing N N 155 
GLU C   O    doub N N 156 
GLU C   OXT  sing N N 157 
GLU CB  CG   sing N N 158 
GLU CB  HB2  sing N N 159 
GLU CB  HB3  sing N N 160 
GLU CG  CD   sing N N 161 
GLU CG  HG2  sing N N 162 
GLU CG  HG3  sing N N 163 
GLU CD  OE1  doub N N 164 
GLU CD  OE2  sing N N 165 
GLU OE2 HE2  sing N N 166 
GLU OXT HXT  sing N N 167 
GLY N   CA   sing N N 168 
GLY N   H    sing N N 169 
GLY N   H2   sing N N 170 
GLY CA  C    sing N N 171 
GLY CA  HA2  sing N N 172 
GLY CA  HA3  sing N N 173 
GLY C   O    doub N N 174 
GLY C   OXT  sing N N 175 
GLY OXT HXT  sing N N 176 
HIS N   CA   sing N N 177 
HIS N   H    sing N N 178 
HIS N   H2   sing N N 179 
HIS CA  C    sing N N 180 
HIS CA  CB   sing N N 181 
HIS CA  HA   sing N N 182 
HIS C   O    doub N N 183 
HIS C   OXT  sing N N 184 
HIS CB  CG   sing N N 185 
HIS CB  HB2  sing N N 186 
HIS CB  HB3  sing N N 187 
HIS CG  ND1  sing Y N 188 
HIS CG  CD2  doub Y N 189 
HIS ND1 CE1  doub Y N 190 
HIS ND1 HD1  sing N N 191 
HIS CD2 NE2  sing Y N 192 
HIS CD2 HD2  sing N N 193 
HIS CE1 NE2  sing Y N 194 
HIS CE1 HE1  sing N N 195 
HIS NE2 HE2  sing N N 196 
HIS OXT HXT  sing N N 197 
HOH O   H1   sing N N 198 
HOH O   H2   sing N N 199 
ILE N   CA   sing N N 200 
ILE N   H    sing N N 201 
ILE N   H2   sing N N 202 
ILE CA  C    sing N N 203 
ILE CA  CB   sing N N 204 
ILE CA  HA   sing N N 205 
ILE C   O    doub N N 206 
ILE C   OXT  sing N N 207 
ILE CB  CG1  sing N N 208 
ILE CB  CG2  sing N N 209 
ILE CB  HB   sing N N 210 
ILE CG1 CD1  sing N N 211 
ILE CG1 HG12 sing N N 212 
ILE CG1 HG13 sing N N 213 
ILE CG2 HG21 sing N N 214 
ILE CG2 HG22 sing N N 215 
ILE CG2 HG23 sing N N 216 
ILE CD1 HD11 sing N N 217 
ILE CD1 HD12 sing N N 218 
ILE CD1 HD13 sing N N 219 
ILE OXT HXT  sing N N 220 
LEU N   CA   sing N N 221 
LEU N   H    sing N N 222 
LEU N   H2   sing N N 223 
LEU CA  C    sing N N 224 
LEU CA  CB   sing N N 225 
LEU CA  HA   sing N N 226 
LEU C   O    doub N N 227 
LEU C   OXT  sing N N 228 
LEU CB  CG   sing N N 229 
LEU CB  HB2  sing N N 230 
LEU CB  HB3  sing N N 231 
LEU CG  CD1  sing N N 232 
LEU CG  CD2  sing N N 233 
LEU CG  HG   sing N N 234 
LEU CD1 HD11 sing N N 235 
LEU CD1 HD12 sing N N 236 
LEU CD1 HD13 sing N N 237 
LEU CD2 HD21 sing N N 238 
LEU CD2 HD22 sing N N 239 
LEU CD2 HD23 sing N N 240 
LEU OXT HXT  sing N N 241 
LYS N   CA   sing N N 242 
LYS N   H    sing N N 243 
LYS N   H2   sing N N 244 
LYS CA  C    sing N N 245 
LYS CA  CB   sing N N 246 
LYS CA  HA   sing N N 247 
LYS C   O    doub N N 248 
LYS C   OXT  sing N N 249 
LYS CB  CG   sing N N 250 
LYS CB  HB2  sing N N 251 
LYS CB  HB3  sing N N 252 
LYS CG  CD   sing N N 253 
LYS CG  HG2  sing N N 254 
LYS CG  HG3  sing N N 255 
LYS CD  CE   sing N N 256 
LYS CD  HD2  sing N N 257 
LYS CD  HD3  sing N N 258 
LYS CE  NZ   sing N N 259 
LYS CE  HE2  sing N N 260 
LYS CE  HE3  sing N N 261 
LYS NZ  HZ1  sing N N 262 
LYS NZ  HZ2  sing N N 263 
LYS NZ  HZ3  sing N N 264 
LYS OXT HXT  sing N N 265 
MET N   CA   sing N N 266 
MET N   H    sing N N 267 
MET N   H2   sing N N 268 
MET CA  C    sing N N 269 
MET CA  CB   sing N N 270 
MET CA  HA   sing N N 271 
MET C   O    doub N N 272 
MET C   OXT  sing N N 273 
MET CB  CG   sing N N 274 
MET CB  HB2  sing N N 275 
MET CB  HB3  sing N N 276 
MET CG  SD   sing N N 277 
MET CG  HG2  sing N N 278 
MET CG  HG3  sing N N 279 
MET SD  CE   sing N N 280 
MET CE  HE1  sing N N 281 
MET CE  HE2  sing N N 282 
MET CE  HE3  sing N N 283 
MET OXT HXT  sing N N 284 
PHE N   CA   sing N N 285 
PHE N   H    sing N N 286 
PHE N   H2   sing N N 287 
PHE CA  C    sing N N 288 
PHE CA  CB   sing N N 289 
PHE CA  HA   sing N N 290 
PHE C   O    doub N N 291 
PHE C   OXT  sing N N 292 
PHE CB  CG   sing N N 293 
PHE CB  HB2  sing N N 294 
PHE CB  HB3  sing N N 295 
PHE CG  CD1  doub Y N 296 
PHE CG  CD2  sing Y N 297 
PHE CD1 CE1  sing Y N 298 
PHE CD1 HD1  sing N N 299 
PHE CD2 CE2  doub Y N 300 
PHE CD2 HD2  sing N N 301 
PHE CE1 CZ   doub Y N 302 
PHE CE1 HE1  sing N N 303 
PHE CE2 CZ   sing Y N 304 
PHE CE2 HE2  sing N N 305 
PHE CZ  HZ   sing N N 306 
PHE OXT HXT  sing N N 307 
PRO N   CA   sing N N 308 
PRO N   CD   sing N N 309 
PRO N   H    sing N N 310 
PRO CA  C    sing N N 311 
PRO CA  CB   sing N N 312 
PRO CA  HA   sing N N 313 
PRO C   O    doub N N 314 
PRO C   OXT  sing N N 315 
PRO CB  CG   sing N N 316 
PRO CB  HB2  sing N N 317 
PRO CB  HB3  sing N N 318 
PRO CG  CD   sing N N 319 
PRO CG  HG2  sing N N 320 
PRO CG  HG3  sing N N 321 
PRO CD  HD2  sing N N 322 
PRO CD  HD3  sing N N 323 
PRO OXT HXT  sing N N 324 
SER N   CA   sing N N 325 
SER N   H    sing N N 326 
SER N   H2   sing N N 327 
SER CA  C    sing N N 328 
SER CA  CB   sing N N 329 
SER CA  HA   sing N N 330 
SER C   O    doub N N 331 
SER C   OXT  sing N N 332 
SER CB  OG   sing N N 333 
SER CB  HB2  sing N N 334 
SER CB  HB3  sing N N 335 
SER OG  HG   sing N N 336 
SER OXT HXT  sing N N 337 
THR N   CA   sing N N 338 
THR N   H    sing N N 339 
THR N   H2   sing N N 340 
THR CA  C    sing N N 341 
THR CA  CB   sing N N 342 
THR CA  HA   sing N N 343 
THR C   O    doub N N 344 
THR C   OXT  sing N N 345 
THR CB  OG1  sing N N 346 
THR CB  CG2  sing N N 347 
THR CB  HB   sing N N 348 
THR OG1 HG1  sing N N 349 
THR CG2 HG21 sing N N 350 
THR CG2 HG22 sing N N 351 
THR CG2 HG23 sing N N 352 
THR OXT HXT  sing N N 353 
TRP N   CA   sing N N 354 
TRP N   H    sing N N 355 
TRP N   H2   sing N N 356 
TRP CA  C    sing N N 357 
TRP CA  CB   sing N N 358 
TRP CA  HA   sing N N 359 
TRP C   O    doub N N 360 
TRP C   OXT  sing N N 361 
TRP CB  CG   sing N N 362 
TRP CB  HB2  sing N N 363 
TRP CB  HB3  sing N N 364 
TRP CG  CD1  doub Y N 365 
TRP CG  CD2  sing Y N 366 
TRP CD1 NE1  sing Y N 367 
TRP CD1 HD1  sing N N 368 
TRP CD2 CE2  doub Y N 369 
TRP CD2 CE3  sing Y N 370 
TRP NE1 CE2  sing Y N 371 
TRP NE1 HE1  sing N N 372 
TRP CE2 CZ2  sing Y N 373 
TRP CE3 CZ3  doub Y N 374 
TRP CE3 HE3  sing N N 375 
TRP CZ2 CH2  doub Y N 376 
TRP CZ2 HZ2  sing N N 377 
TRP CZ3 CH2  sing Y N 378 
TRP CZ3 HZ3  sing N N 379 
TRP CH2 HH2  sing N N 380 
TRP OXT HXT  sing N N 381 
TYR N   CA   sing N N 382 
TYR N   H    sing N N 383 
TYR N   H2   sing N N 384 
TYR CA  C    sing N N 385 
TYR CA  CB   sing N N 386 
TYR CA  HA   sing N N 387 
TYR C   O    doub N N 388 
TYR C   OXT  sing N N 389 
TYR CB  CG   sing N N 390 
TYR CB  HB2  sing N N 391 
TYR CB  HB3  sing N N 392 
TYR CG  CD1  doub Y N 393 
TYR CG  CD2  sing Y N 394 
TYR CD1 CE1  sing Y N 395 
TYR CD1 HD1  sing N N 396 
TYR CD2 CE2  doub Y N 397 
TYR CD2 HD2  sing N N 398 
TYR CE1 CZ   doub Y N 399 
TYR CE1 HE1  sing N N 400 
TYR CE2 CZ   sing Y N 401 
TYR CE2 HE2  sing N N 402 
TYR CZ  OH   sing N N 403 
TYR OH  HH   sing N N 404 
TYR OXT HXT  sing N N 405 
VAL N   CA   sing N N 406 
VAL N   H    sing N N 407 
VAL N   H2   sing N N 408 
VAL CA  C    sing N N 409 
VAL CA  CB   sing N N 410 
VAL CA  HA   sing N N 411 
VAL C   O    doub N N 412 
VAL C   OXT  sing N N 413 
VAL CB  CG1  sing N N 414 
VAL CB  CG2  sing N N 415 
VAL CB  HB   sing N N 416 
VAL CG1 HG11 sing N N 417 
VAL CG1 HG12 sing N N 418 
VAL CG1 HG13 sing N N 419 
VAL CG2 HG21 sing N N 420 
VAL CG2 HG22 sing N N 421 
VAL CG2 HG23 sing N N 422 
VAL OXT HXT  sing N N 423 
# 
_atom_sites.entry_id                    6CZV 
_atom_sites.fract_transf_matrix[1][1]   0.01611559 
_atom_sites.fract_transf_matrix[1][2]   -0.01907940 
_atom_sites.fract_transf_matrix[1][3]   -0.00845788 
_atom_sites.fract_transf_matrix[2][1]   -0.00177088 
_atom_sites.fract_transf_matrix[2][2]   -0.01062797 
_atom_sites.fract_transf_matrix[2][3]   0.02060048 
_atom_sites.fract_transf_matrix[3][1]   -0.00989893 
_atom_sites.fract_transf_matrix[3][2]   -0.00649791 
_atom_sites.fract_transf_matrix[3][3]   -0.00420327 
_atom_sites.fract_transf_vector[1]      -0.306266 
_atom_sites.fract_transf_vector[2]      0.073272 
_atom_sites.fract_transf_vector[3]      -0.118553 
# 
loop_
_atom_type.symbol 
C 
N 
O 
S 
# 
loop_
_atom_site.group_PDB 
_atom_site.id 
_atom_site.type_symbol 
_atom_site.label_atom_id 
_atom_site.label_alt_id 
_atom_site.label_comp_id 
_atom_site.label_asym_id 
_atom_site.label_entity_id 
_atom_site.label_seq_id 
_atom_site.pdbx_PDB_ins_code 
_atom_site.Cartn_x 
_atom_site.Cartn_y 
_atom_site.Cartn_z 
_atom_site.occupancy 
_atom_site.B_iso_or_equiv 
_atom_site.pdbx_formal_charge 
_atom_site.auth_seq_id 
_atom_site.auth_comp_id 
_atom_site.auth_asym_id 
_atom_site.auth_atom_id 
_atom_site.pdbx_PDB_model_num 
ATOM   1    N N   . SER A 1 1   ? -2.933  12.265  -21.718 1.00 40.77 ? 42  SER A N   1 
ATOM   2    C CA  . SER A 1 1   ? -3.227  12.245  -20.248 1.00 37.17 ? 42  SER A CA  1 
ATOM   3    C C   . SER A 1 1   ? -1.947  11.973  -19.467 1.00 35.59 ? 42  SER A C   1 
ATOM   4    O O   . SER A 1 1   ? -0.953  11.493  -20.046 1.00 25.45 ? 42  SER A O   1 
ATOM   5    C CB  . SER A 1 1   ? -4.304  11.224  -19.870 1.00 38.69 ? 42  SER A CB  1 
ATOM   6    O OG  . SER A 1 1   ? -4.197  10.009  -20.563 1.00 45.84 ? 42  SER A OG  1 
ATOM   7    N N   . MET A 1 2   ? -1.977  12.269  -18.162 1.00 31.51 ? 43  MET A N   1 
ATOM   8    C CA  . MET A 1 2   ? -0.777  12.183  -17.322 1.00 31.03 ? 43  MET A CA  1 
ATOM   9    C C   . MET A 1 2   ? -1.127  11.592  -15.985 1.00 26.86 ? 43  MET A C   1 
ATOM   10   O O   . MET A 1 2   ? -2.216  11.734  -15.496 1.00 26.39 ? 43  MET A O   1 
ATOM   11   C CB  . MET A 1 2   ? -0.177  13.559  -17.095 1.00 33.00 ? 43  MET A CB  1 
ATOM   12   C CG  . MET A 1 2   ? 0.315   14.286  -18.346 1.00 39.47 ? 43  MET A CG  1 
ATOM   13   S SD  . MET A 1 2   ? 0.517   16.087  -18.040 1.00 37.78 ? 43  MET A SD  1 
ATOM   14   C CE  . MET A 1 2   ? 1.782   16.014  -16.748 1.00 37.62 ? 43  MET A CE  1 
ATOM   15   N N   . ASN A 1 3   ? -0.157  10.942  -15.396 1.00 23.96 ? 44  ASN A N   1 
ATOM   16   C CA  . ASN A 1 3   ? -0.275  10.385  -14.046 1.00 22.47 ? 44  ASN A CA  1 
ATOM   17   C C   . ASN A 1 3   ? 0.341   11.387  -13.150 1.00 23.37 ? 44  ASN A C   1 
ATOM   18   O O   . ASN A 1 3   ? 1.240   12.136  -13.607 1.00 23.70 ? 44  ASN A O   1 
ATOM   19   C CB  . ASN A 1 3   ? 0.533   9.073   -13.895 1.00 23.59 ? 44  ASN A CB  1 
ATOM   20   C CG  . ASN A 1 3   ? -0.084  7.894   -14.646 1.00 23.20 ? 44  ASN A CG  1 
ATOM   21   O OD1 . ASN A 1 3   ? -1.263  7.583   -14.504 1.00 24.21 ? 44  ASN A OD1 1 
ATOM   22   N ND2 . ASN A 1 3   ? 0.704   7.246   -15.440 1.00 21.21 ? 44  ASN A ND2 1 
ATOM   23   N N   . PRO A 1 4   ? -0.103  11.441  -11.886 1.00 24.43 ? 45  PRO A N   1 
ATOM   24   C CA  . PRO A 1 4   ? 0.561   12.301  -10.949 1.00 22.90 ? 45  PRO A CA  1 
ATOM   25   C C   . PRO A 1 4   ? 1.953   11.790  -10.607 1.00 22.59 ? 45  PRO A C   1 
ATOM   26   O O   . PRO A 1 4   ? 2.268   10.634  -10.840 1.00 23.26 ? 45  PRO A O   1 
ATOM   27   C CB  . PRO A 1 4   ? -0.357  12.268  -9.720  1.00 22.34 ? 45  PRO A CB  1 
ATOM   28   C CG  . PRO A 1 4   ? -0.996  10.940  -9.786  1.00 22.46 ? 45  PRO A CG  1 
ATOM   29   C CD  . PRO A 1 4   ? -1.178  10.644  -11.232 1.00 22.33 ? 45  PRO A CD  1 
ATOM   30   N N   . PRO A 1 5   ? 2.786   12.668  -10.009 1.00 28.10 ? 46  PRO A N   1 
ATOM   31   C CA  . PRO A 1 5   ? 3.988   12.129  -9.365  1.00 27.12 ? 46  PRO A CA  1 
ATOM   32   C C   . PRO A 1 5   ? 3.583   11.134  -8.238  1.00 27.16 ? 46  PRO A C   1 
ATOM   33   O O   . PRO A 1 5   ? 2.480   11.268  -7.662  1.00 23.14 ? 46  PRO A O   1 
ATOM   34   C CB  . PRO A 1 5   ? 4.668   13.358  -8.779  1.00 28.90 ? 46  PRO A CB  1 
ATOM   35   C CG  . PRO A 1 5   ? 3.573   14.361  -8.593  1.00 31.54 ? 46  PRO A CG  1 
ATOM   36   C CD  . PRO A 1 5   ? 2.490   14.053  -9.594  1.00 28.70 ? 46  PRO A CD  1 
ATOM   37   N N   . PRO A 1 6   ? 4.421   10.129  -7.978  1.00 25.92 ? 47  PRO A N   1 
ATOM   38   C CA  . PRO A 1 6   ? 4.106   9.151   -6.953  1.00 25.22 ? 47  PRO A CA  1 
ATOM   39   C C   . PRO A 1 6   ? 4.124   9.763   -5.543  1.00 26.73 ? 47  PRO A C   1 
ATOM   40   O O   . PRO A 1 6   ? 4.563   10.915  -5.367  1.00 24.06 ? 47  PRO A O   1 
ATOM   41   C CB  . PRO A 1 6   ? 5.198   8.067   -7.139  1.00 28.97 ? 47  PRO A CB  1 
ATOM   42   C CG  . PRO A 1 6   ? 6.352   8.806   -7.744  1.00 26.42 ? 47  PRO A CG  1 
ATOM   43   C CD  . PRO A 1 6   ? 5.763   9.923   -8.559  1.00 28.19 ? 47  PRO A CD  1 
ATOM   44   N N   . PRO A 1 7   ? 3.611   9.027   -4.559  1.00 22.51 ? 48  PRO A N   1 
ATOM   45   C CA  . PRO A 1 7   ? 3.706   9.489   -3.183  1.00 22.27 ? 48  PRO A CA  1 
ATOM   46   C C   . PRO A 1 7   ? 5.190   9.592   -2.771  1.00 23.55 ? 48  PRO A C   1 
ATOM   47   O O   . PRO A 1 7   ? 6.058   8.887   -3.314  1.00 21.74 ? 48  PRO A O   1 
ATOM   48   C CB  . PRO A 1 7   ? 2.981   8.414   -2.392  1.00 22.66 ? 48  PRO A CB  1 
ATOM   49   C CG  . PRO A 1 7   ? 2.165   7.628   -3.398  1.00 24.32 ? 48  PRO A CG  1 
ATOM   50   C CD  . PRO A 1 7   ? 2.951   7.695   -4.665  1.00 25.30 ? 48  PRO A CD  1 
ATOM   51   N N   . GLU A 1 8   ? 5.416   10.474  -1.816  1.00 24.42 ? 49  GLU A N   1 
ATOM   52   C CA  . GLU A 1 8   ? 6.789   10.795  -1.369  1.00 26.30 ? 49  GLU A CA  1 
ATOM   53   C C   . GLU A 1 8   ? 7.440   9.533   -0.793  1.00 25.03 ? 49  GLU A C   1 
ATOM   54   O O   . GLU A 1 8   ? 6.797   8.828   -0.009  1.00 21.55 ? 49  GLU A O   1 
ATOM   55   C CB  . GLU A 1 8   ? 6.645   11.847  -0.298  1.00 24.44 ? 49  GLU A CB  1 
ATOM   56   C CG  . GLU A 1 8   ? 7.913   12.340  0.362   1.00 29.30 ? 49  GLU A CG  1 
ATOM   57   C CD  . GLU A 1 8   ? 7.643   13.539  1.252   1.00 29.41 ? 49  GLU A CD  1 
ATOM   58   O OE1 . GLU A 1 8   ? 7.480   13.342  2.469   1.00 29.49 ? 49  GLU A OE1 1 
ATOM   59   O OE2 . GLU A 1 8   ? 7.636   14.651  0.710   1.00 33.40 ? 49  GLU A OE2 1 
ATOM   60   N N   . THR A 1 9   ? 8.666   9.192   -1.200  1.00 23.67 ? 50  THR A N   1 
ATOM   61   C CA  . THR A 1 9   ? 9.393   8.145   -0.488  1.00 23.04 ? 50  THR A CA  1 
ATOM   62   C C   . THR A 1 9   ? 10.754  8.564   0.119   1.00 23.13 ? 50  THR A C   1 
ATOM   63   O O   . THR A 1 9   ? 11.454  7.697   0.689   1.00 21.55 ? 50  THR A O   1 
ATOM   64   C CB  . THR A 1 9   ? 9.607   6.957   -1.407  1.00 22.22 ? 50  THR A CB  1 
ATOM   65   O OG1 . THR A 1 9   ? 10.176  7.460   -2.606  1.00 22.67 ? 50  THR A OG1 1 
ATOM   66   C CG2 . THR A 1 9   ? 8.273   6.298   -1.724  1.00 24.61 ? 50  THR A CG2 1 
ATOM   67   N N   . SER A 1 10  ? 11.132  9.829   -0.067  1.00 21.70 ? 51  SER A N   1 
ATOM   68   C CA  . SER A 1 10  ? 12.360  10.392  0.500   1.00 22.16 ? 51  SER A CA  1 
ATOM   69   C C   . SER A 1 10  ? 12.077  11.787  0.918   1.00 24.01 ? 51  SER A C   1 
ATOM   70   O O   . SER A 1 10  ? 11.454  12.538  0.189   1.00 25.31 ? 51  SER A O   1 
ATOM   71   C CB  . SER A 1 10  ? 13.455  10.434  -0.582  1.00 28.29 ? 51  SER A CB  1 
ATOM   72   O OG  . SER A 1 10  ? 14.673  10.999  -0.069  1.00 36.42 ? 51  SER A OG  1 
ATOM   73   N N   . ASN A 1 11  ? 12.507  12.124  2.119   1.00 21.47 ? 52  ASN A N   1 
ATOM   74   C CA  . ASN A 1 11  ? 12.395  13.457  2.600   1.00 22.29 ? 52  ASN A CA  1 
ATOM   75   C C   . ASN A 1 11  ? 13.310  13.564  3.786   1.00 20.61 ? 52  ASN A C   1 
ATOM   76   O O   . ASN A 1 11  ? 12.958  13.132  4.936   1.00 19.86 ? 52  ASN A O   1 
ATOM   77   C CB  . ASN A 1 11  ? 10.945  13.816  3.000   1.00 22.91 ? 52  ASN A CB  1 
ATOM   78   C CG  . ASN A 1 11  ? 10.848  15.200  3.606   1.00 27.75 ? 52  ASN A CG  1 
ATOM   79   O OD1 . ASN A 1 11  ? 11.834  15.922  3.743   1.00 28.63 ? 52  ASN A OD1 1 
ATOM   80   N ND2 . ASN A 1 11  ? 9.657   15.572  3.960   1.00 29.62 ? 52  ASN A ND2 1 
ATOM   81   N N   . PRO A 1 12  ? 14.469  14.169  3.567   1.00 23.79 ? 53  PRO A N   1 
ATOM   82   C CA  . PRO A 1 12  ? 15.437  14.324  4.666   1.00 23.57 ? 53  PRO A CA  1 
ATOM   83   C C   . PRO A 1 12  ? 15.007  15.110  5.887   1.00 24.46 ? 53  PRO A C   1 
ATOM   84   O O   . PRO A 1 12  ? 15.557  14.874  6.952   1.00 26.27 ? 53  PRO A O   1 
ATOM   85   C CB  . PRO A 1 12  ? 16.616  15.025  3.987   1.00 23.73 ? 53  PRO A CB  1 
ATOM   86   C CG  . PRO A 1 12  ? 16.549  14.683  2.595   1.00 25.79 ? 53  PRO A CG  1 
ATOM   87   C CD  . PRO A 1 12  ? 15.067  14.569  2.265   1.00 26.03 ? 53  PRO A CD  1 
ATOM   88   N N   . ASN A 1 13  ? 14.011  15.971  5.763   1.00 21.82 ? 54  ASN A N   1 
ATOM   89   C CA  . ASN A 1 13  ? 13.510  16.671  6.918   1.00 26.07 ? 54  ASN A CA  1 
ATOM   90   C C   . ASN A 1 13  ? 12.575  15.853  7.813   1.00 26.46 ? 54  ASN A C   1 
ATOM   91   O O   . ASN A 1 13  ? 12.339  16.226  8.940   1.00 31.86 ? 54  ASN A O   1 
ATOM   92   C CB  . ASN A 1 13  ? 12.798  17.964  6.502   1.00 27.22 ? 54  ASN A CB  1 
ATOM   93   C CG  . ASN A 1 13  ? 13.790  19.065  6.133   1.00 33.69 ? 54  ASN A CG  1 
ATOM   94   O OD1 . ASN A 1 13  ? 14.629  19.463  6.940   1.00 41.16 ? 54  ASN A OD1 1 
ATOM   95   N ND2 . ASN A 1 13  ? 13.731  19.510  4.913   1.00 32.46 ? 54  ASN A ND2 1 
ATOM   96   N N   . LYS A 1 14  ? 12.043  14.753  7.324   1.00 25.14 ? 55  LYS A N   1 
ATOM   97   C CA  . LYS A 1 14  ? 11.144  13.911  8.142   1.00 23.27 ? 55  LYS A CA  1 
ATOM   98   C C   . LYS A 1 14  ? 11.911  12.992  9.092   1.00 25.74 ? 55  LYS A C   1 
ATOM   99   O O   . LYS A 1 14  ? 12.749  12.262  8.671   1.00 26.05 ? 55  LYS A O   1 
ATOM   100  C CB  . LYS A 1 14  ? 10.275  13.084  7.215   1.00 23.07 ? 55  LYS A CB  1 
ATOM   101  C CG  . LYS A 1 14  ? 9.134   12.350  7.912   1.00 24.33 ? 55  LYS A CG  1 
ATOM   102  C CD  . LYS A 1 14  ? 8.340   11.576  6.872   1.00 24.19 ? 55  LYS A CD  1 
ATOM   103  C CE  . LYS A 1 14  ? 7.165   10.817  7.501   1.00 25.28 ? 55  LYS A CE  1 
ATOM   104  N NZ  . LYS A 1 14  ? 7.538   9.804   8.496   1.00 23.88 ? 55  LYS A NZ  1 
ATOM   105  N N   . PRO A 1 15  ? 11.594  13.019  10.407  1.00 28.13 ? 56  PRO A N   1 
ATOM   106  C CA  . PRO A 1 15  ? 12.333  12.196  11.340  1.00 27.40 ? 56  PRO A CA  1 
ATOM   107  C C   . PRO A 1 15  ? 12.009  10.744  11.112  1.00 23.97 ? 56  PRO A C   1 
ATOM   108  O O   . PRO A 1 15  ? 10.887  10.425  10.815  1.00 25.59 ? 56  PRO A O   1 
ATOM   109  C CB  . PRO A 1 15  ? 11.764  12.610  12.721  1.00 30.68 ? 56  PRO A CB  1 
ATOM   110  C CG  . PRO A 1 15  ? 11.035  13.866  12.541  1.00 29.93 ? 56  PRO A CG  1 
ATOM   111  C CD  . PRO A 1 15  ? 10.741  14.013  11.084  1.00 26.98 ? 56  PRO A CD  1 
ATOM   112  N N   . LYS A 1 16  ? 12.985  9.885   11.262  1.00 25.34 ? 57  LYS A N   1 
ATOM   113  C CA  . LYS A 1 16  ? 12.834  8.458   10.949  1.00 26.78 ? 57  LYS A CA  1 
ATOM   114  C C   . LYS A 1 16  ? 13.261  7.672   12.155  1.00 27.48 ? 57  LYS A C   1 
ATOM   115  O O   . LYS A 1 16  ? 14.097  8.123   12.941  1.00 22.51 ? 57  LYS A O   1 
ATOM   116  C CB  . LYS A 1 16  ? 13.796  8.071   9.828   1.00 26.94 ? 57  LYS A CB  1 
ATOM   117  C CG  . LYS A 1 16  ? 13.867  9.107   8.737   1.00 28.48 ? 57  LYS A CG  1 
ATOM   118  C CD  . LYS A 1 16  ? 12.533  9.202   8.024   1.00 30.48 ? 57  LYS A CD  1 
ATOM   119  C CE  . LYS A 1 16  ? 12.811  9.659   6.580   1.00 29.24 ? 57  LYS A CE  1 
ATOM   120  N NZ  . LYS A 1 16  ? 13.681  10.845  6.554   1.00 26.99 ? 57  LYS A NZ  1 
ATOM   121  N N   . ARG A 1 17  ? 12.725  6.474   12.273  1.00 23.38 ? 58  ARG A N   1 
ATOM   122  C CA  . ARG A 1 17  ? 13.075  5.633   13.391  1.00 26.40 ? 58  ARG A CA  1 
ATOM   123  C C   . ARG A 1 17  ? 12.776  4.247   12.968  1.00 29.60 ? 58  ARG A C   1 
ATOM   124  O O   . ARG A 1 17  ? 11.662  4.009   12.501  1.00 30.76 ? 58  ARG A O   1 
ATOM   125  C CB  . ARG A 1 17  ? 12.208  6.078   14.544  1.00 25.59 ? 58  ARG A CB  1 
ATOM   126  C CG  . ARG A 1 17  ? 12.284  5.306   15.755  1.00 30.36 ? 58  ARG A CG  1 
ATOM   127  C CD  . ARG A 1 17  ? 11.395  6.001   16.763  1.00 28.69 ? 58  ARG A CD  1 
ATOM   128  N NE  . ARG A 1 17  ? 10.011  5.690   16.490  1.00 26.66 ? 58  ARG A NE  1 
ATOM   129  C CZ  . ARG A 1 17  ? 9.134   5.296   17.407  1.00 27.66 ? 58  ARG A CZ  1 
ATOM   130  N NH1 . ARG A 1 17  ? 9.462   5.196   18.708  1.00 24.63 ? 58  ARG A NH1 1 
ATOM   131  N NH2 . ARG A 1 17  ? 7.911   4.980   17.023  1.00 26.02 ? 58  ARG A NH2 1 
ATOM   132  N N   . GLN A 1 18  ? 13.760  3.355   13.119  1.00 33.71 ? 59  GLN A N   1 
ATOM   133  C CA  . GLN A 1 18  ? 13.553  1.945   13.026  1.00 40.91 ? 59  GLN A CA  1 
ATOM   134  C C   . GLN A 1 18  ? 12.829  1.515   14.282  1.00 43.41 ? 59  GLN A C   1 
ATOM   135  O O   . GLN A 1 18  ? 13.147  1.965   15.398  1.00 46.70 ? 59  GLN A O   1 
ATOM   136  C CB  . GLN A 1 18  ? 14.868  1.160   12.903  1.00 43.23 ? 59  GLN A CB  1 
ATOM   137  C CG  . GLN A 1 18  ? 15.307  0.926   11.478  1.00 50.62 ? 59  GLN A CG  1 
ATOM   138  C CD  . GLN A 1 18  ? 14.221  0.237   10.617  1.00 51.29 ? 59  GLN A CD  1 
ATOM   139  O OE1 . GLN A 1 18  ? 13.259  -0.353  11.126  1.00 52.16 ? 59  GLN A OE1 1 
ATOM   140  N NE2 . GLN A 1 18  ? 14.371  0.329   9.309   1.00 60.15 ? 59  GLN A NE2 1 
ATOM   141  N N   . THR A 1 19  ? 11.805  0.703   14.107  1.00 38.83 ? 60  THR A N   1 
ATOM   142  C CA  . THR A 1 19  ? 11.218  0.015   15.243  1.00 33.25 ? 60  THR A CA  1 
ATOM   143  C C   . THR A 1 19  ? 11.188  -1.477  14.898  1.00 33.38 ? 60  THR A C   1 
ATOM   144  O O   . THR A 1 19  ? 11.290  -1.879  13.733  1.00 25.23 ? 60  THR A O   1 
ATOM   145  C CB  . THR A 1 19  ? 9.847   0.572   15.660  1.00 32.23 ? 60  THR A CB  1 
ATOM   146  O OG1 . THR A 1 19  ? 8.845   0.229   14.690  1.00 30.50 ? 60  THR A OG1 1 
ATOM   147  C CG2 . THR A 1 19  ? 9.867   2.101   15.878  1.00 33.13 ? 60  THR A CG2 1 
ATOM   148  N N   . ASN A 1 20  ? 11.124  -2.320  15.917  1.00 32.05 ? 61  ASN A N   1 
ATOM   149  C CA  . ASN A 1 20  ? 10.999  -3.735  15.609  1.00 33.25 ? 61  ASN A CA  1 
ATOM   150  C C   . ASN A 1 20  ? 9.618   -4.014  14.917  1.00 27.62 ? 61  ASN A C   1 
ATOM   151  O O   . ASN A 1 20  ? 9.526   -4.919  14.117  1.00 27.88 ? 61  ASN A O   1 
ATOM   152  C CB  . ASN A 1 20  ? 11.264  -4.606  16.819  1.00 36.52 ? 61  ASN A CB  1 
ATOM   153  C CG  . ASN A 1 20  ? 10.177  -4.521  17.838  1.00 39.21 ? 61  ASN A CG  1 
ATOM   154  O OD1 . ASN A 1 20  ? 9.904   -3.452  18.359  1.00 47.38 ? 61  ASN A OD1 1 
ATOM   155  N ND2 . ASN A 1 20  ? 9.525   -5.646  18.120  1.00 44.36 ? 61  ASN A ND2 1 
ATOM   156  N N   . GLN A 1 21  ? 8.605   -3.223  15.199  1.00 26.36 ? 62  GLN A N   1 
ATOM   157  C CA  . GLN A 1 21  ? 7.382   -3.313  14.462  1.00 25.67 ? 62  GLN A CA  1 
ATOM   158  C C   . GLN A 1 21  ? 7.506   -2.992  12.973  1.00 25.64 ? 62  GLN A C   1 
ATOM   159  O O   . GLN A 1 21  ? 6.888   -3.652  12.130  1.00 21.62 ? 62  GLN A O   1 
ATOM   160  C CB  . GLN A 1 21  ? 6.367   -2.392  15.074  1.00 29.80 ? 62  GLN A CB  1 
ATOM   161  C CG  . GLN A 1 21  ? 5.939   -2.865  16.460  1.00 33.09 ? 62  GLN A CG  1 
ATOM   162  C CD  . GLN A 1 21  ? 4.694   -2.164  16.920  1.00 35.63 ? 62  GLN A CD  1 
ATOM   163  O OE1 . GLN A 1 21  ? 4.421   -1.051  16.514  1.00 36.86 ? 62  GLN A OE1 1 
ATOM   164  N NE2 . GLN A 1 21  ? 3.935   -2.812  17.803  1.00 37.49 ? 62  GLN A NE2 1 
ATOM   165  N N   . LEU A 1 22  ? 8.230   -1.921  12.646  1.00 22.64 ? 63  LEU A N   1 
ATOM   166  C CA  . LEU A 1 22  ? 8.519   -1.636  11.226  1.00 20.45 ? 63  LEU A CA  1 
ATOM   167  C C   . LEU A 1 22  ? 9.309   -2.726  10.549  1.00 23.51 ? 63  LEU A C   1 
ATOM   168  O O   . LEU A 1 22  ? 9.054   -3.116  9.364   1.00 21.59 ? 63  LEU A O   1 
ATOM   169  C CB  . LEU A 1 22  ? 9.181   -0.283  11.096  1.00 22.34 ? 63  LEU A CB  1 
ATOM   170  C CG  . LEU A 1 22  ? 8.220   0.900   11.325  1.00 21.21 ? 63  LEU A CG  1 
ATOM   171  C CD1 . LEU A 1 22  ? 8.954   2.239   11.576  1.00 25.42 ? 63  LEU A CD1 1 
ATOM   172  C CD2 . LEU A 1 22  ? 7.346   1.100   10.123  1.00 20.62 ? 63  LEU A CD2 1 
ATOM   173  N N   . GLN A 1 23  ? 10.239  -3.302  11.291  1.00 24.67 ? 64  GLN A N   1 
ATOM   174  C CA  . GLN A 1 23  ? 11.051  -4.325  10.744  1.00 27.83 ? 64  GLN A CA  1 
ATOM   175  C C   . GLN A 1 23  ? 10.156  -5.539  10.441  1.00 26.43 ? 64  GLN A C   1 
ATOM   176  O O   . GLN A 1 23  ? 10.346  -6.200  9.412   1.00 25.19 ? 64  GLN A O   1 
ATOM   177  C CB  . GLN A 1 23  ? 12.178  -4.694  11.735  1.00 31.30 ? 64  GLN A CB  1 
ATOM   178  C CG  . GLN A 1 23  ? 13.327  -3.679  11.782  1.00 35.10 ? 64  GLN A CG  1 
ATOM   179  C CD  . GLN A 1 23  ? 14.193  -3.766  13.069  1.00 44.25 ? 64  GLN A CD  1 
ATOM   180  O OE1 . GLN A 1 23  ? 14.131  -4.747  13.807  1.00 43.65 ? 64  GLN A OE1 1 
ATOM   181  N NE2 . GLN A 1 23  ? 14.956  -2.699  13.354  1.00 49.73 ? 64  GLN A NE2 1 
ATOM   182  N N   . TYR A 1 24  ? 9.183   -5.789  11.296  1.00 24.71 ? 65  TYR A N   1 
ATOM   183  C CA  . TYR A 1 24  ? 8.252   -6.905  11.107  1.00 24.57 ? 65  TYR A CA  1 
ATOM   184  C C   . TYR A 1 24  ? 7.357   -6.616  9.897   1.00 24.23 ? 65  TYR A C   1 
ATOM   185  O O   . TYR A 1 24  ? 7.158   -7.505  9.049   1.00 24.28 ? 65  TYR A O   1 
ATOM   186  C CB  . TYR A 1 24  ? 7.413   -7.117  12.341  1.00 25.48 ? 65  TYR A CB  1 
ATOM   187  C CG  . TYR A 1 24  ? 6.302   -8.111  12.235  1.00 30.22 ? 65  TYR A CG  1 
ATOM   188  C CD1 . TYR A 1 24  ? 6.504   -9.476  12.506  1.00 37.47 ? 65  TYR A CD1 1 
ATOM   189  C CD2 . TYR A 1 24  ? 5.009   -7.681  11.921  1.00 31.54 ? 65  TYR A CD2 1 
ATOM   190  C CE1 . TYR A 1 24  ? 5.443   -10.390 12.407  1.00 34.55 ? 65  TYR A CE1 1 
ATOM   191  C CE2 . TYR A 1 24  ? 3.935   -8.568  11.830  1.00 34.49 ? 65  TYR A CE2 1 
ATOM   192  C CZ  . TYR A 1 24  ? 4.137   -9.916  12.080  1.00 36.97 ? 65  TYR A CZ  1 
ATOM   193  O OH  . TYR A 1 24  ? 3.024   -10.761 11.989  1.00 37.58 ? 65  TYR A OH  1 
ATOM   194  N N   . LEU A 1 25  ? 6.870   -5.374  9.809   1.00 21.79 ? 66  LEU A N   1 
ATOM   195  C CA  . LEU A 1 25  ? 6.113   -4.961  8.597   1.00 22.86 ? 66  LEU A CA  1 
ATOM   196  C C   . LEU A 1 25  ? 6.831   -5.211  7.309   1.00 22.23 ? 66  LEU A C   1 
ATOM   197  O O   . LEU A 1 25  ? 6.213   -5.587  6.311   1.00 26.42 ? 66  LEU A O   1 
ATOM   198  C CB  . LEU A 1 25  ? 5.655   -3.504  8.712   1.00 22.00 ? 66  LEU A CB  1 
ATOM   199  C CG  . LEU A 1 25  ? 4.492   -3.382  9.674   1.00 24.51 ? 66  LEU A CG  1 
ATOM   200  C CD1 . LEU A 1 25  ? 4.286   -1.931  10.066  1.00 25.58 ? 66  LEU A CD1 1 
ATOM   201  C CD2 . LEU A 1 25  ? 3.243   -3.955  9.068   1.00 29.40 ? 66  LEU A CD2 1 
ATOM   202  N N   . LEU A 1 26  ? 8.126   -5.039  7.265   1.00 20.23 ? 67  LEU A N   1 
ATOM   203  C CA  . LEU A 1 26  ? 8.820   -5.343  6.053   1.00 22.50 ? 67  LEU A CA  1 
ATOM   204  C C   . LEU A 1 26  ? 9.100   -6.848  5.928   1.00 25.01 ? 67  LEU A C   1 
ATOM   205  O O   . LEU A 1 26  ? 8.831   -7.453  4.880   1.00 24.44 ? 67  LEU A O   1 
ATOM   206  C CB  . LEU A 1 26  ? 10.153  -4.588  5.998   1.00 22.28 ? 67  LEU A CB  1 
ATOM   207  C CG  . LEU A 1 26  ? 11.087  -4.863  4.783   1.00 25.48 ? 67  LEU A CG  1 
ATOM   208  C CD1 . LEU A 1 26  ? 10.385  -4.705  3.443   1.00 24.55 ? 67  LEU A CD1 1 
ATOM   209  C CD2 . LEU A 1 26  ? 12.376  -4.005  4.821   1.00 26.80 ? 67  LEU A CD2 1 
ATOM   210  N N   . ARG A 1 27  ? 9.740   -7.411  6.960   1.00 26.41 ? 68  ARG A N   1 
ATOM   211  C CA  . ARG A 1 27  ? 10.278  -8.771  6.886   1.00 31.47 ? 68  ARG A CA  1 
ATOM   212  C C   . ARG A 1 27  ? 9.200   -9.791  6.661   1.00 28.31 ? 68  ARG A C   1 
ATOM   213  O O   . ARG A 1 27  ? 9.414   -10.747 5.919   1.00 31.51 ? 68  ARG A O   1 
ATOM   214  C CB  . ARG A 1 27  ? 11.035  -9.137  8.180   1.00 36.83 ? 68  ARG A CB  1 
ATOM   215  C CG  . ARG A 1 27  ? 11.699  -10.546 8.165   1.00 42.50 ? 68  ARG A CG  1 
ATOM   216  C CD  . ARG A 1 27  ? 12.392  -10.889 9.514   1.00 46.32 ? 68  ARG A CD  1 
ATOM   217  N NE  . ARG A 1 27  ? 11.414  -10.984 10.618  1.00 41.56 ? 68  ARG A NE  1 
ATOM   218  C CZ  . ARG A 1 27  ? 11.093  -9.998  11.481  1.00 45.57 ? 68  ARG A CZ  1 
ATOM   219  N NH1 . ARG A 1 27  ? 10.167  -10.226 12.395  1.00 46.01 ? 68  ARG A NH1 1 
ATOM   220  N NH2 . ARG A 1 27  ? 11.695  -8.790  11.478  1.00 45.40 ? 68  ARG A NH2 1 
ATOM   221  N N   . VAL A 1 28  ? 8.076   -9.614  7.340   1.00 24.80 ? 69  VAL A N   1 
ATOM   222  C CA  . VAL A 1 28  ? 7.007   -10.547 7.366   1.00 25.99 ? 69  VAL A CA  1 
ATOM   223  C C   . VAL A 1 28  ? 5.807   -10.018 6.577   1.00 30.09 ? 69  VAL A C   1 
ATOM   224  O O   . VAL A 1 28  ? 5.335   -10.705 5.640   1.00 30.04 ? 69  VAL A O   1 
ATOM   225  C CB  . VAL A 1 28  ? 6.570   -10.861 8.824   1.00 31.47 ? 69  VAL A CB  1 
ATOM   226  C CG1 . VAL A 1 28  ? 5.184   -11.503 8.902   1.00 28.17 ? 69  VAL A CG1 1 
ATOM   227  C CG2 . VAL A 1 28  ? 7.623   -11.701 9.522   1.00 34.59 ? 69  VAL A CG2 1 
ATOM   228  N N   . VAL A 1 29  ? 5.305   -8.825  6.911   1.00 24.77 ? 70  VAL A N   1 
ATOM   229  C CA  . VAL A 1 29  ? 4.037   -8.413  6.309   1.00 24.42 ? 70  VAL A CA  1 
ATOM   230  C C   . VAL A 1 29  ? 4.131   -8.175  4.800   1.00 23.09 ? 70  VAL A C   1 
ATOM   231  O O   . VAL A 1 29  ? 3.467   -8.834  3.999   1.00 24.19 ? 70  VAL A O   1 
ATOM   232  C CB  . VAL A 1 29  ? 3.395   -7.240  7.055   1.00 25.08 ? 70  VAL A CB  1 
ATOM   233  C CG1 . VAL A 1 29  ? 1.995   -7.001  6.560   1.00 24.17 ? 70  VAL A CG1 1 
ATOM   234  C CG2 . VAL A 1 29  ? 3.387   -7.590  8.542   1.00 27.40 ? 70  VAL A CG2 1 
ATOM   235  N N   . LEU A 1 30  ? 4.965   -7.227  4.420   1.00 23.74 ? 71  LEU A N   1 
ATOM   236  C CA  . LEU A 1 30  ? 5.087   -6.828  3.054   1.00 21.84 ? 71  LEU A CA  1 
ATOM   237  C C   . LEU A 1 30  ? 5.572   -8.029  2.236   1.00 24.24 ? 71  LEU A C   1 
ATOM   238  O O   . LEU A 1 30  ? 5.029   -8.358  1.167   1.00 22.31 ? 71  LEU A O   1 
ATOM   239  C CB  . LEU A 1 30  ? 6.068   -5.653  3.008   1.00 24.20 ? 71  LEU A CB  1 
ATOM   240  C CG  . LEU A 1 30  ? 6.365   -4.879  1.712   1.00 27.05 ? 71  LEU A CG  1 
ATOM   241  C CD1 . LEU A 1 30  ? 7.396   -5.610  0.886   1.00 30.09 ? 71  LEU A CD1 1 
ATOM   242  C CD2 . LEU A 1 30  ? 5.119   -4.615  0.876   1.00 27.35 ? 71  LEU A CD2 1 
ATOM   243  N N   . LYS A 1 31  ? 6.606   -8.680  2.732   1.00 24.51 ? 72  LYS A N   1 
ATOM   244  C CA  . LYS A 1 31  ? 7.163   -9.845  2.018   1.00 35.00 ? 72  LYS A CA  1 
ATOM   245  C C   . LYS A 1 31  ? 6.122   -10.888 1.667   1.00 30.29 ? 72  LYS A C   1 
ATOM   246  O O   . LYS A 1 31  ? 6.032   -11.344 0.533   1.00 31.14 ? 72  LYS A O   1 
ATOM   247  C CB  . LYS A 1 31  ? 8.304   -10.478 2.824   1.00 43.28 ? 72  LYS A CB  1 
ATOM   248  C CG  . LYS A 1 31  ? 9.711   -10.100 2.316   1.00 52.43 ? 72  LYS A CG  1 
ATOM   249  C CD  . LYS A 1 31  ? 10.034  -8.611  2.319   1.00 55.34 ? 72  LYS A CD  1 
ATOM   250  C CE  . LYS A 1 31  ? 11.382  -8.313  1.673   1.00 61.58 ? 72  LYS A CE  1 
ATOM   251  N NZ  . LYS A 1 31  ? 12.496  -8.527  2.628   1.00 60.88 ? 72  LYS A NZ  1 
ATOM   252  N N   . THR A 1 32  ? 5.307   -11.221 2.640   1.00 30.61 ? 73  THR A N   1 
ATOM   253  C CA  . THR A 1 32  ? 4.242   -12.162 2.465   1.00 29.36 ? 73  THR A CA  1 
ATOM   254  C C   . THR A 1 32  ? 3.118   -11.718 1.519   1.00 29.49 ? 73  THR A C   1 
ATOM   255  O O   . THR A 1 32  ? 2.687   -12.499 0.630   1.00 27.62 ? 73  THR A O   1 
ATOM   256  C CB  . THR A 1 32  ? 3.734   -12.574 3.838   1.00 31.90 ? 73  THR A CB  1 
ATOM   257  O OG1 . THR A 1 32  ? 4.805   -13.288 4.489   1.00 35.59 ? 73  THR A OG1 1 
ATOM   258  C CG2 . THR A 1 32  ? 2.498   -13.459 3.785   1.00 35.39 ? 73  THR A CG2 1 
ATOM   259  N N   . LEU A 1 33  ? 2.610   -10.500 1.686   1.00 22.94 ? 74  LEU A N   1 
ATOM   260  C CA  . LEU A 1 33  ? 1.653   -9.991  0.731   1.00 21.99 ? 74  LEU A CA  1 
ATOM   261  C C   . LEU A 1 33  ? 2.221   -9.909  -0.719  1.00 22.41 ? 74  LEU A C   1 
ATOM   262  O O   . LEU A 1 33  ? 1.487   -10.212 -1.674  1.00 24.69 ? 74  LEU A O   1 
ATOM   263  C CB  . LEU A 1 33  ? 1.078   -8.621  1.158   1.00 22.62 ? 74  LEU A CB  1 
ATOM   264  C CG  . LEU A 1 33  ? -0.224  -8.625  1.951   1.00 26.99 ? 74  LEU A CG  1 
ATOM   265  C CD1 . LEU A 1 33  ? 0.026   -9.326  3.270   1.00 26.35 ? 74  LEU A CD1 1 
ATOM   266  C CD2 . LEU A 1 33  ? -0.668  -7.177  2.120   1.00 26.58 ? 74  LEU A CD2 1 
ATOM   267  N N   . TRP A 1 34  ? 3.469   -9.470  -0.882  1.00 20.71 ? 75  TRP A N   1 
ATOM   268  C CA  . TRP A 1 34  ? 4.089   -9.246  -2.159  1.00 22.63 ? 75  TRP A CA  1 
ATOM   269  C C   . TRP A 1 34  ? 4.050   -10.476 -3.036  1.00 25.98 ? 75  TRP A C   1 
ATOM   270  O O   . TRP A 1 34  ? 3.846   -10.383 -4.245  1.00 26.47 ? 75  TRP A O   1 
ATOM   271  C CB  . TRP A 1 34  ? 5.567   -8.848  -2.042  1.00 22.63 ? 75  TRP A CB  1 
ATOM   272  C CG  . TRP A 1 34  ? 6.169   -8.251  -3.301  1.00 24.21 ? 75  TRP A CG  1 
ATOM   273  C CD1 . TRP A 1 34  ? 6.882   -8.917  -4.308  1.00 24.95 ? 75  TRP A CD1 1 
ATOM   274  C CD2 . TRP A 1 34  ? 6.125   -6.870  -3.700  1.00 23.64 ? 75  TRP A CD2 1 
ATOM   275  N NE1 . TRP A 1 34  ? 7.262   -8.022  -5.279  1.00 25.77 ? 75  TRP A NE1 1 
ATOM   276  C CE2 . TRP A 1 34  ? 6.855   -6.758  -4.920  1.00 25.11 ? 75  TRP A CE2 1 
ATOM   277  C CE3 . TRP A 1 34  ? 5.570   -5.710  -3.127  1.00 22.60 ? 75  TRP A CE3 1 
ATOM   278  C CZ2 . TRP A 1 34  ? 7.032   -5.556  -5.578  1.00 25.82 ? 75  TRP A CZ2 1 
ATOM   279  C CZ3 . TRP A 1 34  ? 5.740   -4.483  -3.806  1.00 20.63 ? 75  TRP A CZ3 1 
ATOM   280  C CH2 . TRP A 1 34  ? 6.461   -4.419  -5.016  1.00 24.93 ? 75  TRP A CH2 1 
ATOM   281  N N   . LYS A 1 35  ? 4.229   -11.628 -2.405  1.00 29.04 ? 76  LYS A N   1 
ATOM   282  C CA  A LYS A 1 35  ? 4.279   -12.915 -3.114  0.50 33.41 ? 76  LYS A CA  1 
ATOM   283  C CA  B LYS A 1 35  ? 4.278   -12.859 -3.200  0.50 31.50 ? 76  LYS A CA  1 
ATOM   284  C C   . LYS A 1 35  ? 2.919   -13.485 -3.402  1.00 32.12 ? 76  LYS A C   1 
ATOM   285  O O   . LYS A 1 35  ? 2.828   -14.452 -4.109  1.00 37.00 ? 76  LYS A O   1 
ATOM   286  C CB  A LYS A 1 35  ? 5.112   -13.955 -2.326  0.50 37.12 ? 76  LYS A CB  1 
ATOM   287  C CB  B LYS A 1 35  ? 5.312   -13.856 -2.642  0.50 32.31 ? 76  LYS A CB  1 
ATOM   288  C CG  A LYS A 1 35  ? 4.488   -14.432 -1.012  0.50 40.16 ? 76  LYS A CG  1 
ATOM   289  C CG  B LYS A 1 35  ? 5.015   -14.385 -1.257  0.50 33.18 ? 76  LYS A CG  1 
ATOM   290  C CD  A LYS A 1 35  ? 5.224   -15.618 -0.407  0.50 44.83 ? 76  LYS A CD  1 
ATOM   291  C CD  B LYS A 1 35  ? 6.138   -15.295 -0.798  0.50 33.99 ? 76  LYS A CD  1 
ATOM   292  C CE  A LYS A 1 35  ? 6.631   -15.197 -0.003  0.50 46.30 ? 76  LYS A CE  1 
ATOM   293  C CE  B LYS A 1 35  ? 7.353   -14.498 -0.376  0.50 33.70 ? 76  LYS A CE  1 
ATOM   294  N NZ  A LYS A 1 35  ? 7.183   -16.056 1.083   0.50 46.89 ? 76  LYS A NZ  1 
ATOM   295  N NZ  B LYS A 1 35  ? 8.550   -14.830 -1.191  0.50 34.74 ? 76  LYS A NZ  1 
ATOM   296  N N   . HIS A 1 36  ? 1.828   -12.910 -2.853  1.00 26.38 ? 77  HIS A N   1 
ATOM   297  C CA  . HIS A 1 36  ? 0.520   -13.537 -3.013  1.00 24.38 ? 77  HIS A CA  1 
ATOM   298  C C   . HIS A 1 36  ? 0.096   -13.452 -4.517  1.00 25.09 ? 77  HIS A C   1 
ATOM   299  O O   . HIS A 1 36  ? 0.520   -12.546 -5.224  1.00 24.12 ? 77  HIS A O   1 
ATOM   300  C CB  . HIS A 1 36  ? -0.505  -12.818 -2.139  1.00 25.33 ? 77  HIS A CB  1 
ATOM   301  C CG  . HIS A 1 36  ? -1.859  -13.454 -2.077  1.00 24.94 ? 77  HIS A CG  1 
ATOM   302  N ND1 . HIS A 1 36  ? -2.808  -13.293 -3.060  1.00 24.16 ? 77  HIS A ND1 1 
ATOM   303  C CD2 . HIS A 1 36  ? -2.463  -14.178 -1.109  1.00 27.18 ? 77  HIS A CD2 1 
ATOM   304  C CE1 . HIS A 1 36  ? -3.942  -13.861 -2.703  1.00 25.18 ? 77  HIS A CE1 1 
ATOM   305  N NE2 . HIS A 1 36  ? -3.753  -14.427 -1.524  1.00 26.94 ? 77  HIS A NE2 1 
ATOM   306  N N   . GLN A 1 37  ? -0.686  -14.400 -5.006  1.00 27.30 ? 78  GLN A N   1 
ATOM   307  C CA  . GLN A 1 37  ? -0.924  -14.449 -6.503  1.00 28.74 ? 78  GLN A CA  1 
ATOM   308  C C   . GLN A 1 37  ? -1.770  -13.225 -6.972  1.00 28.18 ? 78  GLN A C   1 
ATOM   309  O O   . GLN A 1 37  ? -1.836  -12.932 -8.122  1.00 23.80 ? 78  GLN A O   1 
ATOM   310  C CB  . GLN A 1 37  ? -1.628  -15.744 -6.976  1.00 29.93 ? 78  GLN A CB  1 
ATOM   311  C CG  . GLN A 1 37  ? -2.968  -15.967 -6.337  1.00 27.69 ? 78  GLN A CG  1 
ATOM   312  C CD  . GLN A 1 37  ? -3.788  -17.084 -6.964  1.00 34.18 ? 78  GLN A CD  1 
ATOM   313  O OE1 . GLN A 1 37  ? -3.939  -17.201 -8.214  1.00 33.46 ? 78  GLN A OE1 1 
ATOM   314  N NE2 . GLN A 1 37  ? -4.396  -17.878 -6.097  1.00 35.25 ? 78  GLN A NE2 1 
ATOM   315  N N   . PHE A 1 38  ? -2.458  -12.562 -6.053  1.00 24.87 ? 79  PHE A N   1 
ATOM   316  C CA  . PHE A 1 38  ? -3.196  -11.331 -6.392  1.00 24.65 ? 79  PHE A CA  1 
ATOM   317  C C   . PHE A 1 38  ? -2.452  -10.043 -6.029  1.00 23.65 ? 79  PHE A C   1 
ATOM   318  O O   . PHE A 1 38  ? -3.073  -8.990  -6.150  1.00 22.32 ? 79  PHE A O   1 
ATOM   319  C CB  . PHE A 1 38  ? -4.548  -11.347 -5.731  1.00 22.21 ? 79  PHE A CB  1 
ATOM   320  C CG  . PHE A 1 38  ? -5.460  -12.462 -6.166  1.00 27.71 ? 79  PHE A CG  1 
ATOM   321  C CD1 . PHE A 1 38  ? -5.397  -13.040 -7.441  1.00 29.78 ? 79  PHE A CD1 1 
ATOM   322  C CD2 . PHE A 1 38  ? -6.455  -12.890 -5.309  1.00 29.50 ? 79  PHE A CD2 1 
ATOM   323  C CE1 . PHE A 1 38  ? -6.288  -14.052 -7.818  1.00 28.93 ? 79  PHE A CE1 1 
ATOM   324  C CE2 . PHE A 1 38  ? -7.349  -13.888 -5.697  1.00 34.34 ? 79  PHE A CE2 1 
ATOM   325  C CZ  . PHE A 1 38  ? -7.259  -14.465 -6.962  1.00 29.61 ? 79  PHE A CZ  1 
ATOM   326  N N   . ALA A 1 39  ? -1.132  -10.074 -5.757  1.00 21.46 ? 80  ALA A N   1 
ATOM   327  C CA  . ALA A 1 39  ? -0.421  -8.871  -5.426  1.00 22.52 ? 80  ALA A CA  1 
ATOM   328  C C   . ALA A 1 39  ? -0.119  -7.969  -6.563  1.00 20.77 ? 80  ALA A C   1 
ATOM   329  O O   . ALA A 1 39  ? -0.006  -6.783  -6.337  1.00 20.67 ? 80  ALA A O   1 
ATOM   330  C CB  . ALA A 1 39  ? 0.843   -9.130  -4.650  1.00 20.97 ? 80  ALA A CB  1 
ATOM   331  N N   . TRP A 1 40  ? 0.078   -8.524  -7.784  1.00 20.70 ? 81  TRP A N   1 
ATOM   332  C CA  . TRP A 1 40  ? 0.637   -7.768  -8.882  1.00 20.46 ? 81  TRP A CA  1 
ATOM   333  C C   . TRP A 1 40  ? -0.044  -6.390  -9.233  1.00 20.48 ? 81  TRP A C   1 
ATOM   334  O O   . TRP A 1 40  ? 0.640   -5.433  -9.548  1.00 20.23 ? 81  TRP A O   1 
ATOM   335  C CB  . TRP A 1 40  ? 0.784   -8.690  -10.124 1.00 20.89 ? 81  TRP A CB  1 
ATOM   336  C CG  . TRP A 1 40  ? -0.482  -9.206  -10.658 1.00 20.63 ? 81  TRP A CG  1 
ATOM   337  C CD1 . TRP A 1 40  ? -1.107  -10.349 -10.362 1.00 21.49 ? 81  TRP A CD1 1 
ATOM   338  C CD2 . TRP A 1 40  ? -1.279  -8.549  -11.635 1.00 23.25 ? 81  TRP A CD2 1 
ATOM   339  N NE1 . TRP A 1 40  ? -2.260  -10.468 -11.094 1.00 22.69 ? 81  TRP A NE1 1 
ATOM   340  C CE2 . TRP A 1 40  ? -2.392  -9.342  -11.858 1.00 23.33 ? 81  TRP A CE2 1 
ATOM   341  C CE3 . TRP A 1 40  ? -1.135  -7.346  -12.343 1.00 26.29 ? 81  TRP A CE3 1 
ATOM   342  C CZ2 . TRP A 1 40  ? -3.377  -8.986  -12.754 1.00 27.95 ? 81  TRP A CZ2 1 
ATOM   343  C CZ3 . TRP A 1 40  ? -2.134  -6.974  -13.213 1.00 26.55 ? 81  TRP A CZ3 1 
ATOM   344  C CH2 . TRP A 1 40  ? -3.227  -7.805  -13.423 1.00 25.13 ? 81  TRP A CH2 1 
ATOM   345  N N   . PRO A 1 41  ? -1.368  -6.300  -9.205  1.00 17.43 ? 82  PRO A N   1 
ATOM   346  C CA  . PRO A 1 41  ? -1.923  -4.963  -9.509  1.00 18.38 ? 82  PRO A CA  1 
ATOM   347  C C   . PRO A 1 41  ? -1.612  -3.926  -8.463  1.00 18.34 ? 82  PRO A C   1 
ATOM   348  O O   . PRO A 1 41  ? -1.738  -2.741  -8.728  1.00 19.55 ? 82  PRO A O   1 
ATOM   349  C CB  . PRO A 1 41  ? -3.423  -5.229  -9.486  1.00 16.87 ? 82  PRO A CB  1 
ATOM   350  C CG  . PRO A 1 41  ? -3.624  -6.696  -9.590  1.00 19.61 ? 82  PRO A CG  1 
ATOM   351  C CD  . PRO A 1 41  ? -2.439  -7.207  -8.824  1.00 18.99 ? 82  PRO A CD  1 
ATOM   352  N N   . PHE A 1 42  ? -1.209  -4.370  -7.279  1.00 17.48 ? 83  PHE A N   1 
ATOM   353  C CA  . PHE A 1 42  ? -0.881  -3.476  -6.155  1.00 18.11 ? 83  PHE A CA  1 
ATOM   354  C C   . PHE A 1 42  ? 0.615   -3.214  -5.942  1.00 19.35 ? 83  PHE A C   1 
ATOM   355  O O   . PHE A 1 42  ? 1.025   -2.444  -5.058  1.00 17.67 ? 83  PHE A O   1 
ATOM   356  C CB  . PHE A 1 42  ? -1.543  -4.041  -4.866  1.00 17.22 ? 83  PHE A CB  1 
ATOM   357  C CG  . PHE A 1 42  ? -2.982  -4.340  -5.004  1.00 17.45 ? 83  PHE A CG  1 
ATOM   358  C CD1 . PHE A 1 42  ? -3.952  -3.348  -4.723  1.00 17.56 ? 83  PHE A CD1 1 
ATOM   359  C CD2 . PHE A 1 42  ? -3.415  -5.576  -5.429  1.00 17.67 ? 83  PHE A CD2 1 
ATOM   360  C CE1 . PHE A 1 42  ? -5.260  -3.615  -4.890  1.00 17.72 ? 83  PHE A CE1 1 
ATOM   361  C CE2 . PHE A 1 42  ? -4.740  -5.854  -5.606  1.00 20.40 ? 83  PHE A CE2 1 
ATOM   362  C CZ  . PHE A 1 42  ? -5.671  -4.885  -5.346  1.00 18.76 ? 83  PHE A CZ  1 
ATOM   363  N N   . GLN A 1 43  ? 1.493   -3.784  -6.786  1.00 19.08 ? 84  GLN A N   1 
ATOM   364  C CA  . GLN A 1 43  ? 2.918   -3.635  -6.628  1.00 19.34 ? 84  GLN A CA  1 
ATOM   365  C C   . GLN A 1 43  ? 3.539   -2.305  -7.137  1.00 20.27 ? 84  GLN A C   1 
ATOM   366  O O   . GLN A 1 43  ? 4.741   -2.002  -7.006  1.00 19.19 ? 84  GLN A O   1 
ATOM   367  C CB  . GLN A 1 43  ? 3.559   -4.889  -7.268  1.00 19.76 ? 84  GLN A CB  1 
ATOM   368  C CG  . GLN A 1 43  ? 3.362   -6.153  -6.466  1.00 20.48 ? 84  GLN A CG  1 
ATOM   369  C CD  . GLN A 1 43  ? 3.948   -7.398  -7.209  1.00 26.25 ? 84  GLN A CD  1 
ATOM   370  O OE1 . GLN A 1 43  ? 4.182   -7.326  -8.402  1.00 26.02 ? 84  GLN A OE1 1 
ATOM   371  N NE2 . GLN A 1 43  ? 4.135   -8.487  -6.528  1.00 24.56 ? 84  GLN A NE2 1 
ATOM   372  N N   . GLN A 1 44  ? 2.730   -1.483  -7.783  1.00 20.16 ? 85  GLN A N   1 
ATOM   373  C CA  . GLN A 1 44  ? 3.142   -0.207  -8.293  1.00 20.31 ? 85  GLN A CA  1 
ATOM   374  C C   . GLN A 1 44  ? 1.924   0.754   -8.352  1.00 18.94 ? 85  GLN A C   1 
ATOM   375  O O   . GLN A 1 44  ? 0.783   0.283   -8.275  1.00 17.85 ? 85  GLN A O   1 
ATOM   376  C CB  . GLN A 1 44  ? 3.768   -0.393  -9.658  1.00 24.21 ? 85  GLN A CB  1 
ATOM   377  C CG  . GLN A 1 44  ? 2.908   -1.011  -10.730 1.00 24.86 ? 85  GLN A CG  1 
ATOM   378  C CD  . GLN A 1 44  ? 2.654   -2.489  -10.568 1.00 24.53 ? 85  GLN A CD  1 
ATOM   379  O OE1 . GLN A 1 44  ? 3.561   -3.250  -10.337 1.00 24.44 ? 85  GLN A OE1 1 
ATOM   380  N NE2 . GLN A 1 44  ? 1.408   -2.891  -10.632 1.00 26.85 ? 85  GLN A NE2 1 
ATOM   381  N N   . PRO A 1 45  ? 2.177   2.054   -8.530  1.00 21.45 ? 86  PRO A N   1 
ATOM   382  C CA  . PRO A 1 45  ? 1.081   2.990   -8.622  1.00 21.70 ? 86  PRO A CA  1 
ATOM   383  C C   . PRO A 1 45  ? 0.165   2.638   -9.776  1.00 22.08 ? 86  PRO A C   1 
ATOM   384  O O   . PRO A 1 45  ? 0.614   2.093   -10.783 1.00 20.74 ? 86  PRO A O   1 
ATOM   385  C CB  . PRO A 1 45  ? 1.788   4.328   -8.909  1.00 21.73 ? 86  PRO A CB  1 
ATOM   386  C CG  . PRO A 1 45  ? 3.125   4.176   -8.173  1.00 23.73 ? 86  PRO A CG  1 
ATOM   387  C CD  . PRO A 1 45  ? 3.474   2.762   -8.547  1.00 22.91 ? 86  PRO A CD  1 
ATOM   388  N N   . VAL A 1 46  ? -1.106  2.899   -9.588  1.00 20.63 ? 87  VAL A N   1 
ATOM   389  C CA  . VAL A 1 46  ? -2.074  2.767   -10.637 1.00 19.07 ? 87  VAL A CA  1 
ATOM   390  C C   . VAL A 1 46  ? -1.657  3.668   -11.804 1.00 20.16 ? 87  VAL A C   1 
ATOM   391  O O   . VAL A 1 46  ? -1.466  4.881   -11.624 1.00 20.45 ? 87  VAL A O   1 
ATOM   392  C CB  . VAL A 1 46  ? -3.497  3.094   -10.151 1.00 19.51 ? 87  VAL A CB  1 
ATOM   393  C CG1 . VAL A 1 46  ? -4.440  3.155   -11.383 1.00 20.80 ? 87  VAL A CG1 1 
ATOM   394  C CG2 . VAL A 1 46  ? -3.970  2.117   -9.052  1.00 20.81 ? 87  VAL A CG2 1 
ATOM   395  N N   . ASP A 1 47  ? -1.398  3.037   -12.944 1.00 20.35 ? 88  ASP A N   1 
ATOM   396  C CA  . ASP A 1 47  ? -0.986  3.738   -14.189 1.00 23.26 ? 88  ASP A CA  1 
ATOM   397  C C   . ASP A 1 47  ? -2.256  4.012   -14.973 1.00 20.38 ? 88  ASP A C   1 
ATOM   398  O O   . ASP A 1 47  ? -2.702  3.176   -15.764 1.00 21.39 ? 88  ASP A O   1 
ATOM   399  C CB  . ASP A 1 47  ? 0.035   2.901   -14.983 1.00 22.73 ? 88  ASP A CB  1 
ATOM   400  C CG  . ASP A 1 47  ? 0.592   3.650   -16.219 1.00 27.70 ? 88  ASP A CG  1 
ATOM   401  O OD1 . ASP A 1 47  ? -0.073  4.594   -16.733 1.00 24.12 ? 88  ASP A OD1 1 
ATOM   402  O OD2 . ASP A 1 47  ? 1.667   3.265   -16.765 1.00 28.71 ? 88  ASP A OD2 1 
ATOM   403  N N   . ALA A 1 48  ? -2.932  5.086   -14.600 1.00 20.80 ? 89  ALA A N   1 
ATOM   404  C CA  . ALA A 1 48  ? -4.222  5.314   -15.157 1.00 21.30 ? 89  ALA A CA  1 
ATOM   405  C C   . ALA A 1 48  ? -4.134  5.627   -16.675 1.00 22.06 ? 89  ALA A C   1 
ATOM   406  O O   . ALA A 1 48  ? -5.127  5.422   -17.377 1.00 27.07 ? 89  ALA A O   1 
ATOM   407  C CB  . ALA A 1 48  ? -4.972  6.409   -14.432 1.00 21.31 ? 89  ALA A CB  1 
ATOM   408  N N   . VAL A 1 49  ? -2.978  6.108   -17.137 1.00 22.62 ? 90  VAL A N   1 
ATOM   409  C CA  . VAL A 1 49  ? -2.761  6.414   -18.539 1.00 23.62 ? 90  VAL A CA  1 
ATOM   410  C C   . VAL A 1 49  ? -2.782  5.112   -19.333 1.00 25.45 ? 90  VAL A C   1 
ATOM   411  O O   . VAL A 1 49  ? -3.597  4.930   -20.238 1.00 25.42 ? 90  VAL A O   1 
ATOM   412  C CB  . VAL A 1 49  ? -1.454  7.198   -18.768 1.00 26.46 ? 90  VAL A CB  1 
ATOM   413  C CG1 . VAL A 1 49  ? -1.134  7.265   -20.261 1.00 28.65 ? 90  VAL A CG1 1 
ATOM   414  C CG2 . VAL A 1 49  ? -1.553  8.602   -18.185 1.00 24.29 ? 90  VAL A CG2 1 
ATOM   415  N N   . LYS A 1 50  ? -1.934  4.165   -18.926 1.00 24.06 ? 91  LYS A N   1 
ATOM   416  C CA  . LYS A 1 50  ? -1.868  2.845   -19.529 1.00 26.72 ? 91  LYS A CA  1 
ATOM   417  C C   . LYS A 1 50  ? -3.206  2.109   -19.509 1.00 24.70 ? 91  LYS A C   1 
ATOM   418  O O   . LYS A 1 50  ? -3.569  1.458   -20.455 1.00 23.40 ? 91  LYS A O   1 
ATOM   419  C CB  . LYS A 1 50  ? -0.822  2.053   -18.741 1.00 33.68 ? 91  LYS A CB  1 
ATOM   420  C CG  . LYS A 1 50  ? -0.363  0.760   -19.322 1.00 39.42 ? 91  LYS A CG  1 
ATOM   421  C CD  . LYS A 1 50  ? 0.473   1.045   -20.557 1.00 42.02 ? 91  LYS A CD  1 
ATOM   422  C CE  . LYS A 1 50  ? 0.029   0.103   -21.657 1.00 43.57 ? 91  LYS A CE  1 
ATOM   423  N NZ  . LYS A 1 50  ? 0.330   0.568   -23.002 1.00 35.97 ? 91  LYS A NZ  1 
ATOM   424  N N   . LEU A 1 51  ? -3.939  2.208   -18.388 1.00 23.65 ? 92  LEU A N   1 
ATOM   425  C CA  . LEU A 1 51  ? -5.192  1.527   -18.215 1.00 23.23 ? 92  LEU A CA  1 
ATOM   426  C C   . LEU A 1 51  ? -6.407  2.272   -18.826 1.00 22.54 ? 92  LEU A C   1 
ATOM   427  O O   . LEU A 1 51  ? -7.507  1.780   -18.796 1.00 23.18 ? 92  LEU A O   1 
ATOM   428  C CB  . LEU A 1 51  ? -5.435  1.268   -16.718 1.00 22.46 ? 92  LEU A CB  1 
ATOM   429  C CG  . LEU A 1 51  ? -4.460  0.254   -16.070 1.00 25.66 ? 92  LEU A CG  1 
ATOM   430  C CD1 . LEU A 1 51  ? -4.507  0.441   -14.548 1.00 25.40 ? 92  LEU A CD1 1 
ATOM   431  C CD2 . LEU A 1 51  ? -4.868  -1.169  -16.511 1.00 26.41 ? 92  LEU A CD2 1 
ATOM   432  N N   . ASN A 1 52  ? -6.194  3.408   -19.415 1.00 22.86 ? 93  ASN A N   1 
ATOM   433  C CA  . ASN A 1 52  ? -7.300  4.209   -19.972 1.00 27.09 ? 93  ASN A CA  1 
ATOM   434  C C   . ASN A 1 52  ? -8.391  4.497   -18.931 1.00 24.96 ? 93  ASN A C   1 
ATOM   435  O O   . ASN A 1 52  ? -9.594  4.234   -19.142 1.00 28.82 ? 93  ASN A O   1 
ATOM   436  C CB  . ASN A 1 52  ? -7.898  3.663   -21.302 1.00 31.22 ? 93  ASN A CB  1 
ATOM   437  C CG  . ASN A 1 52  ? -8.863  4.665   -21.937 1.00 37.96 ? 93  ASN A CG  1 
ATOM   438  O OD1 . ASN A 1 52  ? -8.719  5.915   -21.770 1.00 38.72 ? 93  ASN A OD1 1 
ATOM   439  N ND2 . ASN A 1 52  ? -9.920  4.148   -22.553 1.00 42.30 ? 93  ASN A ND2 1 
ATOM   440  N N   . LEU A 1 53  ? -7.951  5.023   -17.783 1.00 22.71 ? 94  LEU A N   1 
ATOM   441  C CA  . LEU A 1 53  ? -8.844  5.384   -16.664 1.00 25.37 ? 94  LEU A CA  1 
ATOM   442  C C   . LEU A 1 53  ? -8.636  6.850   -16.291 1.00 27.64 ? 94  LEU A C   1 
ATOM   443  O O   . LEU A 1 53  ? -8.061  7.205   -15.253 1.00 22.67 ? 94  LEU A O   1 
ATOM   444  C CB  . LEU A 1 53  ? -8.602  4.463   -15.484 1.00 24.04 ? 94  LEU A CB  1 
ATOM   445  C CG  . LEU A 1 53  ? -8.844  2.974   -15.624 1.00 25.08 ? 94  LEU A CG  1 
ATOM   446  C CD1 . LEU A 1 53  ? -8.516  2.260   -14.307 1.00 27.14 ? 94  LEU A CD1 1 
ATOM   447  C CD2 . LEU A 1 53  ? -10.229 2.611   -16.109 1.00 29.10 ? 94  LEU A CD2 1 
ATOM   448  N N   . PRO A 1 54  ? -9.068  7.739   -17.189 1.00 23.44 ? 95  PRO A N   1 
ATOM   449  C CA  . PRO A 1 54  ? -8.690  9.098   -17.028 1.00 22.94 ? 95  PRO A CA  1 
ATOM   450  C C   . PRO A 1 54  ? -9.299  9.779   -15.798 1.00 20.37 ? 95  PRO A C   1 
ATOM   451  O O   . PRO A 1 54  ? -8.752  10.779  -15.348 1.00 23.92 ? 95  PRO A O   1 
ATOM   452  C CB  . PRO A 1 54  ? -9.162  9.764   -18.372 1.00 21.89 ? 95  PRO A CB  1 
ATOM   453  C CG  . PRO A 1 54  ? -10.214 8.855   -18.849 1.00 23.97 ? 95  PRO A CG  1 
ATOM   454  C CD  . PRO A 1 54  ? -9.702  7.488   -18.496 1.00 26.08 ? 95  PRO A CD  1 
ATOM   455  N N   . ASP A 1 55  ? -10.352 9.216   -15.217 1.00 20.32 ? 96  ASP A N   1 
ATOM   456  C CA  . ASP A 1 55  ? -10.969 9.782   -13.991 1.00 21.90 ? 96  ASP A CA  1 
ATOM   457  C C   . ASP A 1 55  ? -10.359 9.271   -12.684 1.00 20.49 ? 96  ASP A C   1 
ATOM   458  O O   . ASP A 1 55  ? -10.697 9.737   -11.640 1.00 19.07 ? 96  ASP A O   1 
ATOM   459  C CB  . ASP A 1 55  ? -12.500 9.584   -13.993 1.00 23.71 ? 96  ASP A CB  1 
ATOM   460  C CG  . ASP A 1 55  ? -12.888 8.169   -13.699 1.00 26.02 ? 96  ASP A CG  1 
ATOM   461  O OD1 . ASP A 1 55  ? -12.019 7.318   -13.865 1.00 27.60 ? 96  ASP A OD1 1 
ATOM   462  O OD2 . ASP A 1 55  ? -14.042 7.909   -13.346 1.00 34.89 ? 96  ASP A OD2 1 
ATOM   463  N N   . TYR A 1 56  ? -9.390  8.329   -12.746 1.00 21.07 ? 97  TYR A N   1 
ATOM   464  C CA  . TYR A 1 56  ? -8.897  7.661   -11.535 1.00 18.89 ? 97  TYR A CA  1 
ATOM   465  C C   . TYR A 1 56  ? -8.386  8.664   -10.520 1.00 19.57 ? 97  TYR A C   1 
ATOM   466  O O   . TYR A 1 56  ? -8.772  8.626   -9.373  1.00 19.76 ? 97  TYR A O   1 
ATOM   467  C CB  . TYR A 1 56  ? -7.792  6.604   -11.876 1.00 20.18 ? 97  TYR A CB  1 
ATOM   468  C CG  . TYR A 1 56  ? -7.344  5.895   -10.637 1.00 18.12 ? 97  TYR A CG  1 
ATOM   469  C CD1 . TYR A 1 56  ? -8.055  4.848   -10.173 1.00 16.63 ? 97  TYR A CD1 1 
ATOM   470  C CD2 . TYR A 1 56  ? -6.289  6.369   -9.862  1.00 17.34 ? 97  TYR A CD2 1 
ATOM   471  C CE1 . TYR A 1 56  ? -7.751  4.230   -8.991  1.00 16.94 ? 97  TYR A CE1 1 
ATOM   472  C CE2 . TYR A 1 56  ? -5.906  5.731   -8.653  1.00 16.96 ? 97  TYR A CE2 1 
ATOM   473  C CZ  . TYR A 1 56  ? -6.611  4.652   -8.221  1.00 17.55 ? 97  TYR A CZ  1 
ATOM   474  O OH  . TYR A 1 56  ? -6.330  4.052   -7.019  1.00 15.78 ? 97  TYR A OH  1 
ATOM   475  N N   . TYR A 1 57  ? -7.551  9.595   -10.964 1.00 18.67 ? 98  TYR A N   1 
ATOM   476  C CA  . TYR A 1 57  ? -6.913  10.573  -10.121 1.00 18.19 ? 98  TYR A CA  1 
ATOM   477  C C   . TYR A 1 57  ? -7.813  11.811  -9.902  1.00 19.87 ? 98  TYR A C   1 
ATOM   478  O O   . TYR A 1 57  ? -7.443  12.696  -9.208  1.00 22.18 ? 98  TYR A O   1 
ATOM   479  C CB  . TYR A 1 57  ? -5.519  10.911  -10.643 1.00 20.55 ? 98  TYR A CB  1 
ATOM   480  C CG  . TYR A 1 57  ? -4.547  9.723   -10.411 1.00 20.24 ? 98  TYR A CG  1 
ATOM   481  C CD1 . TYR A 1 57  ? -4.266  9.282   -9.131  1.00 21.57 ? 98  TYR A CD1 1 
ATOM   482  C CD2 . TYR A 1 57  ? -3.955  9.038   -11.478 1.00 22.25 ? 98  TYR A CD2 1 
ATOM   483  C CE1 . TYR A 1 57  ? -3.416  8.172   -8.910  1.00 23.88 ? 98  TYR A CE1 1 
ATOM   484  C CE2 . TYR A 1 57  ? -3.079  7.988   -11.261 1.00 18.88 ? 98  TYR A CE2 1 
ATOM   485  C CZ  . TYR A 1 57  ? -2.816  7.541   -9.968  1.00 20.91 ? 98  TYR A CZ  1 
ATOM   486  O OH  . TYR A 1 57  ? -1.996  6.400   -9.754  1.00 21.76 ? 98  TYR A OH  1 
ATOM   487  N N   . LYS A 1 58  ? -8.976  11.853  -10.521 1.00 20.50 ? 99  LYS A N   1 
ATOM   488  C CA  . LYS A 1 58  ? -10.014 12.830  -10.127 1.00 23.02 ? 99  LYS A CA  1 
ATOM   489  C C   . LYS A 1 58  ? -10.820 12.291  -8.943  1.00 24.34 ? 99  LYS A C   1 
ATOM   490  O O   . LYS A 1 58  ? -11.457 13.083  -8.203  1.00 25.62 ? 99  LYS A O   1 
ATOM   491  C CB  . LYS A 1 58  ? -10.962 13.075  -11.308 1.00 24.01 ? 99  LYS A CB  1 
ATOM   492  C CG  . LYS A 1 58  ? -10.285 13.506  -12.591 1.00 30.71 ? 99  LYS A CG  1 
ATOM   493  C CD  . LYS A 1 58  ? -9.709  14.892  -12.411 1.00 31.71 ? 99  LYS A CD  1 
ATOM   494  C CE  . LYS A 1 58  ? -8.924  15.397  -13.636 1.00 35.17 ? 99  LYS A CE  1 
ATOM   495  N NZ  . LYS A 1 58  ? -8.203  16.639  -13.141 1.00 41.12 ? 99  LYS A NZ  1 
ATOM   496  N N   . ILE A 1 59  ? -10.818 10.958  -8.793  1.00 19.12 ? 100 ILE A N   1 
ATOM   497  C CA  A ILE A 1 59  ? -11.620 10.293  -7.756  0.50 20.45 ? 100 ILE A CA  1 
ATOM   498  C CA  B ILE A 1 59  ? -11.621 10.235  -7.783  0.50 20.74 ? 100 ILE A CA  1 
ATOM   499  C C   . ILE A 1 59  ? -10.756 9.941   -6.543  1.00 21.51 ? 100 ILE A C   1 
ATOM   500  O O   . ILE A 1 59  ? -11.183 10.137  -5.389  1.00 21.49 ? 100 ILE A O   1 
ATOM   501  C CB  A ILE A 1 59  ? -12.354 9.088   -8.372  0.50 19.71 ? 100 ILE A CB  1 
ATOM   502  C CB  B ILE A 1 59  ? -12.204 8.929   -8.404  0.50 20.79 ? 100 ILE A CB  1 
ATOM   503  C CG1 A ILE A 1 59  ? -13.479 9.594   -9.284  0.50 19.76 ? 100 ILE A CG1 1 
ATOM   504  C CG1 B ILE A 1 59  ? -13.292 9.237   -9.453  0.50 20.74 ? 100 ILE A CG1 1 
ATOM   505  C CG2 A ILE A 1 59  ? -12.931 8.125   -7.330  0.50 21.55 ? 100 ILE A CG2 1 
ATOM   506  C CG2 B ILE A 1 59  ? -12.785 7.970   -7.360  0.50 22.32 ? 100 ILE A CG2 1 
ATOM   507  C CD1 A ILE A 1 59  ? -14.024 8.557   -10.218 0.50 18.52 ? 100 ILE A CD1 1 
ATOM   508  C CD1 B ILE A 1 59  ? -14.349 10.202  -8.958  0.50 20.61 ? 100 ILE A CD1 1 
ATOM   509  N N   . ILE A 1 60  ? -9.526  9.474   -6.777  1.00 16.48 ? 101 ILE A N   1 
ATOM   510  C CA  . ILE A 1 60  ? -8.620  9.047   -5.721  1.00 17.16 ? 101 ILE A CA  1 
ATOM   511  C C   . ILE A 1 60  ? -7.508  10.092  -5.540  1.00 18.28 ? 101 ILE A C   1 
ATOM   512  O O   . ILE A 1 60  ? -6.660  10.292  -6.426  1.00 22.25 ? 101 ILE A O   1 
ATOM   513  C CB  . ILE A 1 60  ? -7.993  7.704   -6.087  1.00 16.53 ? 101 ILE A CB  1 
ATOM   514  C CG1 . ILE A 1 60  ? -9.087  6.584   -6.223  1.00 17.47 ? 101 ILE A CG1 1 
ATOM   515  C CG2 . ILE A 1 60  ? -6.857  7.323   -5.124  1.00 15.76 ? 101 ILE A CG2 1 
ATOM   516  C CD1 . ILE A 1 60  ? -9.919  6.390   -4.953  1.00 17.94 ? 101 ILE A CD1 1 
ATOM   517  N N   . LYS A 1 61  ? -7.609  10.807  -4.456  1.00 18.60 ? 102 LYS A N   1 
ATOM   518  C CA  . LYS A 1 61  ? -6.701  11.971  -4.131  1.00 21.49 ? 102 LYS A CA  1 
ATOM   519  C C   . LYS A 1 61  ? -5.624  11.605  -3.103  1.00 23.92 ? 102 LYS A C   1 
ATOM   520  O O   . LYS A 1 61  ? -4.810  12.456  -2.760  1.00 28.25 ? 102 LYS A O   1 
ATOM   521  C CB  . LYS A 1 61  ? -7.503  13.136  -3.622  1.00 25.13 ? 102 LYS A CB  1 
ATOM   522  C CG  . LYS A 1 61  ? -8.666  13.588  -4.523  1.00 27.83 ? 102 LYS A CG  1 
ATOM   523  C CD  . LYS A 1 61  ? -8.407  14.725  -5.486  1.00 35.09 ? 102 LYS A CD  1 
ATOM   524  C CE  . LYS A 1 61  ? -7.764  14.266  -6.780  1.00 34.75 ? 102 LYS A CE  1 
ATOM   525  N NZ  . LYS A 1 61  ? -7.766  15.184  -7.982  1.00 36.25 ? 102 LYS A NZ  1 
ATOM   526  N N   . THR A 1 62  ? -5.650  10.403  -2.531  1.00 22.21 ? 103 THR A N   1 
ATOM   527  C CA  A THR A 1 62  ? -4.509  9.908   -1.742  0.50 23.79 ? 103 THR A CA  1 
ATOM   528  C CA  B THR A 1 62  ? -4.511  9.893   -1.725  0.50 24.44 ? 103 THR A CA  1 
ATOM   529  C C   . THR A 1 62  ? -4.100  8.517   -2.243  1.00 21.75 ? 103 THR A C   1 
ATOM   530  O O   . THR A 1 62  ? -4.397  7.516   -1.639  1.00 20.76 ? 103 THR A O   1 
ATOM   531  C CB  A THR A 1 62  ? -4.763  9.937   -0.239  0.50 26.49 ? 103 THR A CB  1 
ATOM   532  C CB  B THR A 1 62  ? -4.843  9.742   -0.246  0.50 28.33 ? 103 THR A CB  1 
ATOM   533  O OG1 A THR A 1 62  ? -5.556  11.091  0.094   0.50 30.64 ? 103 THR A OG1 1 
ATOM   534  O OG1 B THR A 1 62  ? -6.129  9.125   -0.139  0.50 32.66 ? 103 THR A OG1 1 
ATOM   535  C CG2 A THR A 1 62  ? -3.424  9.978   0.501   0.50 26.62 ? 103 THR A CG2 1 
ATOM   536  C CG2 B THR A 1 62  ? -4.816  11.090  0.493   0.50 29.77 ? 103 THR A CG2 1 
ATOM   537  N N   . PRO A 1 63  ? -3.431  8.469   -3.383  1.00 20.91 ? 104 PRO A N   1 
ATOM   538  C CA  . PRO A 1 63  ? -3.006  7.205   -3.986  1.00 18.28 ? 104 PRO A CA  1 
ATOM   539  C C   . PRO A 1 63  ? -2.006  6.480   -3.109  1.00 20.45 ? 104 PRO A C   1 
ATOM   540  O O   . PRO A 1 63  ? -1.186  7.134   -2.407  1.00 16.83 ? 104 PRO A O   1 
ATOM   541  C CB  . PRO A 1 63  ? -2.325  7.629   -5.263  1.00 21.19 ? 104 PRO A CB  1 
ATOM   542  C CG  . PRO A 1 63  ? -2.572  9.070   -5.447  1.00 20.56 ? 104 PRO A CG  1 
ATOM   543  C CD  . PRO A 1 63  ? -3.165  9.639   -4.249  1.00 22.42 ? 104 PRO A CD  1 
ATOM   544  N N   . MET A 1 64  ? -2.037  5.158   -3.147  1.00 17.80 ? 105 MET A N   1 
ATOM   545  C CA  . MET A 1 64  ? -1.055  4.360   -2.403  1.00 17.89 ? 105 MET A CA  1 
ATOM   546  C C   . MET A 1 64  ? -1.029  2.961   -2.953  1.00 18.89 ? 105 MET A C   1 
ATOM   547  O O   . MET A 1 64  ? -2.065  2.433   -3.394  1.00 19.85 ? 105 MET A O   1 
ATOM   548  C CB  . MET A 1 64  ? -1.333  4.298   -0.908  1.00 18.20 ? 105 MET A CB  1 
ATOM   549  C CG  . MET A 1 64  ? -0.242  3.594   -0.060  1.00 17.12 ? 105 MET A CG  1 
ATOM   550  S SD  . MET A 1 64  ? 1.388   4.402   -0.198  1.00 19.98 ? 105 MET A SD  1 
ATOM   551  C CE  . MET A 1 64  ? 1.076   6.150   0.134   1.00 20.69 ? 105 MET A CE  1 
ATOM   552  N N   . ASP A 1 65  ? 0.153   2.330   -2.857  1.00 17.76 ? 106 ASP A N   1 
ATOM   553  C CA  . ASP A 1 65  ? 0.362   1.018   -3.473  1.00 17.53 ? 106 ASP A CA  1 
ATOM   554  C C   . ASP A 1 65  ? 1.503   0.334   -2.719  1.00 16.59 ? 106 ASP A C   1 
ATOM   555  O O   . ASP A 1 65  ? 2.258   0.997   -2.007  1.00 12.96 ? 106 ASP A O   1 
ATOM   556  C CB  . ASP A 1 65  ? 0.710   1.153   -4.962  1.00 19.65 ? 106 ASP A CB  1 
ATOM   557  C CG  . ASP A 1 65  ? 2.063   1.836   -5.198  1.00 20.16 ? 106 ASP A CG  1 
ATOM   558  O OD1 . ASP A 1 65  ? 2.166   3.104   -5.169  1.00 21.01 ? 106 ASP A OD1 1 
ATOM   559  O OD2 . ASP A 1 65  ? 3.082   1.124   -5.358  1.00 19.75 ? 106 ASP A OD2 1 
ATOM   560  N N   . MET A 1 66  ? 1.647   -0.974  -2.894  1.00 16.53 ? 107 MET A N   1 
ATOM   561  C CA  . MET A 1 66  ? 2.732   -1.679  -2.185  1.00 18.21 ? 107 MET A CA  1 
ATOM   562  C C   . MET A 1 66  ? 4.141   -1.411  -2.645  1.00 18.06 ? 107 MET A C   1 
ATOM   563  O O   . MET A 1 66  ? 5.087   -1.647  -1.896  1.00 18.99 ? 107 MET A O   1 
ATOM   564  C CB  . MET A 1 66  ? 2.533   -3.187  -2.170  1.00 19.18 ? 107 MET A CB  1 
ATOM   565  C CG  . MET A 1 66  ? 1.344   -3.616  -1.387  1.00 22.57 ? 107 MET A CG  1 
ATOM   566  S SD  . MET A 1 66  ? 1.258   -5.357  -0.932  1.00 23.61 ? 107 MET A SD  1 
ATOM   567  C CE  . MET A 1 66  ? 1.384   -6.114  -2.522  1.00 22.85 ? 107 MET A CE  1 
ATOM   568  N N   . GLY A 1 67  ? 4.313   -1.001  -3.887  1.00 20.29 ? 108 GLY A N   1 
ATOM   569  C CA  . GLY A 1 67  ? 5.588   -0.440  -4.346  1.00 17.84 ? 108 GLY A CA  1 
ATOM   570  C C   . GLY A 1 67  ? 6.091   0.680   -3.497  1.00 17.95 ? 108 GLY A C   1 
ATOM   571  O O   . GLY A 1 67  ? 7.263   0.701   -3.103  1.00 16.66 ? 108 GLY A O   1 
ATOM   572  N N   . THR A 1 68  ? 5.233   1.661   -3.305  1.00 16.99 ? 109 THR A N   1 
ATOM   573  C CA  . THR A 1 68  ? 5.530   2.802   -2.466  1.00 18.33 ? 109 THR A CA  1 
ATOM   574  C C   . THR A 1 68  ? 5.815   2.358   -1.037  1.00 16.00 ? 109 THR A C   1 
ATOM   575  O O   . THR A 1 68  ? 6.747   2.833   -0.416  1.00 16.09 ? 109 THR A O   1 
ATOM   576  C CB  . THR A 1 68  ? 4.360   3.830   -2.584  1.00 19.53 ? 109 THR A CB  1 
ATOM   577  O OG1 . THR A 1 68  ? 4.252   4.211   -3.971  1.00 18.42 ? 109 THR A OG1 1 
ATOM   578  C CG2 . THR A 1 68  ? 4.599   5.071   -1.744  1.00 18.44 ? 109 THR A CG2 1 
ATOM   579  N N   . ILE A 1 69  ? 4.962   1.494   -0.493  1.00 16.22 ? 110 ILE A N   1 
ATOM   580  C CA  . ILE A 1 69  ? 5.154   1.015   0.878   1.00 16.46 ? 110 ILE A CA  1 
ATOM   581  C C   . ILE A 1 69  ? 6.523   0.281   0.971   1.00 16.57 ? 110 ILE A C   1 
ATOM   582  O O   . ILE A 1 69  ? 7.281   0.516   1.897   1.00 16.59 ? 110 ILE A O   1 
ATOM   583  C CB  . ILE A 1 69  ? 4.008   0.118   1.294   1.00 17.52 ? 110 ILE A CB  1 
ATOM   584  C CG1 . ILE A 1 69  ? 2.715   0.975   1.380   1.00 16.45 ? 110 ILE A CG1 1 
ATOM   585  C CG2 . ILE A 1 69  ? 4.284   -0.500  2.719   1.00 18.35 ? 110 ILE A CG2 1 
ATOM   586  C CD1 . ILE A 1 69  ? 1.416   0.147   1.418   1.00 18.97 ? 110 ILE A CD1 1 
ATOM   587  N N   . LYS A 1 70  ? 6.841   -0.579  0.026   1.00 17.78 ? 111 LYS A N   1 
ATOM   588  C CA  A LYS A 1 70  ? 8.136   -1.279  0.070   0.50 18.84 ? 111 LYS A CA  1 
ATOM   589  C CA  B LYS A 1 70  ? 8.152   -1.276  0.013   0.50 18.58 ? 111 LYS A CA  1 
ATOM   590  C C   . LYS A 1 70  ? 9.303   -0.283  0.068   1.00 20.78 ? 111 LYS A C   1 
ATOM   591  O O   . LYS A 1 70  ? 10.228  -0.436  0.837   1.00 21.44 ? 111 LYS A O   1 
ATOM   592  C CB  A LYS A 1 70  ? 8.263   -2.269  -1.101  0.50 21.86 ? 111 LYS A CB  1 
ATOM   593  C CB  B LYS A 1 70  ? 8.288   -2.128  -1.269  0.50 20.96 ? 111 LYS A CB  1 
ATOM   594  C CG  A LYS A 1 70  ? 9.471   -3.199  -1.014  0.50 23.07 ? 111 LYS A CG  1 
ATOM   595  C CG  B LYS A 1 70  ? 9.677   -2.719  -1.551  0.50 21.78 ? 111 LYS A CG  1 
ATOM   596  C CD  A LYS A 1 70  ? 9.310   -4.368  -1.988  0.50 25.15 ? 111 LYS A CD  1 
ATOM   597  C CD  B LYS A 1 70  ? 9.565   -3.648  -2.754  0.50 23.15 ? 111 LYS A CD  1 
ATOM   598  C CE  A LYS A 1 70  ? 10.510  -5.293  -1.943  0.50 25.73 ? 111 LYS A CE  1 
ATOM   599  C CE  B LYS A 1 70  ? 10.838  -4.399  -3.059  0.50 24.74 ? 111 LYS A CE  1 
ATOM   600  N NZ  A LYS A 1 70  ? 11.651  -4.679  -2.679  0.50 26.10 ? 111 LYS A NZ  1 
ATOM   601  N NZ  B LYS A 1 70  ? 10.466  -5.788  -3.439  0.50 26.55 ? 111 LYS A NZ  1 
ATOM   602  N N   . LYS A 1 71  ? 9.256   0.749   -0.788  1.00 20.61 ? 112 LYS A N   1 
ATOM   603  C CA  . LYS A 1 71  ? 10.301  1.767   -0.778  1.00 24.48 ? 112 LYS A CA  1 
ATOM   604  C C   . LYS A 1 71  ? 10.368  2.501   0.565   1.00 22.26 ? 112 LYS A C   1 
ATOM   605  O O   . LYS A 1 71  ? 11.466  2.769   1.070   1.00 21.80 ? 112 LYS A O   1 
ATOM   606  C CB  . LYS A 1 71  ? 10.118  2.815   -1.886  1.00 24.89 ? 112 LYS A CB  1 
ATOM   607  C CG  . LYS A 1 71  ? 10.352  2.352   -3.289  1.00 33.58 ? 112 LYS A CG  1 
ATOM   608  C CD  . LYS A 1 71  ? 10.138  3.518   -4.270  1.00 35.81 ? 112 LYS A CD  1 
ATOM   609  C CE  . LYS A 1 71  ? 10.130  3.010   -5.686  1.00 42.65 ? 112 LYS A CE  1 
ATOM   610  N NZ  . LYS A 1 71  ? 10.212  4.146   -6.639  1.00 43.57 ? 112 LYS A NZ  1 
ATOM   611  N N   . ARG A 1 72  ? 9.216   2.851   1.138   1.00 19.94 ? 113 ARG A N   1 
ATOM   612  C CA  . ARG A 1 72  ? 9.162   3.588   2.415   1.00 18.74 ? 113 ARG A CA  1 
ATOM   613  C C   . ARG A 1 72  ? 9.710   2.732   3.574   1.00 19.40 ? 113 ARG A C   1 
ATOM   614  O O   . ARG A 1 72  ? 10.380  3.219   4.448   1.00 20.55 ? 113 ARG A O   1 
ATOM   615  C CB  . ARG A 1 72  ? 7.734   4.041   2.739   1.00 18.19 ? 113 ARG A CB  1 
ATOM   616  C CG  . ARG A 1 72  ? 7.201   5.190   1.901   1.00 17.92 ? 113 ARG A CG  1 
ATOM   617  C CD  . ARG A 1 72  ? 5.800   5.548   2.288   1.00 19.68 ? 113 ARG A CD  1 
ATOM   618  N NE  . ARG A 1 72  ? 5.428   6.766   1.622   1.00 19.55 ? 113 ARG A NE  1 
ATOM   619  C CZ  . ARG A 1 72  ? 4.361   7.537   1.930   1.00 21.52 ? 113 ARG A CZ  1 
ATOM   620  N NH1 . ARG A 1 72  ? 3.446   7.207   2.841   1.00 19.74 ? 113 ARG A NH1 1 
ATOM   621  N NH2 . ARG A 1 72  ? 4.197   8.635   1.262   1.00 20.67 ? 113 ARG A NH2 1 
ATOM   622  N N   . LEU A 1 73  ? 9.505   1.423   3.517   1.00 18.10 ? 114 LEU A N   1 
ATOM   623  C CA  . LEU A 1 73  ? 10.071  0.502   4.521   1.00 18.88 ? 114 LEU A CA  1 
ATOM   624  C C   . LEU A 1 73  ? 11.596  0.232   4.240   1.00 22.73 ? 114 LEU A C   1 
ATOM   625  O O   . LEU A 1 73  ? 12.393  0.183   5.168   1.00 23.38 ? 114 LEU A O   1 
ATOM   626  C CB  . LEU A 1 73  ? 9.251   -0.778  4.554   1.00 19.03 ? 114 LEU A CB  1 
ATOM   627  C CG  . LEU A 1 73  ? 7.841   -0.858  5.191   1.00 18.70 ? 114 LEU A CG  1 
ATOM   628  C CD1 . LEU A 1 73  ? 7.105   -2.148  4.858   1.00 19.23 ? 114 LEU A CD1 1 
ATOM   629  C CD2 . LEU A 1 73  ? 7.912   -0.714  6.711   1.00 18.96 ? 114 LEU A CD2 1 
ATOM   630  N N   . GLU A 1 74  ? 11.993  0.064   2.992   1.00 22.96 ? 115 GLU A N   1 
ATOM   631  C CA  . GLU A 1 74  ? 13.403  -0.312  2.685   1.00 25.57 ? 115 GLU A CA  1 
ATOM   632  C C   . GLU A 1 74  ? 14.311  0.913   2.828   1.00 30.25 ? 115 GLU A C   1 
ATOM   633  O O   . GLU A 1 74  ? 15.468  0.774   3.220   1.00 30.84 ? 115 GLU A O   1 
ATOM   634  C CB  . GLU A 1 74  ? 13.529  -0.919  1.281   1.00 26.57 ? 115 GLU A CB  1 
ATOM   635  C CG  . GLU A 1 74  ? 12.901  -2.293  1.228   1.00 27.44 ? 115 GLU A CG  1 
ATOM   636  C CD  . GLU A 1 74  ? 13.049  -3.021  -0.076  1.00 32.76 ? 115 GLU A CD  1 
ATOM   637  O OE1 . GLU A 1 74  ? 13.387  -2.344  -1.071  1.00 30.89 ? 115 GLU A OE1 1 
ATOM   638  O OE2 . GLU A 1 74  ? 12.736  -4.267  -0.087  1.00 37.77 ? 115 GLU A OE2 1 
ATOM   639  N N   . ASN A 1 75  ? 13.841  2.113   2.508   1.00 27.02 ? 116 ASN A N   1 
ATOM   640  C CA  . ASN A 1 75  ? 14.662  3.281   2.800   1.00 34.15 ? 116 ASN A CA  1 
ATOM   641  C C   . ASN A 1 75  ? 14.086  4.141   3.898   1.00 30.93 ? 116 ASN A C   1 
ATOM   642  O O   . ASN A 1 75  ? 14.141  5.347   3.858   1.00 33.78 ? 116 ASN A O   1 
ATOM   643  C CB  . ASN A 1 75  ? 15.190  4.048   1.567   1.00 42.08 ? 116 ASN A CB  1 
ATOM   644  C CG  . ASN A 1 75  ? 14.103  4.641   0.725   1.00 52.96 ? 116 ASN A CG  1 
ATOM   645  O OD1 . ASN A 1 75  ? 13.485  5.616   1.126   1.00 64.87 ? 116 ASN A OD1 1 
ATOM   646  N ND2 . ASN A 1 75  ? 13.879  4.078   -0.487  1.00 55.18 ? 116 ASN A ND2 1 
ATOM   647  N N   . ASN A 1 76  ? 13.652  3.473   4.929   1.00 26.61 ? 117 ASN A N   1 
ATOM   648  C CA  . ASN A 1 76  ? 13.394  4.053   6.203   1.00 30.44 ? 117 ASN A CA  1 
ATOM   649  C C   . ASN A 1 76  ? 12.700  5.426   6.154   1.00 25.10 ? 117 ASN A C   1 
ATOM   650  O O   . ASN A 1 76  ? 13.327  6.411   6.478   1.00 22.41 ? 117 ASN A O   1 
ATOM   651  C CB  . ASN A 1 76  ? 14.729  4.173   7.001   1.00 40.89 ? 117 ASN A CB  1 
ATOM   652  C CG  . ASN A 1 76  ? 15.306  2.807   7.459   1.00 55.60 ? 117 ASN A CG  1 
ATOM   653  O OD1 . ASN A 1 76  ? 15.409  2.544   8.666   1.00 66.58 ? 117 ASN A OD1 1 
ATOM   654  N ND2 . ASN A 1 76  ? 15.719  1.953   6.500   1.00 54.87 ? 117 ASN A ND2 1 
ATOM   655  N N   . TYR A 1 77  ? 11.430  5.477   5.719   1.00 19.52 ? 118 TYR A N   1 
ATOM   656  C CA  . TYR A 1 77  ? 10.642  6.696   5.714   1.00 18.37 ? 118 TYR A CA  1 
ATOM   657  C C   . TYR A 1 77  ? 9.834   6.988   6.930   1.00 17.78 ? 118 TYR A C   1 
ATOM   658  O O   . TYR A 1 77  ? 9.432   8.157   7.215   1.00 18.35 ? 118 TYR A O   1 
ATOM   659  C CB  . TYR A 1 77  ? 9.737   6.644   4.497   1.00 18.47 ? 118 TYR A CB  1 
ATOM   660  C CG  . TYR A 1 77  ? 8.870   7.829   4.243   1.00 19.79 ? 118 TYR A CG  1 
ATOM   661  C CD1 . TYR A 1 77  ? 9.376   8.954   3.662   1.00 20.05 ? 118 TYR A CD1 1 
ATOM   662  C CD2 . TYR A 1 77  ? 7.511   7.815   4.555   1.00 19.28 ? 118 TYR A CD2 1 
ATOM   663  C CE1 . TYR A 1 77  ? 8.571   10.023  3.339   1.00 20.43 ? 118 TYR A CE1 1 
ATOM   664  C CE2 . TYR A 1 77  ? 6.720   8.894   4.294   1.00 19.29 ? 118 TYR A CE2 1 
ATOM   665  C CZ  . TYR A 1 77  ? 7.239   9.985   3.651   1.00 21.98 ? 118 TYR A CZ  1 
ATOM   666  O OH  . TYR A 1 77  ? 6.477   11.102  3.389   1.00 21.25 ? 118 TYR A OH  1 
ATOM   667  N N   . TYR A 1 78  ? 9.503   5.923   7.647   1.00 19.33 ? 119 TYR A N   1 
ATOM   668  C CA  . TYR A 1 78  ? 8.535   6.010   8.705   1.00 19.89 ? 119 TYR A CA  1 
ATOM   669  C C   . TYR A 1 78  ? 9.166   6.281   10.098  1.00 20.52 ? 119 TYR A C   1 
ATOM   670  O O   . TYR A 1 78  ? 10.331  5.916   10.379  1.00 23.13 ? 119 TYR A O   1 
ATOM   671  C CB  . TYR A 1 78  ? 7.768   4.702   8.771   1.00 20.80 ? 119 TYR A CB  1 
ATOM   672  C CG  . TYR A 1 78  ? 6.947   4.330   7.590   1.00 18.27 ? 119 TYR A CG  1 
ATOM   673  C CD1 . TYR A 1 78  ? 5.864   5.058   7.196   1.00 18.51 ? 119 TYR A CD1 1 
ATOM   674  C CD2 . TYR A 1 78  ? 7.256   3.214   6.853   1.00 17.85 ? 119 TYR A CD2 1 
ATOM   675  C CE1 . TYR A 1 78  ? 5.080   4.660   6.135   1.00 18.07 ? 119 TYR A CE1 1 
ATOM   676  C CE2 . TYR A 1 78  ? 6.476   2.817   5.822   1.00 17.97 ? 119 TYR A CE2 1 
ATOM   677  C CZ  . TYR A 1 78  ? 5.392   3.505   5.463   1.00 18.18 ? 119 TYR A CZ  1 
ATOM   678  O OH  . TYR A 1 78  ? 4.640   3.028   4.356   1.00 18.30 ? 119 TYR A OH  1 
ATOM   679  N N   . TRP A 1 79  ? 8.376   6.902   10.961  1.00 22.15 ? 120 TRP A N   1 
ATOM   680  C CA  . TRP A 1 79  ? 8.662   6.970   12.392  1.00 21.14 ? 120 TRP A CA  1 
ATOM   681  C C   . TRP A 1 79  ? 7.943   5.855   13.175  1.00 22.58 ? 120 TRP A C   1 
ATOM   682  O O   . TRP A 1 79  ? 8.430   5.412   14.213  1.00 19.98 ? 120 TRP A O   1 
ATOM   683  C CB  . TRP A 1 79  ? 8.169   8.339   12.902  1.00 23.16 ? 120 TRP A CB  1 
ATOM   684  C CG  . TRP A 1 79  ? 8.503   8.547   14.347  1.00 23.12 ? 120 TRP A CG  1 
ATOM   685  C CD1 . TRP A 1 79  ? 7.674   8.310   15.419  1.00 25.28 ? 120 TRP A CD1 1 
ATOM   686  C CD2 . TRP A 1 79  ? 9.741   8.996   14.887  1.00 19.75 ? 120 TRP A CD2 1 
ATOM   687  N NE1 . TRP A 1 79  ? 8.323   8.599   16.591  1.00 25.47 ? 120 TRP A NE1 1 
ATOM   688  C CE2 . TRP A 1 79  ? 9.595   9.036   16.295  1.00 23.98 ? 120 TRP A CE2 1 
ATOM   689  C CE3 . TRP A 1 79  ? 10.918  9.432   14.339  1.00 19.65 ? 120 TRP A CE3 1 
ATOM   690  C CZ2 . TRP A 1 79  ? 10.607  9.435   17.129  1.00 21.82 ? 120 TRP A CZ2 1 
ATOM   691  C CZ3 . TRP A 1 79  ? 11.943  9.857   15.187  1.00 18.93 ? 120 TRP A CZ3 1 
ATOM   692  C CH2 . TRP A 1 79  ? 11.785  9.852   16.562  1.00 22.75 ? 120 TRP A CH2 1 
ATOM   693  N N   . ASN A 1 80  ? 6.784   5.388   12.719  1.00 19.12 ? 121 ASN A N   1 
ATOM   694  C CA  . ASN A 1 80  ? 6.145   4.319   13.490  1.00 20.30 ? 121 ASN A CA  1 
ATOM   695  C C   . ASN A 1 80  ? 5.372   3.374   12.613  1.00 21.06 ? 121 ASN A C   1 
ATOM   696  O O   . ASN A 1 80  ? 5.202   3.637   11.440  1.00 19.67 ? 121 ASN A O   1 
ATOM   697  C CB  . ASN A 1 80  ? 5.257   4.885   14.666  1.00 21.48 ? 121 ASN A CB  1 
ATOM   698  C CG  . ASN A 1 80  ? 4.150   5.764   14.196  1.00 23.83 ? 121 ASN A CG  1 
ATOM   699  O OD1 . ASN A 1 80  ? 3.455   5.425   13.219  1.00 27.28 ? 121 ASN A OD1 1 
ATOM   700  N ND2 . ASN A 1 80  ? 3.895   6.876   14.918  1.00 23.47 ? 121 ASN A ND2 1 
ATOM   701  N N   . ALA A 1 81  ? 4.935   2.249   13.187  1.00 20.49 ? 122 ALA A N   1 
ATOM   702  C CA  . ALA A 1 81  ? 4.262   1.219   12.369  1.00 19.49 ? 122 ALA A CA  1 
ATOM   703  C C   . ALA A 1 81  ? 2.860   1.669   11.905  1.00 19.71 ? 122 ALA A C   1 
ATOM   704  O O   . ALA A 1 81  ? 2.403   1.330   10.839  1.00 21.92 ? 122 ALA A O   1 
ATOM   705  C CB  . ALA A 1 81  ? 4.185   -0.073  13.193  1.00 21.54 ? 122 ALA A CB  1 
ATOM   706  N N   . GLN A 1 82  ? 2.172   2.447   12.715  1.00 20.12 ? 123 GLN A N   1 
ATOM   707  C CA  A GLN A 1 82  ? 0.839   2.970   12.421  0.50 20.41 ? 123 GLN A CA  1 
ATOM   708  C CA  B GLN A 1 82  ? 0.826   2.908   12.372  0.50 21.07 ? 123 GLN A CA  1 
ATOM   709  C C   . GLN A 1 82  ? 0.804   3.742   11.073  1.00 21.22 ? 123 GLN A C   1 
ATOM   710  O O   . GLN A 1 82  ? -0.161  3.630   10.328  1.00 17.85 ? 123 GLN A O   1 
ATOM   711  C CB  A GLN A 1 82  ? 0.334   3.866   13.576  0.50 20.22 ? 123 GLN A CB  1 
ATOM   712  C CB  B GLN A 1 82  ? 0.158   3.651   13.536  0.50 21.65 ? 123 GLN A CB  1 
ATOM   713  C CG  A GLN A 1 82  ? 0.367   3.242   14.991  0.50 21.42 ? 123 GLN A CG  1 
ATOM   714  C CG  B GLN A 1 82  ? -1.318  3.974   13.336  0.50 24.24 ? 123 GLN A CG  1 
ATOM   715  C CD  A GLN A 1 82  ? 1.641   3.613   15.821  0.50 21.21 ? 123 GLN A CD  1 
ATOM   716  C CD  B GLN A 1 82  ? -2.175  2.805   12.798  0.50 24.00 ? 123 GLN A CD  1 
ATOM   717  O OE1 A GLN A 1 82  ? 2.705   2.965   15.683  0.50 16.45 ? 123 GLN A OE1 1 
ATOM   718  O OE1 B GLN A 1 82  ? -2.838  2.970   11.769  0.50 21.74 ? 123 GLN A OE1 1 
ATOM   719  N NE2 A GLN A 1 82  ? 1.524   4.679   16.685  0.50 19.26 ? 123 GLN A NE2 1 
ATOM   720  N NE2 B GLN A 1 82  ? -2.162  1.627   13.493  0.50 21.70 ? 123 GLN A NE2 1 
ATOM   721  N N   . GLU A 1 83  ? 1.850   4.537   10.782  1.00 19.71 ? 124 GLU A N   1 
ATOM   722  C CA  . GLU A 1 83  ? 1.956   5.243   9.472   1.00 21.30 ? 124 GLU A CA  1 
ATOM   723  C C   . GLU A 1 83  ? 1.974   4.247   8.317   1.00 19.62 ? 124 GLU A C   1 
ATOM   724  O O   . GLU A 1 83  ? 1.408   4.453   7.262   1.00 18.38 ? 124 GLU A O   1 
ATOM   725  C CB  . GLU A 1 83  ? 3.254   6.091   9.335   1.00 23.37 ? 124 GLU A CB  1 
ATOM   726  C CG  . GLU A 1 83  ? 3.421   7.343   10.242  1.00 24.20 ? 124 GLU A CG  1 
ATOM   727  C CD  . GLU A 1 83  ? 4.873   7.845   10.057  1.00 25.92 ? 124 GLU A CD  1 
ATOM   728  O OE1 . GLU A 1 83  ? 5.778   7.310   10.689  1.00 28.61 ? 124 GLU A OE1 1 
ATOM   729  O OE2 . GLU A 1 83  ? 5.112   8.571   9.097   1.00 27.04 ? 124 GLU A OE2 1 
ATOM   730  N N   . CYS A 1 84  ? 2.667   3.157   8.510   1.00 18.58 ? 125 CYS A N   1 
ATOM   731  C CA  . CYS A 1 84  ? 2.779   2.129   7.475   1.00 16.69 ? 125 CYS A CA  1 
ATOM   732  C C   . CYS A 1 84  ? 1.451   1.390   7.356   1.00 20.00 ? 125 CYS A C   1 
ATOM   733  O O   . CYS A 1 84  ? 0.950   1.176   6.248   1.00 18.45 ? 125 CYS A O   1 
ATOM   734  C CB  . CYS A 1 84  ? 3.889   1.204   7.796   1.00 16.63 ? 125 CYS A CB  1 
ATOM   735  S SG  . CYS A 1 84  ? 4.056   -0.097  6.543   1.00 20.13 ? 125 CYS A SG  1 
ATOM   736  N N   . ILE A 1 85  ? 0.878   1.015   8.508   1.00 18.03 ? 126 ILE A N   1 
ATOM   737  C CA  . ILE A 1 85  ? -0.476  0.430   8.567   1.00 18.53 ? 126 ILE A CA  1 
ATOM   738  C C   . ILE A 1 85  ? -1.505  1.295   7.881   1.00 18.21 ? 126 ILE A C   1 
ATOM   739  O O   . ILE A 1 85  ? -2.354  0.779   7.116   1.00 17.98 ? 126 ILE A O   1 
ATOM   740  C CB  . ILE A 1 85  ? -0.855  0.055   10.031  1.00 19.65 ? 126 ILE A CB  1 
ATOM   741  C CG1 . ILE A 1 85  ? 0.093   -1.103  10.443  1.00 18.34 ? 126 ILE A CG1 1 
ATOM   742  C CG2 . ILE A 1 85  ? -2.310  -0.395  10.110  1.00 20.85 ? 126 ILE A CG2 1 
ATOM   743  C CD1 . ILE A 1 85  ? 0.119   -1.365  11.926  1.00 20.99 ? 126 ILE A CD1 1 
ATOM   744  N N   . GLN A 1 86  ? -1.434  2.613   8.076   1.00 17.79 ? 127 GLN A N   1 
ATOM   745  C CA  . GLN A 1 86  ? -2.378  3.525   7.412   1.00 19.90 ? 127 GLN A CA  1 
ATOM   746  C C   . GLN A 1 86  ? -2.171  3.498   5.878   1.00 18.35 ? 127 GLN A C   1 
ATOM   747  O O   . GLN A 1 86  ? -3.124  3.590   5.090   1.00 18.14 ? 127 GLN A O   1 
ATOM   748  C CB  . GLN A 1 86  ? -2.253  4.993   7.914   1.00 20.99 ? 127 GLN A CB  1 
ATOM   749  C CG  . GLN A 1 86  ? -3.272  5.940   7.285   1.00 29.44 ? 127 GLN A CG  1 
ATOM   750  C CD  . GLN A 1 86  ? -4.728  5.425   7.401   1.00 32.86 ? 127 GLN A CD  1 
ATOM   751  O OE1 . GLN A 1 86  ? -5.223  5.251   8.519   1.00 38.75 ? 127 GLN A OE1 1 
ATOM   752  N NE2 . GLN A 1 86  ? -5.400  5.120   6.247   1.00 30.37 ? 127 GLN A NE2 1 
ATOM   753  N N   . ASP A 1 87  ? -0.921  3.368   5.451   1.00 17.27 ? 128 ASP A N   1 
ATOM   754  C CA  . ASP A 1 87  ? -0.679  3.295   3.990   1.00 17.89 ? 128 ASP A CA  1 
ATOM   755  C C   . ASP A 1 87  ? -1.381  2.066   3.421   1.00 16.83 ? 128 ASP A C   1 
ATOM   756  O O   . ASP A 1 87  ? -2.007  2.128   2.361   1.00 15.20 ? 128 ASP A O   1 
ATOM   757  C CB  . ASP A 1 87  ? 0.804   3.275   3.655   1.00 17.76 ? 128 ASP A CB  1 
ATOM   758  C CG  . ASP A 1 87  ? 1.476   4.641   3.812   1.00 22.45 ? 128 ASP A CG  1 
ATOM   759  O OD1 . ASP A 1 87  ? 0.761   5.677   3.806   1.00 18.92 ? 128 ASP A OD1 1 
ATOM   760  O OD2 . ASP A 1 87  ? 2.732   4.652   3.830   1.00 21.62 ? 128 ASP A OD2 1 
ATOM   761  N N   . PHE A 1 88  ? -1.187  0.911   4.053   1.00 16.40 ? 129 PHE A N   1 
ATOM   762  C CA  . PHE A 1 88  ? -1.881  -0.293  3.589   1.00 18.14 ? 129 PHE A CA  1 
ATOM   763  C C   . PHE A 1 88  ? -3.405  -0.076  3.551   1.00 19.06 ? 129 PHE A C   1 
ATOM   764  O O   . PHE A 1 88  ? -4.096  -0.446  2.569   1.00 17.40 ? 129 PHE A O   1 
ATOM   765  C CB  . PHE A 1 88  ? -1.590  -1.497  4.476   1.00 19.87 ? 129 PHE A CB  1 
ATOM   766  C CG  . PHE A 1 88  ? -0.300  -2.227  4.116   1.00 18.86 ? 129 PHE A CG  1 
ATOM   767  C CD1 . PHE A 1 88  ? -0.270  -3.146  3.121   1.00 18.45 ? 129 PHE A CD1 1 
ATOM   768  C CD2 . PHE A 1 88  ? 0.846   -2.007  4.862   1.00 18.91 ? 129 PHE A CD2 1 
ATOM   769  C CE1 . PHE A 1 88  ? 0.924   -3.828  2.823   1.00 20.23 ? 129 PHE A CE1 1 
ATOM   770  C CE2 . PHE A 1 88  ? 2.015   -2.675  4.608   1.00 19.84 ? 129 PHE A CE2 1 
ATOM   771  C CZ  . PHE A 1 88  ? 2.088   -3.560  3.566   1.00 19.99 ? 129 PHE A CZ  1 
ATOM   772  N N   . ASN A 1 89  ? -3.953  0.501   4.621   1.00 16.80 ? 130 ASN A N   1 
ATOM   773  C CA  . ASN A 1 89  ? -5.377  0.767   4.650   1.00 18.70 ? 130 ASN A CA  1 
ATOM   774  C C   . ASN A 1 89  ? -5.853  1.747   3.589   1.00 17.07 ? 130 ASN A C   1 
ATOM   775  O O   . ASN A 1 89  ? -6.907  1.530   2.982   1.00 16.94 ? 130 ASN A O   1 
ATOM   776  C CB  . ASN A 1 89  ? -5.857  1.143   6.035   1.00 19.33 ? 130 ASN A CB  1 
ATOM   777  C CG  . ASN A 1 89  ? -5.931  -0.103  6.957   1.00 24.04 ? 130 ASN A CG  1 
ATOM   778  O OD1 . ASN A 1 89  ? -6.417  -1.136  6.555   1.00 34.84 ? 130 ASN A OD1 1 
ATOM   779  N ND2 . ASN A 1 89  ? -5.385  -0.014  8.136   1.00 30.12 ? 130 ASN A ND2 1 
ATOM   780  N N   . THR A 1 90  ? -5.041  2.722   3.279   1.00 16.26 ? 131 THR A N   1 
ATOM   781  C CA  . THR A 1 90  ? -5.379  3.627   2.197   1.00 16.58 ? 131 THR A CA  1 
ATOM   782  C C   . THR A 1 90  ? -5.439  2.891   0.834   1.00 15.65 ? 131 THR A C   1 
ATOM   783  O O   . THR A 1 90  ? -6.300  3.138   0.062   1.00 13.48 ? 131 THR A O   1 
ATOM   784  C CB  . THR A 1 90  ? -4.363  4.781   2.127   1.00 19.29 ? 131 THR A CB  1 
ATOM   785  O OG1 . THR A 1 90  ? -4.503  5.517   3.353   1.00 23.60 ? 131 THR A OG1 1 
ATOM   786  C CG2 . THR A 1 90  ? -4.589  5.658   0.936   1.00 21.29 ? 131 THR A CG2 1 
ATOM   787  N N   . MET A 1 91  ? -4.472  2.021   0.585   1.00 14.83 ? 132 MET A N   1 
ATOM   788  C CA  . MET A 1 91  ? -4.408  1.300   -0.636  1.00 14.30 ? 132 MET A CA  1 
ATOM   789  C C   . MET A 1 91  ? -5.656  0.486   -0.787  1.00 13.94 ? 132 MET A C   1 
ATOM   790  O O   . MET A 1 91  ? -6.277  0.453   -1.884  1.00 13.93 ? 132 MET A O   1 
ATOM   791  C CB  . MET A 1 91  ? -3.194  0.358   -0.594  1.00 14.93 ? 132 MET A CB  1 
ATOM   792  C CG  . MET A 1 91  ? -3.088  -0.533  -1.784  1.00 16.25 ? 132 MET A CG  1 
ATOM   793  S SD  . MET A 1 91  ? -1.662  -1.623  -1.710  1.00 19.31 ? 132 MET A SD  1 
ATOM   794  C CE  . MET A 1 91  ? -2.292  -2.780  -0.559  1.00 21.21 ? 132 MET A CE  1 
ATOM   795  N N   . PHE A 1 92  ? -6.026  -0.239  0.290   1.00 14.55 ? 133 PHE A N   1 
ATOM   796  C CA  . PHE A 1 92  ? -7.238  -1.048  0.201   1.00 15.99 ? 133 PHE A CA  1 
ATOM   797  C C   . PHE A 1 92  ? -8.496  -0.209  -0.029  1.00 16.63 ? 133 PHE A C   1 
ATOM   798  O O   . PHE A 1 92  ? -9.328  -0.525  -0.874  1.00 15.73 ? 133 PHE A O   1 
ATOM   799  C CB  . PHE A 1 92  ? -7.454  -1.962  1.452   1.00 16.72 ? 133 PHE A CB  1 
ATOM   800  C CG  . PHE A 1 92  ? -6.320  -2.948  1.682   1.00 17.55 ? 133 PHE A CG  1 
ATOM   801  C CD1 . PHE A 1 92  ? -5.884  -3.753  0.646   1.00 18.52 ? 133 PHE A CD1 1 
ATOM   802  C CD2 . PHE A 1 92  ? -5.762  -3.066  2.920   1.00 18.29 ? 133 PHE A CD2 1 
ATOM   803  C CE1 . PHE A 1 92  ? -4.861  -4.658  0.843   1.00 19.70 ? 133 PHE A CE1 1 
ATOM   804  C CE2 . PHE A 1 92  ? -4.741  -3.928  3.133   1.00 19.01 ? 133 PHE A CE2 1 
ATOM   805  C CZ  . PHE A 1 92  ? -4.287  -4.741  2.087   1.00 18.76 ? 133 PHE A CZ  1 
ATOM   806  N N   . THR A 1 93  ? -8.664  0.791   0.815   1.00 16.31 ? 134 THR A N   1 
ATOM   807  C CA  . THR A 1 93  ? -9.842  1.645   0.727   1.00 16.67 ? 134 THR A CA  1 
ATOM   808  C C   . THR A 1 93  ? -9.989  2.337   -0.631  1.00 16.24 ? 134 THR A C   1 
ATOM   809  O O   . THR A 1 93  ? -11.083 2.409   -1.168  1.00 16.47 ? 134 THR A O   1 
ATOM   810  C CB  . THR A 1 93  ? -9.807  2.681   1.856   1.00 19.36 ? 134 THR A CB  1 
ATOM   811  O OG1 . THR A 1 93  ? -9.976  1.969   3.086   1.00 23.00 ? 134 THR A OG1 1 
ATOM   812  C CG2 . THR A 1 93  ? -10.975 3.674   1.609   1.00 23.19 ? 134 THR A CG2 1 
ATOM   813  N N   . ASN A 1 94  ? -8.875  2.752   -1.248  1.00 16.24 ? 135 ASN A N   1 
ATOM   814  C CA  . ASN A 1 94  ? -8.896  3.339   -2.593  1.00 16.01 ? 135 ASN A CA  1 
ATOM   815  C C   . ASN A 1 94  ? -9.512  2.400   -3.621  1.00 15.47 ? 135 ASN A C   1 
ATOM   816  O O   . ASN A 1 94  ? -10.214 2.811   -4.499  1.00 14.56 ? 135 ASN A O   1 
ATOM   817  C CB  . ASN A 1 94  ? -7.482  3.749   -3.084  1.00 14.97 ? 135 ASN A CB  1 
ATOM   818  C CG  . ASN A 1 94  ? -6.890  4.926   -2.390  1.00 16.48 ? 135 ASN A CG  1 
ATOM   819  O OD1 . ASN A 1 94  ? -7.561  5.701   -1.685  1.00 16.70 ? 135 ASN A OD1 1 
ATOM   820  N ND2 . ASN A 1 94  ? -5.581  5.090   -2.605  1.00 17.90 ? 135 ASN A ND2 1 
ATOM   821  N N   . CYS A 1 95  ? -9.123  1.136   -3.546  1.00 16.99 ? 136 CYS A N   1 
ATOM   822  C CA  . CYS A 1 95  ? -9.622  0.123   -4.433  1.00 16.79 ? 136 CYS A CA  1 
ATOM   823  C C   . CYS A 1 95  ? -11.117 -0.072  -4.263  1.00 17.13 ? 136 CYS A C   1 
ATOM   824  O O   . CYS A 1 95  ? -11.868 -0.100  -5.260  1.00 17.88 ? 136 CYS A O   1 
ATOM   825  C CB  . CYS A 1 95  ? -8.782  -1.148  -4.195  1.00 17.21 ? 136 CYS A CB  1 
ATOM   826  S SG  . CYS A 1 95  ? -9.212  -2.448  -5.336  1.00 20.13 ? 136 CYS A SG  1 
ATOM   827  N N   . TYR A 1 96  ? -11.585 -0.096  -3.022  1.00 16.90 ? 137 TYR A N   1 
ATOM   828  C CA  . TYR A 1 96  ? -12.990 -0.327  -2.757  1.00 17.75 ? 137 TYR A CA  1 
ATOM   829  C C   . TYR A 1 96  ? -13.784 0.911   -3.158  1.00 20.62 ? 137 TYR A C   1 
ATOM   830  O O   . TYR A 1 96  ? -14.925 0.814   -3.618  1.00 21.63 ? 137 TYR A O   1 
ATOM   831  C CB  . TYR A 1 96  ? -13.221 -0.618  -1.272  1.00 17.31 ? 137 TYR A CB  1 
ATOM   832  C CG  . TYR A 1 96  ? -12.485 -1.794  -0.676  1.00 18.15 ? 137 TYR A CG  1 
ATOM   833  C CD1 . TYR A 1 96  ? -12.082 -2.840  -1.476  1.00 22.02 ? 137 TYR A CD1 1 
ATOM   834  C CD2 . TYR A 1 96  ? -12.088 -1.788  0.667   1.00 20.64 ? 137 TYR A CD2 1 
ATOM   835  C CE1 . TYR A 1 96  ? -11.320 -3.856  -0.980  1.00 23.09 ? 137 TYR A CE1 1 
ATOM   836  C CE2 . TYR A 1 96  ? -11.311 -2.815  1.196   1.00 21.12 ? 137 TYR A CE2 1 
ATOM   837  C CZ  . TYR A 1 96  ? -10.969 -3.862  0.330   1.00 22.51 ? 137 TYR A CZ  1 
ATOM   838  O OH  . TYR A 1 96  ? -10.285 -4.920  0.747   1.00 24.67 ? 137 TYR A OH  1 
ATOM   839  N N   . ILE A 1 97  ? -13.192 2.101   -2.994  1.00 17.69 ? 138 ILE A N   1 
ATOM   840  C CA  . ILE A 1 97  ? -13.871 3.328   -3.442  1.00 19.57 ? 138 ILE A CA  1 
ATOM   841  C C   . ILE A 1 97  ? -13.965 3.468   -4.969  1.00 18.78 ? 138 ILE A C   1 
ATOM   842  O O   . ILE A 1 97  ? -15.095 3.779   -5.498  1.00 21.50 ? 138 ILE A O   1 
ATOM   843  C CB  . ILE A 1 97  ? -13.237 4.571   -2.839  1.00 24.03 ? 138 ILE A CB  1 
ATOM   844  C CG1 . ILE A 1 97  ? -13.680 4.620   -1.381  1.00 27.91 ? 138 ILE A CG1 1 
ATOM   845  C CG2 . ILE A 1 97  ? -13.691 5.844   -3.555  1.00 29.46 ? 138 ILE A CG2 1 
ATOM   846  C CD1 . ILE A 1 97  ? -12.943 5.633   -0.597  1.00 31.45 ? 138 ILE A CD1 1 
ATOM   847  N N   . TYR A 1 98  ? -12.873 3.238   -5.683  1.00 16.97 ? 139 TYR A N   1 
ATOM   848  C CA  . TYR A 1 98  ? -12.873 3.429   -7.136  1.00 19.03 ? 139 TYR A CA  1 
ATOM   849  C C   . TYR A 1 98  ? -13.707 2.363   -7.873  1.00 19.18 ? 139 TYR A C   1 
ATOM   850  O O   . TYR A 1 98  ? -14.404 2.659   -8.858  1.00 17.79 ? 139 TYR A O   1 
ATOM   851  C CB  . TYR A 1 98  ? -11.469 3.490   -7.728  1.00 17.12 ? 139 TYR A CB  1 
ATOM   852  C CG  . TYR A 1 98  ? -11.474 3.804   -9.163  1.00 16.95 ? 139 TYR A CG  1 
ATOM   853  C CD1 . TYR A 1 98  ? -11.823 5.086   -9.609  1.00 18.20 ? 139 TYR A CD1 1 
ATOM   854  C CD2 . TYR A 1 98  ? -11.177 2.838   -10.109 1.00 17.08 ? 139 TYR A CD2 1 
ATOM   855  C CE1 . TYR A 1 98  ? -11.883 5.347   -10.925 1.00 19.15 ? 139 TYR A CE1 1 
ATOM   856  C CE2 . TYR A 1 98  ? -11.288 3.107   -11.447 1.00 17.17 ? 139 TYR A CE2 1 
ATOM   857  C CZ  . TYR A 1 98  ? -11.632 4.347   -11.857 1.00 18.95 ? 139 TYR A CZ  1 
ATOM   858  O OH  . TYR A 1 98  ? -11.685 4.600   -13.226 1.00 22.86 ? 139 TYR A OH  1 
ATOM   859  N N   . ASN A 1 99  ? -13.593 1.136   -7.431  1.00 18.28 ? 140 ASN A N   1 
ATOM   860  C CA  . ASN A 1 99  ? -14.211 0.018   -8.126  1.00 19.41 ? 140 ASN A CA  1 
ATOM   861  C C   . ASN A 1 99  ? -15.553 -0.402  -7.532  1.00 25.99 ? 140 ASN A C   1 
ATOM   862  O O   . ASN A 1 99  ? -15.964 0.085   -6.507  1.00 28.64 ? 140 ASN A O   1 
ATOM   863  C CB  . ASN A 1 99  ? -13.189 -1.141  -8.125  1.00 18.83 ? 140 ASN A CB  1 
ATOM   864  C CG  . ASN A 1 99  ? -11.931 -0.769  -8.830  1.00 18.90 ? 140 ASN A CG  1 
ATOM   865  O OD1 . ASN A 1 99  ? -11.922 -0.661  -10.046 1.00 16.93 ? 140 ASN A OD1 1 
ATOM   866  N ND2 . ASN A 1 99  ? -10.852 -0.525  -8.074  1.00 18.62 ? 140 ASN A ND2 1 
ATOM   867  N N   . LYS A 1 100 ? -16.242 -1.298  -8.206  1.00 29.74 ? 141 LYS A N   1 
ATOM   868  C CA  . LYS A 1 100 ? -17.521 -1.831  -7.695  1.00 32.37 ? 141 LYS A CA  1 
ATOM   869  C C   . LYS A 1 100 ? -17.339 -3.099  -6.840  1.00 30.70 ? 141 LYS A C   1 
ATOM   870  O O   . LYS A 1 100 ? -16.446 -3.909  -7.100  1.00 27.41 ? 141 LYS A O   1 
ATOM   871  C CB  . LYS A 1 100 ? -18.442 -2.108  -8.895  1.00 35.54 ? 141 LYS A CB  1 
ATOM   872  C CG  . LYS A 1 100 ? -19.016 -0.823  -9.418  1.00 39.23 ? 141 LYS A CG  1 
ATOM   873  C CD  . LYS A 1 100 ? -19.743 -0.972  -10.744 1.00 46.70 ? 141 LYS A CD  1 
ATOM   874  C CE  . LYS A 1 100 ? -19.967 0.429   -11.357 1.00 52.41 ? 141 LYS A CE  1 
ATOM   875  N NZ  . LYS A 1 100 ? -21.254 0.581   -12.085 1.00 54.76 ? 141 LYS A NZ  1 
ATOM   876  N N   . PRO A 1 101 ? -18.189 -3.298  -5.807  1.00 33.43 ? 142 PRO A N   1 
ATOM   877  C CA  . PRO A 1 101 ? -18.088 -4.500  -4.973  1.00 33.35 ? 142 PRO A CA  1 
ATOM   878  C C   . PRO A 1 101 ? -18.342 -5.721  -5.810  1.00 35.60 ? 142 PRO A C   1 
ATOM   879  O O   . PRO A 1 101 ? -19.170 -5.670  -6.701  1.00 32.72 ? 142 PRO A O   1 
ATOM   880  C CB  . PRO A 1 101 ? -19.238 -4.354  -3.989  1.00 37.71 ? 142 PRO A CB  1 
ATOM   881  C CG  . PRO A 1 101 ? -19.967 -3.140  -4.355  1.00 36.36 ? 142 PRO A CG  1 
ATOM   882  C CD  . PRO A 1 101 ? -19.500 -2.651  -5.673  1.00 38.41 ? 142 PRO A CD  1 
ATOM   883  N N   . GLY A 1 102 ? -17.619 -6.793  -5.594  1.00 34.28 ? 143 GLY A N   1 
ATOM   884  C CA  . GLY A 1 102 ? -17.703 -7.899  -6.597  1.00 34.30 ? 143 GLY A CA  1 
ATOM   885  C C   . GLY A 1 102 ? -16.915 -7.805  -7.894  1.00 30.41 ? 143 GLY A C   1 
ATOM   886  O O   . GLY A 1 102 ? -16.832 -8.807  -8.601  1.00 32.38 ? 143 GLY A O   1 
ATOM   887  N N   . ASP A 1 103 ? -16.280 -6.667  -8.199  1.00 26.94 ? 144 ASP A N   1 
ATOM   888  C CA  . ASP A 1 103 ? -15.231 -6.577  -9.225  1.00 26.40 ? 144 ASP A CA  1 
ATOM   889  C C   . ASP A 1 103 ? -14.062 -7.487  -8.922  1.00 23.96 ? 144 ASP A C   1 
ATOM   890  O O   . ASP A 1 103 ? -13.727 -7.707  -7.744  1.00 22.73 ? 144 ASP A O   1 
ATOM   891  C CB  . ASP A 1 103 ? -14.688 -5.137  -9.353  1.00 28.18 ? 144 ASP A CB  1 
ATOM   892  C CG  . ASP A 1 103 ? -15.583 -4.244  -10.212 1.00 35.33 ? 144 ASP A CG  1 
ATOM   893  O OD1 . ASP A 1 103 ? -16.652 -4.731  -10.689 1.00 40.13 ? 144 ASP A OD1 1 
ATOM   894  O OD2 . ASP A 1 103 ? -15.216 -3.068  -10.431 1.00 35.71 ? 144 ASP A OD2 1 
ATOM   895  N N   . ASP A 1 104 ? -13.426 -8.033  -9.954  1.00 21.58 ? 145 ASP A N   1 
ATOM   896  C CA  . ASP A 1 104 ? -12.283 -8.867  -9.691  1.00 22.27 ? 145 ASP A CA  1 
ATOM   897  C C   . ASP A 1 104 ? -11.199 -8.143  -8.885  1.00 20.96 ? 145 ASP A C   1 
ATOM   898  O O   . ASP A 1 104 ? -10.562 -8.759  -8.010  1.00 22.14 ? 145 ASP A O   1 
ATOM   899  C CB  . ASP A 1 104 ? -11.620 -9.376  -10.979 1.00 23.83 ? 145 ASP A CB  1 
ATOM   900  C CG  . ASP A 1 104 ? -12.535 -10.382 -11.766 1.00 28.11 ? 145 ASP A CG  1 
ATOM   901  O OD1 . ASP A 1 104 ? -13.436 -10.991 -11.156 1.00 28.36 ? 145 ASP A OD1 1 
ATOM   902  O OD2 . ASP A 1 104 ? -12.341 -10.463 -12.993 1.00 27.50 ? 145 ASP A OD2 1 
ATOM   903  N N   . ILE A 1 105 ? -10.911 -6.900  -9.264  1.00 20.06 ? 146 ILE A N   1 
ATOM   904  C CA  . ILE A 1 105 ? -9.826  -6.185  -8.559  1.00 19.57 ? 146 ILE A CA  1 
ATOM   905  C C   . ILE A 1 105 ? -10.164 -6.063  -7.030  1.00 17.45 ? 146 ILE A C   1 
ATOM   906  O O   . ILE A 1 105 ? -9.247  -6.099  -6.173  1.00 17.95 ? 146 ILE A O   1 
ATOM   907  C CB  . ILE A 1 105 ? -9.526  -4.838  -9.191  1.00 20.91 ? 146 ILE A CB  1 
ATOM   908  C CG1 . ILE A 1 105 ? -8.340  -4.226  -8.523  1.00 18.52 ? 146 ILE A CG1 1 
ATOM   909  C CG2 . ILE A 1 105 ? -10.694 -3.809  -9.082  1.00 21.11 ? 146 ILE A CG2 1 
ATOM   910  C CD1 . ILE A 1 105 ? -7.063  -4.832  -8.882  1.00 17.67 ? 146 ILE A CD1 1 
ATOM   911  N N   . VAL A 1 106 ? -11.434 -5.893  -6.731  1.00 17.57 ? 147 VAL A N   1 
ATOM   912  C CA  . VAL A 1 106 ? -11.945 -5.808  -5.351  1.00 19.97 ? 147 VAL A CA  1 
ATOM   913  C C   . VAL A 1 106 ? -11.770 -7.126  -4.621  1.00 21.93 ? 147 VAL A C   1 
ATOM   914  O O   . VAL A 1 106 ? -11.317 -7.151  -3.447  1.00 18.03 ? 147 VAL A O   1 
ATOM   915  C CB  . VAL A 1 106 ? -13.397 -5.307  -5.277  1.00 19.83 ? 147 VAL A CB  1 
ATOM   916  C CG1 . VAL A 1 106 ? -13.972 -5.418  -3.871  1.00 20.91 ? 147 VAL A CG1 1 
ATOM   917  C CG2 . VAL A 1 106 ? -13.411 -3.841  -5.680  1.00 23.36 ? 147 VAL A CG2 1 
ATOM   918  N N   . LEU A 1 107 ? -12.089 -8.241  -5.301  1.00 20.25 ? 148 LEU A N   1 
ATOM   919  C CA  A LEU A 1 107 ? -11.852 -9.560  -4.689  0.50 19.62 ? 148 LEU A CA  1 
ATOM   920  C CA  B LEU A 1 107 ? -11.840 -9.554  -4.701  0.50 20.32 ? 148 LEU A CA  1 
ATOM   921  C C   . LEU A 1 107 ? -10.356 -9.764  -4.412  1.00 17.91 ? 148 LEU A C   1 
ATOM   922  O O   . LEU A 1 107 ? -9.981  -10.334 -3.379  1.00 18.93 ? 148 LEU A O   1 
ATOM   923  C CB  A LEU A 1 107 ? -12.409 -10.688 -5.568  0.50 19.99 ? 148 LEU A CB  1 
ATOM   924  C CB  B LEU A 1 107 ? -12.366 -10.653 -5.611  0.50 21.65 ? 148 LEU A CB  1 
ATOM   925  C CG  A LEU A 1 107 ? -13.914 -10.579 -5.877  0.50 20.93 ? 148 LEU A CG  1 
ATOM   926  C CG  B LEU A 1 107 ? -13.844 -10.926 -5.370  0.50 23.80 ? 148 LEU A CG  1 
ATOM   927  C CD1 A LEU A 1 107 ? -14.419 -11.558 -6.945  0.50 20.82 ? 148 LEU A CD1 1 
ATOM   928  C CD1 B LEU A 1 107 ? -13.885 -11.609 -4.032  0.50 24.15 ? 148 LEU A CD1 1 
ATOM   929  C CD2 A LEU A 1 107 ? -14.710 -10.732 -4.574  0.50 20.60 ? 148 LEU A CD2 1 
ATOM   930  C CD2 B LEU A 1 107 ? -14.823 -9.733  -5.407  0.50 24.10 ? 148 LEU A CD2 1 
ATOM   931  N N   . MET A 1 108 ? -9.521  -9.251  -5.284  1.00 18.06 ? 149 MET A N   1 
ATOM   932  C CA  . MET A 1 108 ? -8.091  -9.388  -5.100  1.00 18.79 ? 149 MET A CA  1 
ATOM   933  C C   . MET A 1 108 ? -7.654  -8.530  -3.880  1.00 19.73 ? 149 MET A C   1 
ATOM   934  O O   . MET A 1 108 ? -6.882  -8.996  -3.042  1.00 19.38 ? 149 MET A O   1 
ATOM   935  C CB  . MET A 1 108 ? -7.350  -8.907  -6.310  1.00 20.85 ? 149 MET A CB  1 
ATOM   936  C CG  . MET A 1 108 ? -7.566  -9.836  -7.483  1.00 24.23 ? 149 MET A CG  1 
ATOM   937  S SD  . MET A 1 108 ? -6.881  -9.334  -9.053  1.00 26.69 ? 149 MET A SD  1 
ATOM   938  C CE  . MET A 1 108 ? -5.286  -9.799  -8.818  1.00 21.25 ? 149 MET A CE  1 
ATOM   939  N N   . ALA A 1 109 ? -8.087  -7.275  -3.841  1.00 17.78 ? 150 ALA A N   1 
ATOM   940  C CA  . ALA A 1 109 ? -7.777  -6.405  -2.662  1.00 18.96 ? 150 ALA A CA  1 
ATOM   941  C C   . ALA A 1 109 ? -8.282  -7.062  -1.386  1.00 18.25 ? 150 ALA A C   1 
ATOM   942  O O   . ALA A 1 109 ? -7.597  -7.059  -0.382  1.00 16.49 ? 150 ALA A O   1 
ATOM   943  C CB  . ALA A 1 109 ? -8.488  -5.092  -2.813  1.00 20.06 ? 150 ALA A CB  1 
ATOM   944  N N   . GLU A 1 110 ? -9.489  -7.594  -1.402  1.00 18.01 ? 151 GLU A N   1 
ATOM   945  C CA  . GLU A 1 110 ? -10.044 -8.239  -0.226  1.00 19.76 ? 151 GLU A CA  1 
ATOM   946  C C   . GLU A 1 110 ? -9.232  -9.426  0.295   1.00 19.84 ? 151 GLU A C   1 
ATOM   947  O O   . GLU A 1 110 ? -9.106  -9.607  1.490   1.00 18.22 ? 151 GLU A O   1 
ATOM   948  C CB  . GLU A 1 110 ? -11.502 -8.595  -0.456  1.00 22.72 ? 151 GLU A CB  1 
ATOM   949  C CG  . GLU A 1 110 ? -12.445 -7.361  -0.393  1.00 27.06 ? 151 GLU A CG  1 
ATOM   950  C CD  . GLU A 1 110 ? -13.919 -7.707  -0.778  1.00 31.17 ? 151 GLU A CD  1 
ATOM   951  O OE1 . GLU A 1 110 ? -14.168 -8.732  -1.446  1.00 37.06 ? 151 GLU A OE1 1 
ATOM   952  O OE2 . GLU A 1 110 ? -14.821 -6.941  -0.433  1.00 30.44 ? 151 GLU A OE2 1 
ATOM   953  N N   . ALA A 1 111 ? -8.635  -10.208 -0.586  1.00 21.24 ? 152 ALA A N   1 
ATOM   954  C CA  . ALA A 1 111 ? -7.846  -11.379 -0.174  1.00 21.55 ? 152 ALA A CA  1 
ATOM   955  C C   . ALA A 1 111 ? -6.556  -10.892 0.447   1.00 19.29 ? 152 ALA A C   1 
ATOM   956  O O   . ALA A 1 111 ? -6.079  -11.450 1.472   1.00 18.40 ? 152 ALA A O   1 
ATOM   957  C CB  . ALA A 1 111 ? -7.527  -12.261 -1.371  1.00 22.41 ? 152 ALA A CB  1 
ATOM   958  N N   . LEU A 1 112 ? -5.990  -9.845  -0.136  1.00 16.81 ? 153 LEU A N   1 
ATOM   959  C CA  . LEU A 1 112 ? -4.769  -9.253  0.455   1.00 17.70 ? 153 LEU A CA  1 
ATOM   960  C C   . LEU A 1 112 ? -5.034  -8.692  1.865   1.00 18.73 ? 153 LEU A C   1 
ATOM   961  O O   . LEU A 1 112 ? -4.235  -8.856  2.765   1.00 17.94 ? 153 LEU A O   1 
ATOM   962  C CB  . LEU A 1 112 ? -4.175  -8.176  -0.455  1.00 18.99 ? 153 LEU A CB  1 
ATOM   963  C CG  . LEU A 1 112 ? -3.613  -8.700  -1.792  1.00 22.93 ? 153 LEU A CG  1 
ATOM   964  C CD1 . LEU A 1 112 ? -3.138  -7.481  -2.583  1.00 26.34 ? 153 LEU A CD1 1 
ATOM   965  C CD2 . LEU A 1 112 ? -2.460  -9.655  -1.621  1.00 25.78 ? 153 LEU A CD2 1 
ATOM   966  N N   . GLU A 1 113 ? -6.146  -7.998  1.975   1.00 16.23 ? 154 GLU A N   1 
ATOM   967  C CA  . GLU A 1 113 ? -6.499  -7.375  3.198   1.00 18.79 ? 154 GLU A CA  1 
ATOM   968  C C   . GLU A 1 113 ? -6.780  -8.378  4.275   1.00 18.76 ? 154 GLU A C   1 
ATOM   969  O O   . GLU A 1 113 ? -6.393  -8.162  5.426   1.00 18.57 ? 154 GLU A O   1 
ATOM   970  C CB  . GLU A 1 113 ? -7.681  -6.494  2.966   1.00 19.26 ? 154 GLU A CB  1 
ATOM   971  C CG  . GLU A 1 113 ? -8.007  -5.730  4.248   1.00 22.48 ? 154 GLU A CG  1 
ATOM   972  C CD  . GLU A 1 113 ? -9.231  -4.800  4.153   1.00 28.25 ? 154 GLU A CD  1 
ATOM   973  O OE1 . GLU A 1 113 ? -10.038 -4.958  3.265   1.00 31.92 ? 154 GLU A OE1 1 
ATOM   974  O OE2 . GLU A 1 113 ? -9.371  -3.925  5.027   1.00 36.24 ? 154 GLU A OE2 1 
ATOM   975  N N   . LYS A 1 114 ? -7.430  -9.504  3.911   1.00 19.24 ? 155 LYS A N   1 
ATOM   976  C CA  . LYS A 1 114 ? -7.632  -10.557 4.889   1.00 19.68 ? 155 LYS A CA  1 
ATOM   977  C C   . LYS A 1 114 ? -6.304  -11.072 5.394   1.00 20.25 ? 155 LYS A C   1 
ATOM   978  O O   . LYS A 1 114 ? -6.120  -11.244 6.636   1.00 22.61 ? 155 LYS A O   1 
ATOM   979  C CB  . LYS A 1 114 ? -8.480  -11.679 4.314   1.00 21.97 ? 155 LYS A CB  1 
ATOM   980  C CG  . LYS A 1 114 ? -8.653  -12.890 5.240   1.00 24.81 ? 155 LYS A CG  1 
ATOM   981  C CD  . LYS A 1 114 ? -9.712  -13.859 4.670   1.00 30.43 ? 155 LYS A CD  1 
ATOM   982  C CE  . LYS A 1 114 ? -10.163 -14.851 5.745   1.00 38.07 ? 155 LYS A CE  1 
ATOM   983  N NZ  . LYS A 1 114 ? -11.351 -15.602 5.250   1.00 48.68 ? 155 LYS A NZ  1 
ATOM   984  N N   . LEU A 1 115 ? -5.351  -11.314 4.480   1.00 18.36 ? 156 LEU A N   1 
ATOM   985  C CA  . LEU A 1 115 ? -4.038  -11.802 4.865   1.00 20.12 ? 156 LEU A CA  1 
ATOM   986  C C   . LEU A 1 115 ? -3.336  -10.699 5.706   1.00 20.06 ? 156 LEU A C   1 
ATOM   987  O O   . LEU A 1 115 ? -2.742  -10.964 6.752   1.00 21.15 ? 156 LEU A O   1 
ATOM   988  C CB  . LEU A 1 115 ? -3.232  -12.167 3.594   1.00 22.37 ? 156 LEU A CB  1 
ATOM   989  C CG  . LEU A 1 115 ? -1.838  -12.770 3.733   1.00 29.63 ? 156 LEU A CG  1 
ATOM   990  C CD1 . LEU A 1 115 ? -1.938  -14.074 4.492   1.00 27.88 ? 156 LEU A CD1 1 
ATOM   991  C CD2 . LEU A 1 115 ? -1.147  -12.953 2.374   1.00 30.18 ? 156 LEU A CD2 1 
ATOM   992  N N   . PHE A 1 116 ? -3.465  -9.452  5.278   1.00 17.95 ? 157 PHE A N   1 
ATOM   993  C CA  . PHE A 1 116 ? -2.865  -8.340  6.000   1.00 21.04 ? 157 PHE A CA  1 
ATOM   994  C C   . PHE A 1 116 ? -3.284  -8.299  7.466   1.00 18.90 ? 157 PHE A C   1 
ATOM   995  O O   . PHE A 1 116 ? -2.423  -8.289  8.367   1.00 20.72 ? 157 PHE A O   1 
ATOM   996  C CB  . PHE A 1 116 ? -3.188  -7.032  5.287   1.00 20.14 ? 157 PHE A CB  1 
ATOM   997  C CG  . PHE A 1 116 ? -2.719  -5.836  5.995   1.00 18.54 ? 157 PHE A CG  1 
ATOM   998  C CD1 . PHE A 1 116 ? -1.414  -5.496  6.000   1.00 19.51 ? 157 PHE A CD1 1 
ATOM   999  C CD2 . PHE A 1 116 ? -3.628  -5.019  6.700   1.00 21.02 ? 157 PHE A CD2 1 
ATOM   1000 C CE1 . PHE A 1 116 ? -0.973  -4.354  6.660   1.00 21.04 ? 157 PHE A CE1 1 
ATOM   1001 C CE2 . PHE A 1 116 ? -3.154  -3.882  7.379   1.00 19.52 ? 157 PHE A CE2 1 
ATOM   1002 C CZ  . PHE A 1 116 ? -1.847  -3.565  7.343   1.00 18.18 ? 157 PHE A CZ  1 
ATOM   1003 N N   . LEU A 1 117 ? -4.553  -8.434  7.703   1.00 19.76 ? 158 LEU A N   1 
ATOM   1004 C CA  . LEU A 1 117 ? -5.094  -8.412  9.070   1.00 25.63 ? 158 LEU A CA  1 
ATOM   1005 C C   . LEU A 1 117 ? -4.621  -9.592  9.952   1.00 26.28 ? 158 LEU A C   1 
ATOM   1006 O O   . LEU A 1 117 ? -4.318  -9.393  11.120  1.00 24.19 ? 158 LEU A O   1 
ATOM   1007 C CB  . LEU A 1 117 ? -6.618  -8.344  9.048   1.00 22.64 ? 158 LEU A CB  1 
ATOM   1008 C CG  . LEU A 1 117 ? -7.052  -6.944  8.624   1.00 26.48 ? 158 LEU A CG  1 
ATOM   1009 C CD1 . LEU A 1 117 ? -8.559  -6.900  8.439   1.00 29.76 ? 158 LEU A CD1 1 
ATOM   1010 C CD2 . LEU A 1 117 ? -6.595  -5.824  9.546   1.00 30.02 ? 158 LEU A CD2 1 
ATOM   1011 N N   . GLN A 1 118 ? -4.534  -10.782 9.362   1.00 23.40 ? 159 GLN A N   1 
ATOM   1012 C CA  . GLN A 1 118 ? -3.971  -11.955 10.053  1.00 26.54 ? 159 GLN A CA  1 
ATOM   1013 C C   . GLN A 1 118 ? -2.543  -11.638 10.506  1.00 25.82 ? 159 GLN A C   1 
ATOM   1014 O O   . GLN A 1 118 ? -2.206  -11.796 11.663  1.00 26.61 ? 159 GLN A O   1 
ATOM   1015 C CB  . GLN A 1 118 ? -3.875  -13.155 9.133   1.00 29.63 ? 159 GLN A CB  1 
ATOM   1016 C CG  . GLN A 1 118 ? -5.118  -13.683 8.483   1.00 35.34 ? 159 GLN A CG  1 
ATOM   1017 C CD  . GLN A 1 118 ? -4.777  -14.749 7.393   1.00 42.31 ? 159 GLN A CD  1 
ATOM   1018 O OE1 . GLN A 1 118 ? -3.600  -15.196 7.244   1.00 49.42 ? 159 GLN A OE1 1 
ATOM   1019 N NE2 . GLN A 1 118 ? -5.791  -15.191 6.693   1.00 39.25 ? 159 GLN A NE2 1 
ATOM   1020 N N   . LYS A 1 119 ? -1.720  -11.180 9.584   1.00 25.32 ? 160 LYS A N   1 
ATOM   1021 C CA  . LYS A 1 119 ? -0.333  -10.857 9.911   1.00 28.03 ? 160 LYS A CA  1 
ATOM   1022 C C   . LYS A 1 119 ? -0.222  -9.752  10.946  1.00 28.64 ? 160 LYS A C   1 
ATOM   1023 O O   . LYS A 1 119 ? 0.741   -9.749  11.774  1.00 27.53 ? 160 LYS A O   1 
ATOM   1024 C CB  . LYS A 1 119 ? 0.423   -10.469 8.681   1.00 28.19 ? 160 LYS A CB  1 
ATOM   1025 C CG  . LYS A 1 119 ? 0.572   -11.570 7.613   1.00 35.09 ? 160 LYS A CG  1 
ATOM   1026 C CD  . LYS A 1 119 ? 1.505   -12.670 8.123   1.00 43.44 ? 160 LYS A CD  1 
ATOM   1027 C CE  . LYS A 1 119 ? 1.122   -14.071 7.684   1.00 50.42 ? 160 LYS A CE  1 
ATOM   1028 N NZ  . LYS A 1 119 ? 1.473   -15.091 8.740   1.00 52.86 ? 160 LYS A NZ  1 
ATOM   1029 N N   . ILE A 1 120 ? -1.158  -8.809  10.910  1.00 27.36 ? 161 ILE A N   1 
ATOM   1030 C CA  . ILE A 1 120 ? -1.091  -7.679  11.875  1.00 28.09 ? 161 ILE A CA  1 
ATOM   1031 C C   . ILE A 1 120 ? -1.371  -8.174  13.291  1.00 29.54 ? 161 ILE A C   1 
ATOM   1032 O O   . ILE A 1 120 ? -0.929  -7.559  14.279  1.00 28.16 ? 161 ILE A O   1 
ATOM   1033 C CB  . ILE A 1 120 ? -2.056  -6.513  11.529  1.00 26.12 ? 161 ILE A CB  1 
ATOM   1034 C CG1 . ILE A 1 120 ? -1.565  -5.703  10.337  1.00 27.78 ? 161 ILE A CG1 1 
ATOM   1035 C CG2 . ILE A 1 120 ? -2.200  -5.513  12.675  1.00 30.46 ? 161 ILE A CG2 1 
ATOM   1036 C CD1 . ILE A 1 120 ? -0.166  -5.187  10.337  1.00 28.97 ? 161 ILE A CD1 1 
ATOM   1037 N N   . ASN A 1 121 ? -2.115  -9.259  13.411  1.00 26.02 ? 162 ASN A N   1 
ATOM   1038 C CA  . ASN A 1 121 ? -2.389  -9.815  14.742  1.00 28.10 ? 162 ASN A CA  1 
ATOM   1039 C C   . ASN A 1 121 ? -1.149  -10.369 15.433  1.00 30.74 ? 162 ASN A C   1 
ATOM   1040 O O   . ASN A 1 121 ? -1.176  -10.568 16.638  1.00 31.81 ? 162 ASN A O   1 
ATOM   1041 C CB  . ASN A 1 121 ? -3.461  -10.927 14.644  1.00 28.75 ? 162 ASN A CB  1 
ATOM   1042 C CG  . ASN A 1 121 ? -4.855  -10.365 14.520  1.00 33.36 ? 162 ASN A CG  1 
ATOM   1043 O OD1 . ASN A 1 121 ? -5.105  -9.179  14.784  1.00 33.09 ? 162 ASN A OD1 1 
ATOM   1044 N ND2 . ASN A 1 121 ? -5.784  -11.219 14.115  1.00 37.09 ? 162 ASN A ND2 1 
ATOM   1045 N N   . GLU A 1 122 ? -0.102  -10.680 14.684  1.00 29.24 ? 163 GLU A N   1 
ATOM   1046 C CA  . GLU A 1 122 ? 1.141   -11.141 15.276  1.00 33.90 ? 163 GLU A CA  1 
ATOM   1047 C C   . GLU A 1 122 ? 2.190   -10.030 15.373  1.00 32.55 ? 163 GLU A C   1 
ATOM   1048 O O   . GLU A 1 122 ? 3.380   -10.329 15.608  1.00 33.96 ? 163 GLU A O   1 
ATOM   1049 C CB  . GLU A 1 122 ? 1.664   -12.297 14.428  1.00 43.43 ? 163 GLU A CB  1 
ATOM   1050 C CG  . GLU A 1 122 ? 0.800   -13.558 14.491  1.00 56.58 ? 163 GLU A CG  1 
ATOM   1051 C CD  . GLU A 1 122 ? 1.259   -14.604 13.465  1.00 64.41 ? 163 GLU A CD  1 
ATOM   1052 O OE1 . GLU A 1 122 ? 1.760   -15.678 13.876  1.00 74.23 ? 163 GLU A OE1 1 
ATOM   1053 O OE2 . GLU A 1 122 ? 1.156   -14.329 12.241  1.00 69.55 ? 163 GLU A OE2 1 
ATOM   1054 N N   . LEU A 1 123 ? 1.799   -8.758  15.159  1.00 28.52 ? 164 LEU A N   1 
ATOM   1055 C CA  . LEU A 1 123 ? 2.757   -7.639  15.216  1.00 30.20 ? 164 LEU A CA  1 
ATOM   1056 C C   . LEU A 1 123 ? 3.442   -7.676  16.601  1.00 29.46 ? 164 LEU A C   1 
ATOM   1057 O O   . LEU A 1 123 ? 2.756   -7.744  17.578  1.00 29.45 ? 164 LEU A O   1 
ATOM   1058 C CB  . LEU A 1 123 ? 2.040   -6.310  15.023  1.00 29.78 ? 164 LEU A CB  1 
ATOM   1059 C CG  . LEU A 1 123 ? 2.848   -5.038  14.893  1.00 33.67 ? 164 LEU A CG  1 
ATOM   1060 C CD1 . LEU A 1 123 ? 3.599   -4.911  13.555  1.00 32.13 ? 164 LEU A CD1 1 
ATOM   1061 C CD2 . LEU A 1 123 ? 1.912   -3.878  15.121  1.00 33.71 ? 164 LEU A CD2 1 
ATOM   1062 N N   . PRO A 1 124 ? 4.784   -7.659  16.662  1.00 31.31 ? 165 PRO A N   1 
ATOM   1063 C CA  . PRO A 1 124 ? 5.415   -7.815  17.989  1.00 36.27 ? 165 PRO A CA  1 
ATOM   1064 C C   . PRO A 1 124 ? 5.188   -6.590  18.824  1.00 40.64 ? 165 PRO A C   1 
ATOM   1065 O O   . PRO A 1 124 ? 4.961   -5.533  18.259  1.00 35.33 ? 165 PRO A O   1 
ATOM   1066 C CB  . PRO A 1 124 ? 6.931   -7.903  17.657  1.00 37.75 ? 165 PRO A CB  1 
ATOM   1067 C CG  . PRO A 1 124 ? 7.071   -7.259  16.333  1.00 37.24 ? 165 PRO A CG  1 
ATOM   1068 C CD  . PRO A 1 124 ? 5.791   -7.604  15.593  1.00 34.02 ? 165 PRO A CD  1 
ATOM   1069 N N   . THR A 1 125 ? 5.295   -6.682  20.154  1.00 44.10 ? 166 THR A N   1 
ATOM   1070 C CA  . THR A 1 125 ? 5.169   -5.461  20.977  0.50 45.06 ? 166 THR A CA  1 
ATOM   1071 C C   . THR A 1 125 ? 6.417   -4.557  20.832  1.00 46.14 ? 166 THR A C   1 
ATOM   1072 O O   . THR A 1 125 ? 7.501   -5.054  20.431  1.00 45.29 ? 166 THR A O   1 
ATOM   1073 C CB  . THR A 1 125 ? 4.858   -5.824  22.432  0.50 45.08 ? 166 THR A CB  1 
ATOM   1074 O OG1 . THR A 1 125 ? 5.072   -7.224  22.594  0.50 47.26 ? 166 THR A OG1 1 
ATOM   1075 C CG2 . THR A 1 125 ? 3.404   -5.537  22.742  0.50 44.95 ? 166 THR A CG2 1 
ATOM   1076 N N   . GLU A 1 126 ? 6.181   -3.241  20.983  1.00 49.03 ? 167 GLU A N   1 
ATOM   1077 C CA  . GLU A 1 126 ? 7.127   -2.206  21.542  1.00 61.46 ? 167 GLU A CA  1 
ATOM   1078 C C   . GLU A 1 126 ? 7.637   -1.207  20.504  1.00 57.85 ? 167 GLU A C   1 
ATOM   1079 O O   . GLU A 1 126 ? 7.000   -0.178  20.299  1.00 63.32 ? 167 GLU A O   1 
ATOM   1080 C CB  . GLU A 1 126 ? 8.297   -2.782  22.420  1.00 64.59 ? 167 GLU A CB  1 
ATOM   1081 C CG  . GLU A 1 126 ? 9.566   -3.285  21.696  1.00 67.74 ? 167 GLU A CG  1 
ATOM   1082 C CD  . GLU A 1 126 ? 10.700  -2.266  21.529  1.00 72.51 ? 167 GLU A CD  1 
ATOM   1083 O OE1 . GLU A 1 126 ? 11.615  -2.530  20.710  1.00 68.66 ? 167 GLU A OE1 1 
ATOM   1084 O OE2 . GLU A 1 126 ? 10.702  -1.220  22.207  1.00 70.62 ? 167 GLU A OE2 1 
HETATM 1085 O O2  . FOY B 2 .   ? -3.530  -3.744  -13.795 1.00 23.82 ? 201 FOY A O2  1 
HETATM 1086 C C15 . FOY B 2 .   ? -4.198  -3.019  -12.908 1.00 23.69 ? 201 FOY A C15 1 
HETATM 1087 N N2  . FOY B 2 .   ? -5.589  -3.080  -12.974 1.00 21.88 ? 201 FOY A N2  1 
HETATM 1088 C C8  . FOY B 2 .   ? -6.355  -3.819  -14.009 1.00 22.67 ? 201 FOY A C8  1 
HETATM 1089 C C9  . FOY B 2 .   ? -6.960  -5.081  -13.401 1.00 23.71 ? 201 FOY A C9  1 
HETATM 1090 C C10 . FOY B 2 .   ? -6.175  -5.946  -12.650 1.00 24.67 ? 201 FOY A C10 1 
HETATM 1091 C C11 . FOY B 2 .   ? -6.691  -7.075  -12.037 1.00 24.92 ? 201 FOY A C11 1 
HETATM 1092 C C12 . FOY B 2 .   ? -8.043  -7.350  -12.194 1.00 24.75 ? 201 FOY A C12 1 
HETATM 1093 C C13 . FOY B 2 .   ? -8.830  -6.457  -12.913 1.00 25.45 ? 201 FOY A C13 1 
HETATM 1094 C C14 . FOY B 2 .   ? -8.322  -5.327  -13.505 1.00 25.58 ? 201 FOY A C14 1 
HETATM 1095 C C7  . FOY B 2 .   ? -6.277  -2.395  -12.046 1.00 22.07 ? 201 FOY A C7  1 
HETATM 1096 C C6  . FOY B 2 .   ? -5.636  -1.654  -11.074 1.00 23.54 ? 201 FOY A C6  1 
HETATM 1097 C C17 . FOY B 2 .   ? -4.227  -1.582  -10.995 1.00 22.47 ? 201 FOY A C17 1 
HETATM 1098 C C16 . FOY B 2 .   ? -3.480  -2.272  -11.930 1.00 22.09 ? 201 FOY A C16 1 
HETATM 1099 C C5  . FOY B 2 .   ? -6.473  -0.933  -10.078 1.00 21.87 ? 201 FOY A C5  1 
HETATM 1100 C C2  . FOY B 2 .   ? -7.548  -0.136  -10.308 1.00 25.42 ? 201 FOY A C2  1 
HETATM 1101 C C1  . FOY B 2 .   ? -8.206  0.288   -11.581 1.00 28.72 ? 201 FOY A C1  1 
HETATM 1102 O O1  . FOY B 2 .   ? -8.036  0.315   -9.100  1.00 24.27 ? 201 FOY A O1  1 
HETATM 1103 N N1  . FOY B 2 .   ? -7.280  -0.225  -8.099  1.00 25.79 ? 201 FOY A N1  1 
HETATM 1104 C C3  . FOY B 2 .   ? -6.321  -0.979  -8.628  1.00 22.02 ? 201 FOY A C3  1 
HETATM 1105 C C4  . FOY B 2 .   ? -5.275  -1.702  -7.883  1.00 21.25 ? 201 FOY A C4  1 
HETATM 1106 C C1  . EDO C 3 .   ? 11.433  3.571   8.355   1.00 36.62 ? 202 EDO A C1  1 
HETATM 1107 O O1  . EDO C 3 .   ? 10.365  2.856   7.739   1.00 39.58 ? 202 EDO A O1  1 
HETATM 1108 C C2  . EDO C 3 .   ? 11.933  3.400   9.741   1.00 44.14 ? 202 EDO A C2  1 
HETATM 1109 O O2  . EDO C 3 .   ? 13.096  4.242   9.728   1.00 46.96 ? 202 EDO A O2  1 
HETATM 1110 C C1  . EDO D 3 .   ? -2.948  -18.242 -3.069  1.00 44.48 ? 203 EDO A C1  1 
HETATM 1111 O O1  . EDO D 3 .   ? -4.370  -17.961 -2.927  1.00 46.99 ? 203 EDO A O1  1 
HETATM 1112 C C2  . EDO D 3 .   ? -2.121  -16.986 -2.780  1.00 43.09 ? 203 EDO A C2  1 
HETATM 1113 O O2  . EDO D 3 .   ? -0.901  -16.770 -3.558  1.00 41.89 ? 203 EDO A O2  1 
HETATM 1114 O O   . HOH E 4 .   ? 8.774   -1.805  17.621  1.00 44.66 ? 301 HOH A O   1 
HETATM 1115 O O   . HOH E 4 .   ? -7.576  8.393   -1.691  1.00 24.17 ? 302 HOH A O   1 
HETATM 1116 O O   . HOH E 4 .   ? -8.599  -0.186  -18.465 1.00 44.73 ? 303 HOH A O   1 
HETATM 1117 O O   . HOH E 4 .   ? 13.004  -0.362  -2.252  1.00 38.34 ? 304 HOH A O   1 
HETATM 1118 O O   . HOH E 4 .   ? -7.884  10.850  -0.045  1.00 49.53 ? 305 HOH A O   1 
HETATM 1119 O O   . HOH E 4 .   ? -7.215  -3.250  7.226   1.00 42.06 ? 306 HOH A O   1 
HETATM 1120 O O   . HOH E 4 .   ? 15.374  4.898   10.098  1.00 33.83 ? 307 HOH A O   1 
HETATM 1121 O O   . HOH E 4 .   ? -13.942 -11.098 -1.000  1.00 36.26 ? 308 HOH A O   1 
HETATM 1122 O O   . HOH E 4 .   ? 11.636  0.779   7.964   1.00 36.31 ? 309 HOH A O   1 
HETATM 1123 O O   . HOH E 4 .   ? -15.165 6.066   -12.146 1.00 34.92 ? 310 HOH A O   1 
HETATM 1124 O O   . HOH E 4 .   ? -7.355  1.950   -6.176  1.00 19.13 ? 311 HOH A O   1 
HETATM 1125 O O   . HOH E 4 .   ? 5.731   -15.379 3.066   1.00 59.10 ? 312 HOH A O   1 
HETATM 1126 O O   . HOH E 4 .   ? -15.992 -10.825 -9.937  1.00 39.33 ? 313 HOH A O   1 
HETATM 1127 O O   . HOH E 4 .   ? 8.391   10.996  10.965  1.00 28.54 ? 314 HOH A O   1 
HETATM 1128 O O   . HOH E 4 .   ? -7.209  18.388  -14.753 1.00 31.67 ? 315 HOH A O   1 
HETATM 1129 O O   . HOH E 4 .   ? -5.633  -15.691 4.161   1.00 37.50 ? 316 HOH A O   1 
HETATM 1130 O O   . HOH E 4 .   ? 4.936   -14.608 6.710   1.00 41.90 ? 317 HOH A O   1 
HETATM 1131 O O   . HOH E 4 .   ? 2.796   2.316   -12.154 1.00 29.48 ? 318 HOH A O   1 
HETATM 1132 O O   . HOH E 4 .   ? 3.805   -5.782  -10.849 1.00 30.61 ? 319 HOH A O   1 
HETATM 1133 O O   . HOH E 4 .   ? 1.947   -16.895 -4.003  1.00 52.76 ? 320 HOH A O   1 
HETATM 1134 O O   . HOH E 4 .   ? 14.620  -0.599  6.263   1.00 35.03 ? 321 HOH A O   1 
HETATM 1135 O O   . HOH E 4 .   ? -0.945  9.659   -1.823  1.00 34.63 ? 322 HOH A O   1 
HETATM 1136 O O   . HOH E 4 .   ? 6.621   12.420  -5.906  1.00 31.19 ? 323 HOH A O   1 
HETATM 1137 O O   . HOH E 4 .   ? -1.595  6.724   3.422   1.00 35.15 ? 324 HOH A O   1 
HETATM 1138 O O   . HOH E 4 .   ? 12.677  6.808   -2.990  1.00 40.24 ? 325 HOH A O   1 
HETATM 1139 O O   . HOH E 4 .   ? -8.686  5.818   0.673   1.00 38.36 ? 326 HOH A O   1 
HETATM 1140 O O   . HOH E 4 .   ? -1.650  -8.745  18.463  1.00 37.15 ? 327 HOH A O   1 
HETATM 1141 O O   . HOH E 4 .   ? 3.475   5.386   18.295  1.00 40.27 ? 328 HOH A O   1 
HETATM 1142 O O   . HOH E 4 .   ? -4.943  13.028  -23.232 1.00 37.59 ? 329 HOH A O   1 
HETATM 1143 O O   . HOH E 4 .   ? -13.324 3.059   -14.593 1.00 33.74 ? 330 HOH A O   1 
HETATM 1144 O O   . HOH E 4 .   ? 14.921  13.296  -1.346  1.00 31.93 ? 331 HOH A O   1 
HETATM 1145 O O   . HOH E 4 .   ? -14.768 -12.998 -12.241 1.00 25.01 ? 332 HOH A O   1 
HETATM 1146 O O   . HOH E 4 .   ? 4.357   9.690   -12.163 1.00 52.31 ? 333 HOH A O   1 
HETATM 1147 O O   . HOH E 4 .   ? 13.644  17.868  10.562  1.00 38.76 ? 334 HOH A O   1 
HETATM 1148 O O   . HOH E 4 .   ? 12.999  7.613   3.085   1.00 29.89 ? 335 HOH A O   1 
HETATM 1149 O O   . HOH E 4 .   ? 2.424   -5.391  19.019  1.00 55.80 ? 336 HOH A O   1 
HETATM 1150 O O   . HOH E 4 .   ? 2.221   0.455   16.653  1.00 47.21 ? 337 HOH A O   1 
HETATM 1151 O O   . HOH E 4 .   ? 0.652   9.878   -6.295  1.00 20.61 ? 338 HOH A O   1 
HETATM 1152 O O   . HOH E 4 .   ? 16.998  19.218  8.154   1.00 37.62 ? 339 HOH A O   1 
HETATM 1153 O O   . HOH E 4 .   ? -6.578  -14.048 1.868   1.00 23.52 ? 340 HOH A O   1 
HETATM 1154 O O   . HOH E 4 .   ? -10.875 1.898   -19.440 1.00 47.13 ? 341 HOH A O   1 
HETATM 1155 O O   . HOH E 4 .   ? -5.884  -2.146  9.692   1.00 33.82 ? 342 HOH A O   1 
HETATM 1156 O O   . HOH E 4 .   ? -2.529  1.284   -22.925 1.00 28.65 ? 343 HOH A O   1 
HETATM 1157 O O   . HOH E 4 .   ? -5.662  -7.560  12.714  1.00 29.90 ? 344 HOH A O   1 
HETATM 1158 O O   . HOH E 4 .   ? -5.022  9.408   -23.051 1.00 41.48 ? 345 HOH A O   1 
HETATM 1159 O O   . HOH E 4 .   ? -17.089 1.945   -4.923  1.00 16.34 ? 346 HOH A O   1 
HETATM 1160 O O   . HOH E 4 .   ? -4.830  6.065   -22.344 1.00 41.53 ? 347 HOH A O   1 
HETATM 1161 O O   . HOH E 4 .   ? 10.788  -7.306  14.142  1.00 43.59 ? 348 HOH A O   1 
HETATM 1162 O O   . HOH E 4 .   ? -12.549 1.293   3.560   1.00 30.68 ? 349 HOH A O   1 
HETATM 1163 O O   . HOH E 4 .   ? -0.808  -0.901  -10.476 1.00 24.20 ? 350 HOH A O   1 
HETATM 1164 O O   . HOH E 4 .   ? -5.497  0.688   -4.464  1.00 21.18 ? 351 HOH A O   1 
HETATM 1165 O O   . HOH E 4 .   ? -14.231 -4.443  0.440   1.00 49.56 ? 352 HOH A O   1 
HETATM 1166 O O   . HOH E 4 .   ? 1.148   -14.724 0.417   1.00 32.28 ? 353 HOH A O   1 
HETATM 1167 O O   . HOH E 4 .   ? -9.228  3.933   4.810   1.00 33.20 ? 354 HOH A O   1 
HETATM 1168 O O   . HOH E 4 .   ? 10.125  11.013  -2.618  1.00 29.42 ? 355 HOH A O   1 
HETATM 1169 O O   . HOH E 4 .   ? 3.377   7.540   -15.914 1.00 46.23 ? 356 HOH A O   1 
HETATM 1170 O O   . HOH E 4 .   ? 8.963   -0.819  -4.607  1.00 33.06 ? 357 HOH A O   1 
HETATM 1171 O O   . HOH E 4 .   ? -11.098 -8.910  3.225   1.00 22.79 ? 358 HOH A O   1 
HETATM 1172 O O   . HOH E 4 .   ? -6.618  15.430  -11.264 1.00 36.65 ? 359 HOH A O   1 
HETATM 1173 O O   . HOH E 4 .   ? -0.885  -12.369 18.682  1.00 43.24 ? 360 HOH A O   1 
HETATM 1174 O O   . HOH E 4 .   ? 8.370   8.285   -4.658  1.00 29.01 ? 361 HOH A O   1 
HETATM 1175 O O   . HOH E 4 .   ? -6.627  7.623   -21.284 1.00 47.84 ? 362 HOH A O   1 
HETATM 1176 O O   . HOH E 4 .   ? -13.405 9.362   -3.973  1.00 37.22 ? 363 HOH A O   1 
HETATM 1177 O O   . HOH E 4 .   ? 3.890   8.690   6.636   1.00 34.42 ? 364 HOH A O   1 
HETATM 1178 O O   . HOH E 4 .   ? 7.783   3.795   20.382  1.00 35.85 ? 365 HOH A O   1 
HETATM 1179 O O   . HOH E 4 .   ? -4.190  4.021   -5.277  1.00 24.44 ? 366 HOH A O   1 
HETATM 1180 O O   . HOH E 4 .   ? -16.288 -1.594  -3.775  1.00 27.14 ? 367 HOH A O   1 
HETATM 1181 O O   . HOH E 4 .   ? -15.292 5.138   -9.727  1.00 32.69 ? 368 HOH A O   1 
HETATM 1182 O O   . HOH E 4 .   ? 12.769  -6.033  8.074   1.00 53.46 ? 369 HOH A O   1 
HETATM 1183 O O   . HOH E 4 .   ? 15.007  3.146   17.091  1.00 44.54 ? 370 HOH A O   1 
HETATM 1184 O O   . HOH E 4 .   ? 1.565   7.009   6.167   1.00 25.05 ? 371 HOH A O   1 
HETATM 1185 O O   . HOH E 4 .   ? -3.090  0.684   -5.307  1.00 25.55 ? 372 HOH A O   1 
HETATM 1186 O O   . HOH E 4 .   ? 10.014  2.896   -9.122  1.00 49.72 ? 373 HOH A O   1 
HETATM 1187 O O   . HOH E 4 .   ? 17.545  2.407   4.119   1.00 43.26 ? 374 HOH A O   1 
HETATM 1188 O O   . HOH E 4 .   ? -1.811  -0.167  -7.323  1.00 21.20 ? 375 HOH A O   1 
HETATM 1189 O O   . HOH E 4 .   ? -11.893 -5.808  -11.652 1.00 20.85 ? 376 HOH A O   1 
HETATM 1190 O O   . HOH E 4 .   ? -11.452 -12.148 -1.828  1.00 31.08 ? 377 HOH A O   1 
HETATM 1191 O O   . HOH E 4 .   ? 0.204   -6.700  18.130  1.00 45.85 ? 378 HOH A O   1 
HETATM 1192 O O   . HOH E 4 .   ? 1.657   4.956   -19.014 1.00 45.37 ? 379 HOH A O   1 
HETATM 1193 O O   . HOH E 4 .   ? -8.129  -11.691 8.558   1.00 28.84 ? 380 HOH A O   1 
HETATM 1194 O O   . HOH E 4 .   ? -3.797  -19.681 -9.549  1.00 31.58 ? 381 HOH A O   1 
HETATM 1195 O O   . HOH E 4 .   ? 5.871   3.133   17.636  1.00 42.17 ? 382 HOH A O   1 
HETATM 1196 O O   . HOH E 4 .   ? -7.637  3.911   9.102   1.00 58.27 ? 383 HOH A O   1 
HETATM 1197 O O   . HOH E 4 .   ? 2.739   12.861  -4.433  1.00 20.97 ? 384 HOH A O   1 
HETATM 1198 O O   . HOH E 4 .   ? 6.007   -11.276 16.041  1.00 38.89 ? 385 HOH A O   1 
HETATM 1199 O O   . HOH E 4 .   ? 6.418   4.002   -5.774  1.00 31.68 ? 386 HOH A O   1 
HETATM 1200 O O   . HOH E 4 .   ? 1.364   9.113   2.593   1.00 31.72 ? 387 HOH A O   1 
HETATM 1201 O O   . HOH E 4 .   ? 7.309   -2.363  -8.147  1.00 34.56 ? 388 HOH A O   1 
HETATM 1202 O O   . HOH E 4 .   ? 3.676   -11.784 -6.703  1.00 38.21 ? 389 HOH A O   1 
HETATM 1203 O O   . HOH E 4 .   ? -6.924  12.265  -16.927 1.00 32.30 ? 390 HOH A O   1 
HETATM 1204 O O   . HOH E 4 .   ? -1.780  3.956   -7.038  1.00 23.50 ? 391 HOH A O   1 
HETATM 1205 O O   . HOH E 4 .   ? 0.866   6.507   -11.807 1.00 25.88 ? 392 HOH A O   1 
HETATM 1206 O O   . HOH E 4 .   ? -4.700  2.424   9.454   1.00 33.51 ? 393 HOH A O   1 
HETATM 1207 O O   . HOH E 4 .   ? 8.001   -12.994 4.833   1.00 40.14 ? 394 HOH A O   1 
HETATM 1208 O O   . HOH E 4 .   ? -12.311 7.331   -16.725 1.00 35.43 ? 395 HOH A O   1 
HETATM 1209 O O   . HOH E 4 .   ? -1.657  -5.757  16.404  1.00 41.20 ? 396 HOH A O   1 
HETATM 1210 O O   . HOH E 4 .   ? 1.929   8.002   -9.705  1.00 23.71 ? 397 HOH A O   1 
HETATM 1211 O O   . HOH E 4 .   ? 1.448   14.996  -13.276 1.00 27.20 ? 398 HOH A O   1 
HETATM 1212 O O   . HOH E 4 .   ? 6.247   1.467   15.645  1.00 29.70 ? 399 HOH A O   1 
HETATM 1213 O O   . HOH E 4 .   ? 2.129   10.314  -17.059 1.00 30.32 ? 400 HOH A O   1 
HETATM 1214 O O   . HOH E 4 .   ? 6.885   8.363   19.097  1.00 22.88 ? 401 HOH A O   1 
HETATM 1215 O O   . HOH E 4 .   ? 0.255   5.252   -5.544  1.00 21.99 ? 402 HOH A O   1 
HETATM 1216 O O   . HOH E 4 .   ? -4.109  9.577   -15.086 1.00 38.67 ? 403 HOH A O   1 
HETATM 1217 O O   . HOH E 4 .   ? -16.127 1.569   -10.931 1.00 45.71 ? 404 HOH A O   1 
HETATM 1218 O O   . HOH E 4 .   ? 11.381  -1.710  8.314   1.00 42.64 ? 405 HOH A O   1 
HETATM 1219 O O   . HOH E 4 .   ? -18.129 -11.280 -7.756  1.00 45.79 ? 406 HOH A O   1 
HETATM 1220 O O   . HOH E 4 .   ? -1.073  14.516  -21.839 1.00 30.92 ? 407 HOH A O   1 
HETATM 1221 O O   . HOH E 4 .   ? 10.277  15.259  -0.397  1.00 41.73 ? 408 HOH A O   1 
HETATM 1222 O O   . HOH E 4 .   ? 9.012   -14.362 2.625   1.00 49.00 ? 409 HOH A O   1 
HETATM 1223 O O   . HOH E 4 .   ? -5.539  -18.699 -0.336  1.00 39.23 ? 410 HOH A O   1 
HETATM 1224 O O   . HOH E 4 .   ? -9.971  10.128  -2.710  1.00 37.23 ? 411 HOH A O   1 
HETATM 1225 O O   . HOH E 4 .   ? 8.336   -11.019 -1.292  1.00 41.91 ? 412 HOH A O   1 
HETATM 1226 O O   . HOH E 4 .   ? 1.415   8.139   13.894  1.00 44.28 ? 413 HOH A O   1 
HETATM 1227 O O   . HOH E 4 .   ? -6.469  9.783   -13.732 1.00 27.02 ? 414 HOH A O   1 
HETATM 1228 O O   . HOH E 4 .   ? -1.053  0.088   -13.043 1.00 25.46 ? 415 HOH A O   1 
HETATM 1229 O O   . HOH E 4 .   ? 16.093  -1.899  4.375   1.00 51.84 ? 416 HOH A O   1 
HETATM 1230 O O   . HOH E 4 .   ? -8.914  -0.372  4.601   1.00 43.96 ? 417 HOH A O   1 
HETATM 1231 O O   . HOH E 4 .   ? 0.950   -11.387 -7.979  1.00 31.15 ? 418 HOH A O   1 
HETATM 1232 O O   . HOH E 4 .   ? 2.462   -16.063 -6.623  1.00 53.50 ? 419 HOH A O   1 
HETATM 1233 O O   . HOH E 4 .   ? -9.688  16.787  -9.671  1.00 34.62 ? 420 HOH A O   1 
HETATM 1234 O O   . HOH E 4 .   ? 8.041   6.239   -6.238  1.00 34.35 ? 421 HOH A O   1 
HETATM 1235 O O   . HOH E 4 .   ? 3.164   11.644  -0.125  1.00 28.86 ? 422 HOH A O   1 
HETATM 1236 O O   . HOH E 4 .   ? -12.586 4.912   -18.967 1.00 38.19 ? 423 HOH A O   1 
HETATM 1237 O O   . HOH E 4 .   ? 3.587   11.844  2.643   1.00 41.43 ? 424 HOH A O   1 
HETATM 1238 O O   . HOH E 4 .   ? -16.792 -8.389  -3.077  1.00 48.62 ? 425 HOH A O   1 
HETATM 1239 O O   . HOH E 4 .   ? -6.443  -15.612 -2.514  1.00 44.66 ? 426 HOH A O   1 
HETATM 1240 O O   . HOH E 4 .   ? -4.989  -14.100 15.048  1.00 44.35 ? 427 HOH A O   1 
HETATM 1241 O O   . HOH E 4 .   ? -12.892 -12.872 5.085   1.00 40.72 ? 428 HOH A O   1 
HETATM 1242 O O   . HOH E 4 .   ? 16.064  4.361   15.004  1.00 35.49 ? 429 HOH A O   1 
HETATM 1243 O O   . HOH E 4 .   ? -5.996  8.197   -18.677 1.00 30.79 ? 430 HOH A O   1 
HETATM 1244 O O   . HOH E 4 .   ? -7.421  -11.501 11.280  1.00 31.43 ? 431 HOH A O   1 
HETATM 1245 O O   . HOH E 4 .   ? 6.487   -1.822  -10.894 1.00 48.20 ? 432 HOH A O   1 
HETATM 1246 O O   . HOH E 4 .   ? 10.327  -14.108 10.356  1.00 46.53 ? 433 HOH A O   1 
HETATM 1247 O O   . HOH E 4 .   ? -7.774  5.908   3.842   1.00 48.45 ? 434 HOH A O   1 
HETATM 1248 O O   . HOH E 4 .   ? 0.442   7.297   -7.632  1.00 21.68 ? 435 HOH A O   1 
HETATM 1249 O O   . HOH E 4 .   ? 8.886   -7.870  -1.314  1.00 47.03 ? 436 HOH A O   1 
HETATM 1250 O O   . HOH E 4 .   ? 13.179  -7.541  5.800   1.00 46.37 ? 437 HOH A O   1 
HETATM 1251 O O   . HOH E 4 .   ? 0.606   -16.208 5.632   1.00 37.96 ? 438 HOH A O   1 
HETATM 1252 O O   . HOH E 4 .   ? 13.795  -2.878  8.191   1.00 34.24 ? 439 HOH A O   1 
HETATM 1253 O O   . HOH E 4 .   ? -6.258  13.713  -13.309 1.00 40.12 ? 440 HOH A O   1 
HETATM 1254 O O   . HOH E 4 .   ? 2.074   -0.227  -17.054 1.00 44.51 ? 441 HOH A O   1 
HETATM 1255 O O   . HOH E 4 .   ? 8.261   -12.323 -3.739  1.00 43.51 ? 442 HOH A O   1 
HETATM 1256 O O   . HOH E 4 .   ? 7.676   -18.583 -1.428  1.00 38.49 ? 443 HOH A O   1 
HETATM 1257 O O   . HOH E 4 .   ? -10.395 -8.902  5.885   1.00 29.82 ? 444 HOH A O   1 
HETATM 1258 O O   . HOH E 4 .   ? -20.054 -8.263  -3.199  1.00 50.38 ? 445 HOH A O   1 
HETATM 1259 O O   . HOH E 4 .   ? -11.038 -12.768 0.875   1.00 31.50 ? 446 HOH A O   1 
HETATM 1260 O O   . HOH E 4 .   ? 16.518  9.955   -3.179  1.00 40.42 ? 447 HOH A O   1 
HETATM 1261 O O   . HOH E 4 .   ? -8.098  -8.712  12.350  1.00 39.60 ? 448 HOH A O   1 
HETATM 1262 O O   . HOH E 4 .   ? 1.468   -12.662 -10.079 1.00 36.43 ? 449 HOH A O   1 
HETATM 1263 O O   . HOH E 4 .   ? 2.742   4.952   -13.052 1.00 37.16 ? 450 HOH A O   1 
HETATM 1264 O O   . HOH E 4 .   ? 6.569   1.708   -6.984  1.00 28.75 ? 451 HOH A O   1 
HETATM 1265 O O   . HOH E 4 .   ? 4.384   7.059   -10.383 1.00 32.65 ? 452 HOH A O   1 
HETATM 1266 O O   . HOH E 4 .   ? 5.202   -13.796 14.166  1.00 44.78 ? 453 HOH A O   1 
HETATM 1267 O O   . HOH E 4 .   ? -8.108  -17.337 3.821   1.00 34.69 ? 454 HOH A O   1 
HETATM 1268 O O   . HOH E 4 .   ? -1.086  8.753   2.153   1.00 48.58 ? 455 HOH A O   1 
HETATM 1269 O O   . HOH E 4 .   ? 8.445   -0.180  -6.851  1.00 41.62 ? 456 HOH A O   1 
HETATM 1270 O O   . HOH E 4 .   ? -4.217  -15.360 11.862  1.00 48.78 ? 457 HOH A O   1 
HETATM 1271 O O   . HOH E 4 .   ? 9.903   9.694   -6.054  1.00 35.15 ? 458 HOH A O   1 
HETATM 1272 O O   . HOH E 4 .   ? 0.935   4.549   -22.098 1.00 43.02 ? 459 HOH A O   1 
HETATM 1273 O O   . HOH E 4 .   ? 4.517   -17.997 -5.587  1.00 45.90 ? 460 HOH A O   1 
HETATM 1274 O O   . HOH E 4 .   ? 1.888   -0.360  -14.039 1.00 42.26 ? 461 HOH A O   1 
HETATM 1275 O O   . HOH E 4 .   ? -11.749 -3.608  -13.171 1.00 39.81 ? 462 HOH A O   1 
HETATM 1276 O O   . HOH E 4 .   ? 8.080   2.442   23.534  1.00 47.04 ? 463 HOH A O   1 
HETATM 1277 O O   . HOH E 4 .   ? -0.175  8.450   7.520   1.00 47.69 ? 464 HOH A O   1 
HETATM 1278 O O   . HOH E 4 .   ? -12.597 0.487   -14.249 1.00 45.08 ? 465 HOH A O   1 
HETATM 1279 O O   . HOH E 4 .   ? -12.725 -1.129  4.591   1.00 37.58 ? 466 HOH A O   1 
HETATM 1280 O O   . HOH E 4 .   ? -8.975  -14.692 0.844   1.00 37.49 ? 467 HOH A O   1 
HETATM 1281 O O   . HOH E 4 .   ? 6.994   2.999   -9.408  1.00 42.88 ? 468 HOH A O   1 
HETATM 1282 O O   . HOH E 4 .   ? -2.053  8.468   5.861   1.00 40.59 ? 469 HOH A O   1 
HETATM 1283 O O   . HOH E 4 .   ? -10.428 7.651   1.132   1.00 33.63 ? 470 HOH A O   1 
HETATM 1284 O O   . HOH E 4 .   ? -1.765  -2.630  15.134  1.00 39.13 ? 471 HOH A O   1 
HETATM 1285 O O   . HOH E 4 .   ? 8.673   12.018  -7.605  1.00 48.32 ? 472 HOH A O   1 
HETATM 1286 O O   . HOH E 4 .   ? 5.687   1.790   -11.775 1.00 45.77 ? 473 HOH A O   1 
HETATM 1287 O O   . HOH E 4 .   ? 16.572  15.595  -0.585  1.00 41.02 ? 474 HOH A O   1 
HETATM 1288 O O   . HOH E 4 .   ? 0.942   10.899  8.019   1.00 43.46 ? 475 HOH A O   1 
HETATM 1289 O O   . HOH E 4 .   ? -14.455 -2.831  2.944   1.00 44.15 ? 476 HOH A O   1 
# 
